data_2B0V
# 
_entry.id   2B0V 
# 
_audit_conform.dict_name       mmcif_pdbx.dic 
_audit_conform.dict_version    5.398 
_audit_conform.dict_location   http://mmcif.pdb.org/dictionaries/ascii/mmcif_pdbx.dic 
# 
loop_
_database_2.database_id 
_database_2.database_code 
_database_2.pdbx_database_accession 
_database_2.pdbx_DOI 
PDB   2B0V         pdb_00002b0v 10.2210/pdb2b0v/pdb 
RCSB  RCSB034535   ?            ?                   
WWPDB D_1000034535 ?            ?                   
# 
loop_
_pdbx_audit_revision_history.ordinal 
_pdbx_audit_revision_history.data_content_type 
_pdbx_audit_revision_history.major_revision 
_pdbx_audit_revision_history.minor_revision 
_pdbx_audit_revision_history.revision_date 
1 'Structure model' 1 0 2005-09-27 
2 'Structure model' 1 1 2008-05-01 
3 'Structure model' 1 2 2011-07-13 
4 'Structure model' 1 3 2018-01-24 
5 'Structure model' 1 4 2024-11-13 
# 
_pdbx_audit_revision_details.ordinal             1 
_pdbx_audit_revision_details.revision_ordinal    1 
_pdbx_audit_revision_details.data_content_type   'Structure model' 
_pdbx_audit_revision_details.provider            repository 
_pdbx_audit_revision_details.type                'Initial release' 
_pdbx_audit_revision_details.description         ? 
_pdbx_audit_revision_details.details             ? 
# 
loop_
_pdbx_audit_revision_group.ordinal 
_pdbx_audit_revision_group.revision_ordinal 
_pdbx_audit_revision_group.data_content_type 
_pdbx_audit_revision_group.group 
1 2 'Structure model' 'Version format compliance' 
2 3 'Structure model' Advisory                    
3 3 'Structure model' 'Derived calculations'      
4 3 'Structure model' 'Version format compliance' 
5 4 'Structure model' 'Structure summary'         
6 5 'Structure model' 'Data collection'           
7 5 'Structure model' 'Database references'       
8 5 'Structure model' 'Derived calculations'      
9 5 'Structure model' 'Structure summary'         
# 
loop_
_pdbx_audit_revision_category.ordinal 
_pdbx_audit_revision_category.revision_ordinal 
_pdbx_audit_revision_category.data_content_type 
_pdbx_audit_revision_category.category 
1  4 'Structure model' audit_author              
2  5 'Structure model' chem_comp_atom            
3  5 'Structure model' chem_comp_bond            
4  5 'Structure model' database_2                
5  5 'Structure model' pdbx_entry_details        
6  5 'Structure model' pdbx_modification_feature 
7  5 'Structure model' pdbx_struct_conn_angle    
8  5 'Structure model' struct_conn               
9  5 'Structure model' struct_ref_seq_dif        
10 5 'Structure model' struct_site               
# 
loop_
_pdbx_audit_revision_item.ordinal 
_pdbx_audit_revision_item.revision_ordinal 
_pdbx_audit_revision_item.data_content_type 
_pdbx_audit_revision_item.item 
1  4 'Structure model' '_audit_author.name'                          
2  5 'Structure model' '_database_2.pdbx_DOI'                        
3  5 'Structure model' '_database_2.pdbx_database_accession'         
4  5 'Structure model' '_pdbx_struct_conn_angle.ptnr1_auth_comp_id'  
5  5 'Structure model' '_pdbx_struct_conn_angle.ptnr1_auth_seq_id'   
6  5 'Structure model' '_pdbx_struct_conn_angle.ptnr1_label_asym_id' 
7  5 'Structure model' '_pdbx_struct_conn_angle.ptnr1_label_atom_id' 
8  5 'Structure model' '_pdbx_struct_conn_angle.ptnr1_label_comp_id' 
9  5 'Structure model' '_pdbx_struct_conn_angle.ptnr1_label_seq_id'  
10 5 'Structure model' '_pdbx_struct_conn_angle.ptnr1_symmetry'      
11 5 'Structure model' '_pdbx_struct_conn_angle.ptnr3_auth_comp_id'  
12 5 'Structure model' '_pdbx_struct_conn_angle.ptnr3_auth_seq_id'   
13 5 'Structure model' '_pdbx_struct_conn_angle.ptnr3_label_asym_id' 
14 5 'Structure model' '_pdbx_struct_conn_angle.ptnr3_label_atom_id' 
15 5 'Structure model' '_pdbx_struct_conn_angle.ptnr3_label_comp_id' 
16 5 'Structure model' '_pdbx_struct_conn_angle.ptnr3_label_seq_id'  
17 5 'Structure model' '_pdbx_struct_conn_angle.ptnr3_symmetry'      
18 5 'Structure model' '_pdbx_struct_conn_angle.value'               
19 5 'Structure model' '_struct_conn.pdbx_dist_value'                
20 5 'Structure model' '_struct_conn.pdbx_leaving_atom_flag'         
21 5 'Structure model' '_struct_conn.ptnr1_auth_comp_id'             
22 5 'Structure model' '_struct_conn.ptnr1_auth_seq_id'              
23 5 'Structure model' '_struct_conn.ptnr1_label_asym_id'            
24 5 'Structure model' '_struct_conn.ptnr1_label_atom_id'            
25 5 'Structure model' '_struct_conn.ptnr1_label_comp_id'            
26 5 'Structure model' '_struct_conn.ptnr1_label_seq_id'             
27 5 'Structure model' '_struct_conn.ptnr2_auth_comp_id'             
28 5 'Structure model' '_struct_conn.ptnr2_auth_seq_id'              
29 5 'Structure model' '_struct_conn.ptnr2_label_asym_id'            
30 5 'Structure model' '_struct_conn.ptnr2_label_atom_id'            
31 5 'Structure model' '_struct_conn.ptnr2_label_comp_id'            
32 5 'Structure model' '_struct_conn.ptnr2_label_seq_id'             
33 5 'Structure model' '_struct_conn.ptnr2_symmetry'                 
34 5 'Structure model' '_struct_ref_seq_dif.details'                 
35 5 'Structure model' '_struct_site.pdbx_auth_asym_id'              
36 5 'Structure model' '_struct_site.pdbx_auth_comp_id'              
37 5 'Structure model' '_struct_site.pdbx_auth_seq_id'               
# 
_pdbx_database_status.status_code                     REL 
_pdbx_database_status.entry_id                        2B0V 
_pdbx_database_status.recvd_initial_deposition_date   2005-09-14 
_pdbx_database_status.deposit_site                    RCSB 
_pdbx_database_status.process_site                    RCSB 
_pdbx_database_status.status_code_sf                  REL 
_pdbx_database_status.status_code_mr                  ? 
_pdbx_database_status.SG_entry                        Y 
_pdbx_database_status.pdb_format_compatible           Y 
_pdbx_database_status.status_code_cs                  ? 
_pdbx_database_status.methods_development_category    ? 
_pdbx_database_status.status_code_nmr_data            ? 
# 
_pdbx_database_related.db_name        TargetDB 
_pdbx_database_related.db_id          APC5831 
_pdbx_database_related.details        . 
_pdbx_database_related.content_type   unspecified 
# 
loop_
_audit_author.name 
_audit_author.pdbx_ordinal 
'Osipiuk, J.'                                   1 
'Skarina, T.'                                   2 
'Savchenko, A.'                                 3 
'Edwards, A.'                                   4 
'Joachimiak, A.'                                5 
MCSG                                            6 
'Midwest Center for Structural Genomics (MCSG)' 7 
# 
_citation.id                        primary 
_citation.title                     'X-ray structure of NUDIX hydrolase from Nitrosomonas europaea.' 
_citation.journal_abbrev            'To be Published' 
_citation.journal_volume            ? 
_citation.page_first                ? 
_citation.page_last                 ? 
_citation.year                      ? 
_citation.journal_id_ASTM           ? 
_citation.country                   ? 
_citation.journal_id_ISSN           ? 
_citation.journal_id_CSD            0353 
_citation.book_publisher            ? 
_citation.pdbx_database_id_PubMed   ? 
_citation.pdbx_database_id_DOI      ? 
# 
loop_
_citation_author.citation_id 
_citation_author.name 
_citation_author.ordinal 
_citation_author.identifier_ORCID 
primary 'Osipiuk, J.'    1 ? 
primary 'Skarina, T.'    2 ? 
primary 'Savchenko, A.'  3 ? 
primary 'Edwards, A.'    4 ? 
primary 'Joachimiak, A.' 5 ? 
# 
loop_
_entity.id 
_entity.type 
_entity.src_method 
_entity.pdbx_description 
_entity.formula_weight 
_entity.pdbx_number_of_molecules 
_entity.pdbx_ec 
_entity.pdbx_mutation 
_entity.pdbx_fragment 
_entity.details 
1 polymer     man 'NUDIX hydrolase' 17444.248 1   ? ? ? ? 
2 non-polymer syn 'CHLORIDE ION'    35.453    1   ? ? ? ? 
3 non-polymer syn 'SODIUM ION'      22.990    1   ? ? ? ? 
4 non-polymer syn 1,2-ETHANEDIOL    62.068    1   ? ? ? ? 
5 water       nat water             18.015    164 ? ? ? ? 
# 
_entity_poly.entity_id                      1 
_entity_poly.type                           'polypeptide(L)' 
_entity_poly.nstd_linkage                   no 
_entity_poly.nstd_monomer                   yes 
_entity_poly.pdbx_seq_one_letter_code       
;GH(MSE)TWKPNVTVAAVIEQDDKYLLVEEIPRGTAIKLNQPAGHLEPGESIIQACSREVLEETGHSFLPEVLTGIYHWT
CASNGTTYLRFTFSGQVVSFDPDRKLDTGIVRAAWFSIDEIRAKQA(MSE)HRTPLV(MSE)QCIEDYHAGKRYPLDILQ
YYDGS
;
_entity_poly.pdbx_seq_one_letter_code_can   
;GHMTWKPNVTVAAVIEQDDKYLLVEEIPRGTAIKLNQPAGHLEPGESIIQACSREVLEETGHSFLPEVLTGIYHWTCASN
GTTYLRFTFSGQVVSFDPDRKLDTGIVRAAWFSIDEIRAKQAMHRTPLVMQCIEDYHAGKRYPLDILQYYDGS
;
_entity_poly.pdbx_strand_id                 A 
_entity_poly.pdbx_target_identifier         APC5831 
# 
loop_
_pdbx_entity_nonpoly.entity_id 
_pdbx_entity_nonpoly.name 
_pdbx_entity_nonpoly.comp_id 
2 'CHLORIDE ION' CL  
3 'SODIUM ION'   NA  
4 1,2-ETHANEDIOL EDO 
5 water          HOH 
# 
loop_
_entity_poly_seq.entity_id 
_entity_poly_seq.num 
_entity_poly_seq.mon_id 
_entity_poly_seq.hetero 
1 1   GLY n 
1 2   HIS n 
1 3   MSE n 
1 4   THR n 
1 5   TRP n 
1 6   LYS n 
1 7   PRO n 
1 8   ASN n 
1 9   VAL n 
1 10  THR n 
1 11  VAL n 
1 12  ALA n 
1 13  ALA n 
1 14  VAL n 
1 15  ILE n 
1 16  GLU n 
1 17  GLN n 
1 18  ASP n 
1 19  ASP n 
1 20  LYS n 
1 21  TYR n 
1 22  LEU n 
1 23  LEU n 
1 24  VAL n 
1 25  GLU n 
1 26  GLU n 
1 27  ILE n 
1 28  PRO n 
1 29  ARG n 
1 30  GLY n 
1 31  THR n 
1 32  ALA n 
1 33  ILE n 
1 34  LYS n 
1 35  LEU n 
1 36  ASN n 
1 37  GLN n 
1 38  PRO n 
1 39  ALA n 
1 40  GLY n 
1 41  HIS n 
1 42  LEU n 
1 43  GLU n 
1 44  PRO n 
1 45  GLY n 
1 46  GLU n 
1 47  SER n 
1 48  ILE n 
1 49  ILE n 
1 50  GLN n 
1 51  ALA n 
1 52  CYS n 
1 53  SER n 
1 54  ARG n 
1 55  GLU n 
1 56  VAL n 
1 57  LEU n 
1 58  GLU n 
1 59  GLU n 
1 60  THR n 
1 61  GLY n 
1 62  HIS n 
1 63  SER n 
1 64  PHE n 
1 65  LEU n 
1 66  PRO n 
1 67  GLU n 
1 68  VAL n 
1 69  LEU n 
1 70  THR n 
1 71  GLY n 
1 72  ILE n 
1 73  TYR n 
1 74  HIS n 
1 75  TRP n 
1 76  THR n 
1 77  CYS n 
1 78  ALA n 
1 79  SER n 
1 80  ASN n 
1 81  GLY n 
1 82  THR n 
1 83  THR n 
1 84  TYR n 
1 85  LEU n 
1 86  ARG n 
1 87  PHE n 
1 88  THR n 
1 89  PHE n 
1 90  SER n 
1 91  GLY n 
1 92  GLN n 
1 93  VAL n 
1 94  VAL n 
1 95  SER n 
1 96  PHE n 
1 97  ASP n 
1 98  PRO n 
1 99  ASP n 
1 100 ARG n 
1 101 LYS n 
1 102 LEU n 
1 103 ASP n 
1 104 THR n 
1 105 GLY n 
1 106 ILE n 
1 107 VAL n 
1 108 ARG n 
1 109 ALA n 
1 110 ALA n 
1 111 TRP n 
1 112 PHE n 
1 113 SER n 
1 114 ILE n 
1 115 ASP n 
1 116 GLU n 
1 117 ILE n 
1 118 ARG n 
1 119 ALA n 
1 120 LYS n 
1 121 GLN n 
1 122 ALA n 
1 123 MSE n 
1 124 HIS n 
1 125 ARG n 
1 126 THR n 
1 127 PRO n 
1 128 LEU n 
1 129 VAL n 
1 130 MSE n 
1 131 GLN n 
1 132 CYS n 
1 133 ILE n 
1 134 GLU n 
1 135 ASP n 
1 136 TYR n 
1 137 HIS n 
1 138 ALA n 
1 139 GLY n 
1 140 LYS n 
1 141 ARG n 
1 142 TYR n 
1 143 PRO n 
1 144 LEU n 
1 145 ASP n 
1 146 ILE n 
1 147 LEU n 
1 148 GLN n 
1 149 TYR n 
1 150 TYR n 
1 151 ASP n 
1 152 GLY n 
1 153 SER n 
# 
_entity_src_gen.entity_id                          1 
_entity_src_gen.pdbx_src_id                        1 
_entity_src_gen.pdbx_alt_source_flag               sample 
_entity_src_gen.pdbx_seq_type                      ? 
_entity_src_gen.pdbx_beg_seq_num                   ? 
_entity_src_gen.pdbx_end_seq_num                   ? 
_entity_src_gen.gene_src_common_name               ? 
_entity_src_gen.gene_src_genus                     Nitrosomonas 
_entity_src_gen.pdbx_gene_src_gene                 NE0184 
_entity_src_gen.gene_src_species                   ? 
_entity_src_gen.gene_src_strain                    ? 
_entity_src_gen.gene_src_tissue                    ? 
_entity_src_gen.gene_src_tissue_fraction           ? 
_entity_src_gen.gene_src_details                   ? 
_entity_src_gen.pdbx_gene_src_fragment             ? 
_entity_src_gen.pdbx_gene_src_scientific_name      'Nitrosomonas europaea' 
_entity_src_gen.pdbx_gene_src_ncbi_taxonomy_id     915 
_entity_src_gen.pdbx_gene_src_variant              ? 
_entity_src_gen.pdbx_gene_src_cell_line            ? 
_entity_src_gen.pdbx_gene_src_atcc                 19718 
_entity_src_gen.pdbx_gene_src_organ                ? 
_entity_src_gen.pdbx_gene_src_organelle            ? 
_entity_src_gen.pdbx_gene_src_cell                 ? 
_entity_src_gen.pdbx_gene_src_cellular_location    ? 
_entity_src_gen.host_org_common_name               ? 
_entity_src_gen.pdbx_host_org_scientific_name      'Escherichia coli BL21(DE3)' 
_entity_src_gen.pdbx_host_org_ncbi_taxonomy_id     469008 
_entity_src_gen.host_org_genus                     Escherichia 
_entity_src_gen.pdbx_host_org_gene                 ? 
_entity_src_gen.pdbx_host_org_organ                ? 
_entity_src_gen.host_org_species                   'Escherichia coli' 
_entity_src_gen.pdbx_host_org_tissue               ? 
_entity_src_gen.pdbx_host_org_tissue_fraction      ? 
_entity_src_gen.pdbx_host_org_strain               'BL21(DE3)' 
_entity_src_gen.pdbx_host_org_variant              ? 
_entity_src_gen.pdbx_host_org_cell_line            ? 
_entity_src_gen.pdbx_host_org_atcc                 ? 
_entity_src_gen.pdbx_host_org_culture_collection   ? 
_entity_src_gen.pdbx_host_org_cell                 ? 
_entity_src_gen.pdbx_host_org_organelle            ? 
_entity_src_gen.pdbx_host_org_cellular_location    ? 
_entity_src_gen.pdbx_host_org_vector_type          plasmid 
_entity_src_gen.pdbx_host_org_vector               ? 
_entity_src_gen.host_org_details                   ? 
_entity_src_gen.expression_system_id               ? 
_entity_src_gen.plasmid_name                       pET15b 
_entity_src_gen.plasmid_details                    ? 
_entity_src_gen.pdbx_description                   ? 
# 
loop_
_chem_comp.id 
_chem_comp.type 
_chem_comp.mon_nstd_flag 
_chem_comp.name 
_chem_comp.pdbx_synonyms 
_chem_comp.formula 
_chem_comp.formula_weight 
ALA 'L-peptide linking' y ALANINE          ?                 'C3 H7 N O2'     89.093  
ARG 'L-peptide linking' y ARGININE         ?                 'C6 H15 N4 O2 1' 175.209 
ASN 'L-peptide linking' y ASPARAGINE       ?                 'C4 H8 N2 O3'    132.118 
ASP 'L-peptide linking' y 'ASPARTIC ACID'  ?                 'C4 H7 N O4'     133.103 
CL  non-polymer         . 'CHLORIDE ION'   ?                 'Cl -1'          35.453  
CYS 'L-peptide linking' y CYSTEINE         ?                 'C3 H7 N O2 S'   121.158 
EDO non-polymer         . 1,2-ETHANEDIOL   'ETHYLENE GLYCOL' 'C2 H6 O2'       62.068  
GLN 'L-peptide linking' y GLUTAMINE        ?                 'C5 H10 N2 O3'   146.144 
GLU 'L-peptide linking' y 'GLUTAMIC ACID'  ?                 'C5 H9 N O4'     147.129 
GLY 'peptide linking'   y GLYCINE          ?                 'C2 H5 N O2'     75.067  
HIS 'L-peptide linking' y HISTIDINE        ?                 'C6 H10 N3 O2 1' 156.162 
HOH non-polymer         . WATER            ?                 'H2 O'           18.015  
ILE 'L-peptide linking' y ISOLEUCINE       ?                 'C6 H13 N O2'    131.173 
LEU 'L-peptide linking' y LEUCINE          ?                 'C6 H13 N O2'    131.173 
LYS 'L-peptide linking' y LYSINE           ?                 'C6 H15 N2 O2 1' 147.195 
MET 'L-peptide linking' y METHIONINE       ?                 'C5 H11 N O2 S'  149.211 
MSE 'L-peptide linking' n SELENOMETHIONINE ?                 'C5 H11 N O2 Se' 196.106 
NA  non-polymer         . 'SODIUM ION'     ?                 'Na 1'           22.990  
PHE 'L-peptide linking' y PHENYLALANINE    ?                 'C9 H11 N O2'    165.189 
PRO 'L-peptide linking' y PROLINE          ?                 'C5 H9 N O2'     115.130 
SER 'L-peptide linking' y SERINE           ?                 'C3 H7 N O3'     105.093 
THR 'L-peptide linking' y THREONINE        ?                 'C4 H9 N O3'     119.119 
TRP 'L-peptide linking' y TRYPTOPHAN       ?                 'C11 H12 N2 O2'  204.225 
TYR 'L-peptide linking' y TYROSINE         ?                 'C9 H11 N O3'    181.189 
VAL 'L-peptide linking' y VALINE           ?                 'C5 H11 N O2'    117.146 
# 
loop_
_pdbx_poly_seq_scheme.asym_id 
_pdbx_poly_seq_scheme.entity_id 
_pdbx_poly_seq_scheme.seq_id 
_pdbx_poly_seq_scheme.mon_id 
_pdbx_poly_seq_scheme.ndb_seq_num 
_pdbx_poly_seq_scheme.pdb_seq_num 
_pdbx_poly_seq_scheme.auth_seq_num 
_pdbx_poly_seq_scheme.pdb_mon_id 
_pdbx_poly_seq_scheme.auth_mon_id 
_pdbx_poly_seq_scheme.pdb_strand_id 
_pdbx_poly_seq_scheme.pdb_ins_code 
_pdbx_poly_seq_scheme.hetero 
A 1 1   GLY 1   -1  ?   ?   ?   A . n 
A 1 2   HIS 2   0   ?   ?   ?   A . n 
A 1 3   MSE 3   1   ?   ?   ?   A . n 
A 1 4   THR 4   2   ?   ?   ?   A . n 
A 1 5   TRP 5   3   ?   ?   ?   A . n 
A 1 6   LYS 6   4   4   LYS LYS A . n 
A 1 7   PRO 7   5   5   PRO PRO A . n 
A 1 8   ASN 8   6   6   ASN ASN A . n 
A 1 9   VAL 9   7   7   VAL VAL A . n 
A 1 10  THR 10  8   8   THR THR A . n 
A 1 11  VAL 11  9   9   VAL VAL A . n 
A 1 12  ALA 12  10  10  ALA ALA A . n 
A 1 13  ALA 13  11  11  ALA ALA A . n 
A 1 14  VAL 14  12  12  VAL VAL A . n 
A 1 15  ILE 15  13  13  ILE ILE A . n 
A 1 16  GLU 16  14  14  GLU GLU A . n 
A 1 17  GLN 17  15  15  GLN GLN A . n 
A 1 18  ASP 18  16  16  ASP ASP A . n 
A 1 19  ASP 19  17  17  ASP ASP A . n 
A 1 20  LYS 20  18  18  LYS LYS A . n 
A 1 21  TYR 21  19  19  TYR TYR A . n 
A 1 22  LEU 22  20  20  LEU LEU A . n 
A 1 23  LEU 23  21  21  LEU LEU A . n 
A 1 24  VAL 24  22  22  VAL VAL A . n 
A 1 25  GLU 25  23  23  GLU GLU A . n 
A 1 26  GLU 26  24  24  GLU GLU A . n 
A 1 27  ILE 27  25  25  ILE ILE A . n 
A 1 28  PRO 28  26  26  PRO PRO A . n 
A 1 29  ARG 29  27  27  ARG ARG A . n 
A 1 30  GLY 30  28  28  GLY GLY A . n 
A 1 31  THR 31  29  29  THR THR A . n 
A 1 32  ALA 32  30  30  ALA ALA A . n 
A 1 33  ILE 33  31  31  ILE ILE A . n 
A 1 34  LYS 34  32  32  LYS LYS A . n 
A 1 35  LEU 35  33  33  LEU LEU A . n 
A 1 36  ASN 36  34  34  ASN ASN A . n 
A 1 37  GLN 37  35  35  GLN GLN A . n 
A 1 38  PRO 38  36  36  PRO PRO A . n 
A 1 39  ALA 39  37  37  ALA ALA A . n 
A 1 40  GLY 40  38  38  GLY GLY A . n 
A 1 41  HIS 41  39  39  HIS HIS A . n 
A 1 42  LEU 42  40  40  LEU LEU A . n 
A 1 43  GLU 43  41  41  GLU GLU A . n 
A 1 44  PRO 44  42  42  PRO PRO A . n 
A 1 45  GLY 45  43  43  GLY GLY A . n 
A 1 46  GLU 46  44  44  GLU GLU A . n 
A 1 47  SER 47  45  45  SER SER A . n 
A 1 48  ILE 48  46  46  ILE ILE A . n 
A 1 49  ILE 49  47  47  ILE ILE A . n 
A 1 50  GLN 50  48  48  GLN GLN A . n 
A 1 51  ALA 51  49  49  ALA ALA A . n 
A 1 52  CYS 52  50  50  CYS CYS A . n 
A 1 53  SER 53  51  51  SER SER A . n 
A 1 54  ARG 54  52  52  ARG ARG A . n 
A 1 55  GLU 55  53  53  GLU GLU A . n 
A 1 56  VAL 56  54  54  VAL VAL A . n 
A 1 57  LEU 57  55  55  LEU LEU A . n 
A 1 58  GLU 58  56  56  GLU GLU A . n 
A 1 59  GLU 59  57  57  GLU GLU A . n 
A 1 60  THR 60  58  58  THR THR A . n 
A 1 61  GLY 61  59  59  GLY GLY A . n 
A 1 62  HIS 62  60  60  HIS HIS A . n 
A 1 63  SER 63  61  61  SER SER A . n 
A 1 64  PHE 64  62  62  PHE PHE A . n 
A 1 65  LEU 65  63  63  LEU LEU A . n 
A 1 66  PRO 66  64  64  PRO PRO A . n 
A 1 67  GLU 67  65  65  GLU GLU A . n 
A 1 68  VAL 68  66  66  VAL VAL A . n 
A 1 69  LEU 69  67  67  LEU LEU A . n 
A 1 70  THR 70  68  68  THR THR A . n 
A 1 71  GLY 71  69  69  GLY GLY A . n 
A 1 72  ILE 72  70  70  ILE ILE A . n 
A 1 73  TYR 73  71  71  TYR TYR A . n 
A 1 74  HIS 74  72  72  HIS HIS A . n 
A 1 75  TRP 75  73  73  TRP TRP A . n 
A 1 76  THR 76  74  74  THR THR A . n 
A 1 77  CYS 77  75  75  CYS CYS A . n 
A 1 78  ALA 78  76  76  ALA ALA A . n 
A 1 79  SER 79  77  77  SER SER A . n 
A 1 80  ASN 80  78  78  ASN ASN A . n 
A 1 81  GLY 81  79  79  GLY GLY A . n 
A 1 82  THR 82  80  80  THR THR A . n 
A 1 83  THR 83  81  81  THR THR A . n 
A 1 84  TYR 84  82  82  TYR TYR A . n 
A 1 85  LEU 85  83  83  LEU LEU A . n 
A 1 86  ARG 86  84  84  ARG ARG A . n 
A 1 87  PHE 87  85  85  PHE PHE A . n 
A 1 88  THR 88  86  86  THR THR A . n 
A 1 89  PHE 89  87  87  PHE PHE A . n 
A 1 90  SER 90  88  88  SER SER A . n 
A 1 91  GLY 91  89  89  GLY GLY A . n 
A 1 92  GLN 92  90  90  GLN GLN A . n 
A 1 93  VAL 93  91  91  VAL VAL A . n 
A 1 94  VAL 94  92  92  VAL VAL A . n 
A 1 95  SER 95  93  93  SER SER A . n 
A 1 96  PHE 96  94  94  PHE PHE A . n 
A 1 97  ASP 97  95  95  ASP ASP A . n 
A 1 98  PRO 98  96  96  PRO PRO A . n 
A 1 99  ASP 99  97  97  ASP ASP A . n 
A 1 100 ARG 100 98  98  ARG ARG A . n 
A 1 101 LYS 101 99  99  LYS LYS A . n 
A 1 102 LEU 102 100 100 LEU LEU A . n 
A 1 103 ASP 103 101 101 ASP ASP A . n 
A 1 104 THR 104 102 102 THR THR A . n 
A 1 105 GLY 105 103 103 GLY GLY A . n 
A 1 106 ILE 106 104 104 ILE ILE A . n 
A 1 107 VAL 107 105 105 VAL VAL A . n 
A 1 108 ARG 108 106 106 ARG ARG A . n 
A 1 109 ALA 109 107 107 ALA ALA A . n 
A 1 110 ALA 110 108 108 ALA ALA A . n 
A 1 111 TRP 111 109 109 TRP TRP A . n 
A 1 112 PHE 112 110 110 PHE PHE A . n 
A 1 113 SER 113 111 111 SER SER A . n 
A 1 114 ILE 114 112 112 ILE ILE A . n 
A 1 115 ASP 115 113 113 ASP ASP A . n 
A 1 116 GLU 116 114 114 GLU GLU A . n 
A 1 117 ILE 117 115 115 ILE ILE A . n 
A 1 118 ARG 118 116 116 ARG ARG A . n 
A 1 119 ALA 119 117 117 ALA ALA A . n 
A 1 120 LYS 120 118 118 LYS LYS A . n 
A 1 121 GLN 121 119 119 GLN GLN A . n 
A 1 122 ALA 122 120 120 ALA ALA A . n 
A 1 123 MSE 123 121 121 MSE MSE A . n 
A 1 124 HIS 124 122 122 HIS HIS A . n 
A 1 125 ARG 125 123 123 ARG ARG A . n 
A 1 126 THR 126 124 124 THR THR A . n 
A 1 127 PRO 127 125 125 PRO PRO A . n 
A 1 128 LEU 128 126 126 LEU LEU A . n 
A 1 129 VAL 129 127 127 VAL VAL A . n 
A 1 130 MSE 130 128 128 MSE MSE A . n 
A 1 131 GLN 131 129 129 GLN GLN A . n 
A 1 132 CYS 132 130 130 CYS CYS A . n 
A 1 133 ILE 133 131 131 ILE ILE A . n 
A 1 134 GLU 134 132 132 GLU GLU A . n 
A 1 135 ASP 135 133 133 ASP ASP A . n 
A 1 136 TYR 136 134 134 TYR TYR A . n 
A 1 137 HIS 137 135 135 HIS HIS A . n 
A 1 138 ALA 138 136 136 ALA ALA A . n 
A 1 139 GLY 139 137 137 GLY GLY A . n 
A 1 140 LYS 140 138 138 LYS LYS A . n 
A 1 141 ARG 141 139 139 ARG ARG A . n 
A 1 142 TYR 142 140 140 TYR TYR A . n 
A 1 143 PRO 143 141 141 PRO PRO A . n 
A 1 144 LEU 144 142 142 LEU LEU A . n 
A 1 145 ASP 145 143 143 ASP ASP A . n 
A 1 146 ILE 146 144 144 ILE ILE A . n 
A 1 147 LEU 147 145 145 LEU LEU A . n 
A 1 148 GLN 148 146 146 GLN GLN A . n 
A 1 149 TYR 149 147 147 TYR TYR A . n 
A 1 150 TYR 150 148 148 TYR TYR A . n 
A 1 151 ASP 151 149 149 ASP ASP A . n 
A 1 152 GLY 152 150 150 GLY GLY A . n 
A 1 153 SER 153 151 151 SER SER A . n 
# 
loop_
_pdbx_nonpoly_scheme.asym_id 
_pdbx_nonpoly_scheme.entity_id 
_pdbx_nonpoly_scheme.mon_id 
_pdbx_nonpoly_scheme.ndb_seq_num 
_pdbx_nonpoly_scheme.pdb_seq_num 
_pdbx_nonpoly_scheme.auth_seq_num 
_pdbx_nonpoly_scheme.pdb_mon_id 
_pdbx_nonpoly_scheme.auth_mon_id 
_pdbx_nonpoly_scheme.pdb_strand_id 
_pdbx_nonpoly_scheme.pdb_ins_code 
B 2 CL  1   202 202 CL  CL  A . 
C 3 NA  1   203 203 NA  NA  A . 
D 4 EDO 1   201 201 EDO EDO A . 
E 5 HOH 1   204 1   HOH HOH A . 
E 5 HOH 2   205 2   HOH HOH A . 
E 5 HOH 3   206 3   HOH HOH A . 
E 5 HOH 4   207 4   HOH HOH A . 
E 5 HOH 5   208 5   HOH HOH A . 
E 5 HOH 6   209 6   HOH HOH A . 
E 5 HOH 7   210 7   HOH HOH A . 
E 5 HOH 8   211 8   HOH HOH A . 
E 5 HOH 9   212 9   HOH HOH A . 
E 5 HOH 10  213 10  HOH HOH A . 
E 5 HOH 11  214 11  HOH HOH A . 
E 5 HOH 12  215 12  HOH HOH A . 
E 5 HOH 13  216 13  HOH HOH A . 
E 5 HOH 14  217 14  HOH HOH A . 
E 5 HOH 15  218 15  HOH HOH A . 
E 5 HOH 16  219 16  HOH HOH A . 
E 5 HOH 17  220 17  HOH HOH A . 
E 5 HOH 18  221 18  HOH HOH A . 
E 5 HOH 19  222 19  HOH HOH A . 
E 5 HOH 20  223 20  HOH HOH A . 
E 5 HOH 21  224 21  HOH HOH A . 
E 5 HOH 22  225 22  HOH HOH A . 
E 5 HOH 23  226 24  HOH HOH A . 
E 5 HOH 24  227 25  HOH HOH A . 
E 5 HOH 25  228 26  HOH HOH A . 
E 5 HOH 26  229 27  HOH HOH A . 
E 5 HOH 27  230 28  HOH HOH A . 
E 5 HOH 28  231 29  HOH HOH A . 
E 5 HOH 29  232 30  HOH HOH A . 
E 5 HOH 30  233 31  HOH HOH A . 
E 5 HOH 31  234 32  HOH HOH A . 
E 5 HOH 32  235 33  HOH HOH A . 
E 5 HOH 33  236 34  HOH HOH A . 
E 5 HOH 34  237 35  HOH HOH A . 
E 5 HOH 35  238 36  HOH HOH A . 
E 5 HOH 36  239 37  HOH HOH A . 
E 5 HOH 37  240 38  HOH HOH A . 
E 5 HOH 38  241 39  HOH HOH A . 
E 5 HOH 39  242 40  HOH HOH A . 
E 5 HOH 40  243 41  HOH HOH A . 
E 5 HOH 41  244 42  HOH HOH A . 
E 5 HOH 42  245 43  HOH HOH A . 
E 5 HOH 43  246 44  HOH HOH A . 
E 5 HOH 44  247 45  HOH HOH A . 
E 5 HOH 45  248 46  HOH HOH A . 
E 5 HOH 46  249 47  HOH HOH A . 
E 5 HOH 47  250 48  HOH HOH A . 
E 5 HOH 48  251 49  HOH HOH A . 
E 5 HOH 49  252 50  HOH HOH A . 
E 5 HOH 50  253 51  HOH HOH A . 
E 5 HOH 51  254 53  HOH HOH A . 
E 5 HOH 52  255 54  HOH HOH A . 
E 5 HOH 53  256 55  HOH HOH A . 
E 5 HOH 54  257 56  HOH HOH A . 
E 5 HOH 55  258 57  HOH HOH A . 
E 5 HOH 56  259 58  HOH HOH A . 
E 5 HOH 57  260 59  HOH HOH A . 
E 5 HOH 58  261 60  HOH HOH A . 
E 5 HOH 59  262 61  HOH HOH A . 
E 5 HOH 60  263 62  HOH HOH A . 
E 5 HOH 61  264 63  HOH HOH A . 
E 5 HOH 62  265 64  HOH HOH A . 
E 5 HOH 63  266 65  HOH HOH A . 
E 5 HOH 64  267 66  HOH HOH A . 
E 5 HOH 65  268 67  HOH HOH A . 
E 5 HOH 66  269 68  HOH HOH A . 
E 5 HOH 67  270 69  HOH HOH A . 
E 5 HOH 68  271 70  HOH HOH A . 
E 5 HOH 69  272 71  HOH HOH A . 
E 5 HOH 70  273 72  HOH HOH A . 
E 5 HOH 71  274 73  HOH HOH A . 
E 5 HOH 72  275 74  HOH HOH A . 
E 5 HOH 73  276 75  HOH HOH A . 
E 5 HOH 74  277 76  HOH HOH A . 
E 5 HOH 75  278 77  HOH HOH A . 
E 5 HOH 76  279 79  HOH HOH A . 
E 5 HOH 77  280 80  HOH HOH A . 
E 5 HOH 78  281 81  HOH HOH A . 
E 5 HOH 79  282 82  HOH HOH A . 
E 5 HOH 80  283 83  HOH HOH A . 
E 5 HOH 81  284 84  HOH HOH A . 
E 5 HOH 82  285 85  HOH HOH A . 
E 5 HOH 83  286 86  HOH HOH A . 
E 5 HOH 84  287 87  HOH HOH A . 
E 5 HOH 85  288 88  HOH HOH A . 
E 5 HOH 86  289 89  HOH HOH A . 
E 5 HOH 87  290 90  HOH HOH A . 
E 5 HOH 88  291 91  HOH HOH A . 
E 5 HOH 89  292 92  HOH HOH A . 
E 5 HOH 90  293 93  HOH HOH A . 
E 5 HOH 91  294 94  HOH HOH A . 
E 5 HOH 92  295 95  HOH HOH A . 
E 5 HOH 93  296 96  HOH HOH A . 
E 5 HOH 94  297 97  HOH HOH A . 
E 5 HOH 95  298 98  HOH HOH A . 
E 5 HOH 96  299 99  HOH HOH A . 
E 5 HOH 97  300 100 HOH HOH A . 
E 5 HOH 98  301 101 HOH HOH A . 
E 5 HOH 99  302 102 HOH HOH A . 
E 5 HOH 100 303 103 HOH HOH A . 
E 5 HOH 101 304 104 HOH HOH A . 
E 5 HOH 102 305 105 HOH HOH A . 
E 5 HOH 103 306 106 HOH HOH A . 
E 5 HOH 104 307 107 HOH HOH A . 
E 5 HOH 105 308 108 HOH HOH A . 
E 5 HOH 106 309 109 HOH HOH A . 
E 5 HOH 107 310 110 HOH HOH A . 
E 5 HOH 108 311 111 HOH HOH A . 
E 5 HOH 109 312 112 HOH HOH A . 
E 5 HOH 110 313 113 HOH HOH A . 
E 5 HOH 111 314 114 HOH HOH A . 
E 5 HOH 112 315 115 HOH HOH A . 
E 5 HOH 113 316 116 HOH HOH A . 
E 5 HOH 114 317 117 HOH HOH A . 
E 5 HOH 115 318 118 HOH HOH A . 
E 5 HOH 116 319 119 HOH HOH A . 
E 5 HOH 117 320 120 HOH HOH A . 
E 5 HOH 118 321 121 HOH HOH A . 
E 5 HOH 119 322 122 HOH HOH A . 
E 5 HOH 120 323 123 HOH HOH A . 
E 5 HOH 121 324 124 HOH HOH A . 
E 5 HOH 122 325 125 HOH HOH A . 
E 5 HOH 123 326 126 HOH HOH A . 
E 5 HOH 124 327 127 HOH HOH A . 
E 5 HOH 125 328 128 HOH HOH A . 
E 5 HOH 126 329 129 HOH HOH A . 
E 5 HOH 127 330 130 HOH HOH A . 
E 5 HOH 128 331 131 HOH HOH A . 
E 5 HOH 129 332 132 HOH HOH A . 
E 5 HOH 130 333 133 HOH HOH A . 
E 5 HOH 131 334 134 HOH HOH A . 
E 5 HOH 132 335 135 HOH HOH A . 
E 5 HOH 133 336 136 HOH HOH A . 
E 5 HOH 134 337 137 HOH HOH A . 
E 5 HOH 135 338 138 HOH HOH A . 
E 5 HOH 136 339 139 HOH HOH A . 
E 5 HOH 137 340 140 HOH HOH A . 
E 5 HOH 138 341 141 HOH HOH A . 
E 5 HOH 139 342 142 HOH HOH A . 
E 5 HOH 140 343 143 HOH HOH A . 
E 5 HOH 141 344 144 HOH HOH A . 
E 5 HOH 142 345 145 HOH HOH A . 
E 5 HOH 143 346 146 HOH HOH A . 
E 5 HOH 144 347 147 HOH HOH A . 
E 5 HOH 145 348 148 HOH HOH A . 
E 5 HOH 146 349 149 HOH HOH A . 
E 5 HOH 147 350 150 HOH HOH A . 
E 5 HOH 148 351 151 HOH HOH A . 
E 5 HOH 149 352 152 HOH HOH A . 
E 5 HOH 150 353 153 HOH HOH A . 
E 5 HOH 151 354 154 HOH HOH A . 
E 5 HOH 152 355 155 HOH HOH A . 
E 5 HOH 153 356 156 HOH HOH A . 
E 5 HOH 154 357 157 HOH HOH A . 
E 5 HOH 155 358 158 HOH HOH A . 
E 5 HOH 156 359 159 HOH HOH A . 
E 5 HOH 157 360 160 HOH HOH A . 
E 5 HOH 158 361 161 HOH HOH A . 
E 5 HOH 159 362 162 HOH HOH A . 
E 5 HOH 160 363 163 HOH HOH A . 
E 5 HOH 161 364 164 HOH HOH A . 
E 5 HOH 162 365 165 HOH HOH A . 
E 5 HOH 163 366 166 HOH HOH A . 
E 5 HOH 164 367 167 HOH HOH A . 
# 
loop_
_software.name 
_software.classification 
_software.version 
_software.citation_id 
_software.pdbx_ordinal 
REFMAC    refinement       5.2.0005 ? 1 
HKL-2000  'data reduction' .        ? 2 
SCALEPACK 'data scaling'   .        ? 3 
SOLVE     phasing          .        ? 4 
# 
_cell.entry_id           2B0V 
_cell.length_a           55.450 
_cell.length_b           66.509 
_cell.length_c           73.812 
_cell.angle_alpha        90.00 
_cell.angle_beta         90.00 
_cell.angle_gamma        90.00 
_cell.Z_PDB              8 
_cell.pdbx_unique_axis   ? 
# 
_symmetry.entry_id                         2B0V 
_symmetry.space_group_name_H-M             'C 2 2 21' 
_symmetry.pdbx_full_space_group_name_H-M   ? 
_symmetry.cell_setting                     ? 
_symmetry.Int_Tables_number                20 
_symmetry.space_group_name_Hall            ? 
# 
_exptl.entry_id          2B0V 
_exptl.method            'X-RAY DIFFRACTION' 
_exptl.crystals_number   1 
# 
_exptl_crystal.id                    1 
_exptl_crystal.density_meas          ? 
_exptl_crystal.density_Matthews      2.0 
_exptl_crystal.density_percent_sol   37.0 
_exptl_crystal.description           ? 
_exptl_crystal.F_000                 ? 
_exptl_crystal.preparation           ? 
# 
_exptl_crystal_grow.crystal_id      1 
_exptl_crystal_grow.method          'VAPOR DIFFUSION, HANGING DROP' 
_exptl_crystal_grow.temp            291 
_exptl_crystal_grow.temp_details    ? 
_exptl_crystal_grow.pH              4.6 
_exptl_crystal_grow.pdbx_details    '3.2 M NaCl, 0.1 M sodium acetate, pH 4.6, VAPOR DIFFUSION, HANGING DROP, temperature 291K' 
_exptl_crystal_grow.pdbx_pH_range   . 
# 
_diffrn.id                     1 
_diffrn.ambient_temp           100 
_diffrn.ambient_temp_details   ? 
_diffrn.crystal_id             1 
# 
_diffrn_detector.diffrn_id              1 
_diffrn_detector.detector               CCD 
_diffrn_detector.type                   'ADSC QUANTUM 315' 
_diffrn_detector.pdbx_collection_date   2005-07-12 
_diffrn_detector.details                ? 
# 
_diffrn_radiation.diffrn_id                        1 
_diffrn_radiation.wavelength_id                    1 
_diffrn_radiation.pdbx_monochromatic_or_laue_m_l   M 
_diffrn_radiation.monochromator                    'double crystal monochromator' 
_diffrn_radiation.pdbx_diffrn_protocol             'SINGLE WAVELENGTH' 
_diffrn_radiation.pdbx_scattering_type             x-ray 
# 
_diffrn_radiation_wavelength.id           1 
_diffrn_radiation_wavelength.wavelength   0.97945 
_diffrn_radiation_wavelength.wt           1.0 
# 
_diffrn_source.diffrn_id                   1 
_diffrn_source.source                      SYNCHROTRON 
_diffrn_source.type                        'APS BEAMLINE 19-ID' 
_diffrn_source.pdbx_synchrotron_site       APS 
_diffrn_source.pdbx_synchrotron_beamline   19-ID 
_diffrn_source.pdbx_wavelength             ? 
_diffrn_source.pdbx_wavelength_list        0.97945 
# 
_reflns.entry_id                     2B0V 
_reflns.observed_criterion_sigma_F   0 
_reflns.observed_criterion_sigma_I   0 
_reflns.d_resolution_high            1.55 
_reflns.d_resolution_low             40 
_reflns.number_all                   20171 
_reflns.number_obs                   16520 
_reflns.percent_possible_obs         81.9 
_reflns.pdbx_Rmerge_I_obs            0.066 
_reflns.pdbx_Rsym_value              ? 
_reflns.pdbx_netI_over_sigmaI        33.5 
_reflns.B_iso_Wilson_estimate        ? 
_reflns.pdbx_redundancy              8.1 
_reflns.R_free_details               ? 
_reflns.limit_h_max                  ? 
_reflns.limit_h_min                  ? 
_reflns.limit_k_max                  ? 
_reflns.limit_k_min                  ? 
_reflns.limit_l_max                  ? 
_reflns.limit_l_min                  ? 
_reflns.observed_criterion_F_max     ? 
_reflns.observed_criterion_F_min     ? 
_reflns.pdbx_chi_squared             ? 
_reflns.pdbx_scaling_rejects         ? 
_reflns.pdbx_ordinal                 1 
_reflns.pdbx_diffrn_id               1 
# 
_reflns_shell.d_res_high             1.55 
_reflns_shell.d_res_low              1.58 
_reflns_shell.percent_possible_all   22.8 
_reflns_shell.Rmerge_I_obs           0.331 
_reflns_shell.pdbx_Rsym_value        ? 
_reflns_shell.meanI_over_sigI_obs    2.59 
_reflns_shell.pdbx_redundancy        2.1 
_reflns_shell.percent_possible_obs   ? 
_reflns_shell.number_unique_all      281 
_reflns_shell.number_measured_all    ? 
_reflns_shell.number_measured_obs    ? 
_reflns_shell.number_unique_obs      ? 
_reflns_shell.pdbx_chi_squared       ? 
_reflns_shell.pdbx_ordinal           1 
_reflns_shell.pdbx_diffrn_id         1 
# 
_refine.entry_id                                 2B0V 
_refine.ls_number_reflns_obs                     16498 
_refine.ls_number_reflns_all                     16498 
_refine.pdbx_ls_sigma_I                          0 
_refine.pdbx_ls_sigma_F                          0 
_refine.pdbx_data_cutoff_high_absF               ? 
_refine.pdbx_data_cutoff_low_absF                ? 
_refine.pdbx_data_cutoff_high_rms_absF           ? 
_refine.ls_d_res_low                             40.00 
_refine.ls_d_res_high                            1.55 
_refine.ls_percent_reflns_obs                    81.97 
_refine.ls_R_factor_obs                          0.1677 
_refine.ls_R_factor_all                          0.1677 
_refine.ls_R_factor_R_work                       0.1669 
_refine.ls_R_factor_R_free                       0.2063 
_refine.ls_R_factor_R_free_error                 ? 
_refine.ls_R_factor_R_free_error_details         ? 
_refine.ls_percent_reflns_R_free                 ? 
_refine.ls_number_reflns_R_free                  1681 
_refine.ls_number_parameters                     ? 
_refine.ls_number_restraints                     ? 
_refine.occupancy_min                            ? 
_refine.occupancy_max                            ? 
_refine.correlation_coeff_Fo_to_Fc               0.966 
_refine.correlation_coeff_Fo_to_Fc_free          ? 
_refine.B_iso_mean                               21.390 
_refine.aniso_B[1][1]                            -1.43 
_refine.aniso_B[2][2]                            1.76 
_refine.aniso_B[3][3]                            -0.33 
_refine.aniso_B[1][2]                            0.00 
_refine.aniso_B[1][3]                            0.00 
_refine.aniso_B[2][3]                            0.00 
_refine.solvent_model_details                    MASK 
_refine.solvent_model_param_ksol                 ? 
_refine.solvent_model_param_bsol                 ? 
_refine.pdbx_solvent_vdw_probe_radii             1.20 
_refine.pdbx_solvent_ion_probe_radii             0.80 
_refine.pdbx_solvent_shrinkage_radii             0.80 
_refine.pdbx_ls_cross_valid_method               THROUGHOUT 
_refine.details                                  
;HYDROGENS HAVE BEEN ADDED IN THE RIDING POSITIONS.  ALL DATA WERE USED IN FINAL ROUND OF REFINEMENT. R-FACTOR-ALL CORRESPONDS TO DEPOSITED FILE. R-WORK AND R-FREE FACTORS ARE TAKEN FROM SECOND TO LAST ROUND OF REFINEMENT WHICH USED TEST DATA SET.  THE FOLLOWING SOFTWARE WAS ALSO USED FOR PHASING: SHELXD, MLPHARE, DM, SOLVE/RESOLVE, HKL-3000
;
_refine.pdbx_starting_model                      ? 
_refine.pdbx_method_to_determine_struct          SAD 
_refine.pdbx_isotropic_thermal_model             ? 
_refine.pdbx_stereochemistry_target_values       'MAXIMUM LIKELIHOOD' 
_refine.pdbx_stereochem_target_val_spec_case     ? 
_refine.pdbx_R_Free_selection_details            RANDOM 
_refine.pdbx_overall_ESU_R                       0.099 
_refine.pdbx_overall_ESU_R_Free                  ? 
_refine.overall_SU_ML                            0.043 
_refine.overall_SU_B                             2.225 
_refine.ls_redundancy_reflns_obs                 ? 
_refine.B_iso_min                                ? 
_refine.B_iso_max                                ? 
_refine.overall_SU_R_Cruickshank_DPI             ? 
_refine.overall_SU_R_free                        ? 
_refine.ls_wR_factor_R_free                      ? 
_refine.ls_wR_factor_R_work                      ? 
_refine.overall_FOM_free_R_set                   ? 
_refine.overall_FOM_work_R_set                   ? 
_refine.pdbx_refine_id                           'X-RAY DIFFRACTION' 
_refine.pdbx_TLS_residual_ADP_flag               'LIKELY RESIDUAL' 
_refine.pdbx_diffrn_id                           1 
_refine.pdbx_overall_phase_error                 ? 
_refine.pdbx_overall_SU_R_free_Cruickshank_DPI   ? 
_refine.pdbx_overall_SU_R_Blow_DPI               ? 
_refine.pdbx_overall_SU_R_free_Blow_DPI          ? 
# 
_refine_hist.pdbx_refine_id                   'X-RAY DIFFRACTION' 
_refine_hist.cycle_id                         LAST 
_refine_hist.pdbx_number_atoms_protein        1175 
_refine_hist.pdbx_number_atoms_nucleic_acid   0 
_refine_hist.pdbx_number_atoms_ligand         6 
_refine_hist.number_atoms_solvent             164 
_refine_hist.number_atoms_total               1345 
_refine_hist.d_res_high                       1.55 
_refine_hist.d_res_low                        40.00 
# 
loop_
_refine_ls_restr.type 
_refine_ls_restr.dev_ideal 
_refine_ls_restr.dev_ideal_target 
_refine_ls_restr.weight 
_refine_ls_restr.number 
_refine_ls_restr.pdbx_refine_id 
_refine_ls_restr.pdbx_restraint_function 
r_bond_refined_d             0.015  0.022  ? 1260 'X-RAY DIFFRACTION' ? 
r_bond_other_d               ?      ?      ? ?    'X-RAY DIFFRACTION' ? 
r_angle_refined_deg          1.522  1.967  ? 1724 'X-RAY DIFFRACTION' ? 
r_angle_other_deg            ?      ?      ? ?    'X-RAY DIFFRACTION' ? 
r_dihedral_angle_1_deg       6.253  5.000  ? 165  'X-RAY DIFFRACTION' ? 
r_dihedral_angle_2_deg       32.791 23.621 ? 58   'X-RAY DIFFRACTION' ? 
r_dihedral_angle_3_deg       14.047 15.000 ? 218  'X-RAY DIFFRACTION' ? 
r_dihedral_angle_4_deg       22.465 15.000 ? 9    'X-RAY DIFFRACTION' ? 
r_chiral_restr               0.119  0.200  ? 194  'X-RAY DIFFRACTION' ? 
r_gen_planes_refined         0.007  0.020  ? 966  'X-RAY DIFFRACTION' ? 
r_gen_planes_other           ?      ?      ? ?    'X-RAY DIFFRACTION' ? 
r_nbd_refined                0.213  0.200  ? 562  'X-RAY DIFFRACTION' ? 
r_nbd_other                  ?      ?      ? ?    'X-RAY DIFFRACTION' ? 
r_nbtor_refined              0.312  0.200  ? 864  'X-RAY DIFFRACTION' ? 
r_nbtor_other                ?      ?      ? ?    'X-RAY DIFFRACTION' ? 
r_xyhbond_nbd_refined        0.155  0.200  ? 102  'X-RAY DIFFRACTION' ? 
r_xyhbond_nbd_other          ?      ?      ? ?    'X-RAY DIFFRACTION' ? 
r_metal_ion_refined          0.063  0.200  ? 2    'X-RAY DIFFRACTION' ? 
r_metal_ion_other            ?      ?      ? ?    'X-RAY DIFFRACTION' ? 
r_symmetry_vdw_refined       0.179  0.200  ? 58   'X-RAY DIFFRACTION' ? 
r_symmetry_vdw_other         ?      ?      ? ?    'X-RAY DIFFRACTION' ? 
r_symmetry_hbond_refined     0.172  0.200  ? 27   'X-RAY DIFFRACTION' ? 
r_symmetry_hbond_other       ?      ?      ? ?    'X-RAY DIFFRACTION' ? 
r_symmetry_metal_ion_refined 0.086  0.200  ? 1    'X-RAY DIFFRACTION' ? 
r_symmetry_metal_ion_other   ?      ?      ? ?    'X-RAY DIFFRACTION' ? 
r_mcbond_it                  1.028  1.500  ? 765  'X-RAY DIFFRACTION' ? 
r_mcbond_other               ?      ?      ? ?    'X-RAY DIFFRACTION' ? 
r_mcangle_it                 1.822  2.000  ? 1252 'X-RAY DIFFRACTION' ? 
r_scbond_it                  2.666  3.000  ? 512  'X-RAY DIFFRACTION' ? 
r_scangle_it                 4.184  4.500  ? 463  'X-RAY DIFFRACTION' ? 
r_rigid_bond_restr           ?      ?      ? ?    'X-RAY DIFFRACTION' ? 
r_sphericity_free            ?      ?      ? ?    'X-RAY DIFFRACTION' ? 
r_sphericity_bonded          ?      ?      ? ?    'X-RAY DIFFRACTION' ? 
# 
_refine_ls_shell.pdbx_total_number_of_bins_used   20 
_refine_ls_shell.d_res_high                       1.551 
_refine_ls_shell.d_res_low                        1.591 
_refine_ls_shell.number_reflns_R_work             357 
_refine_ls_shell.R_factor_R_work                  0.222 
_refine_ls_shell.percent_reflns_obs               24.67 
_refine_ls_shell.R_factor_R_free                  0.277 
_refine_ls_shell.R_factor_R_free_error            ? 
_refine_ls_shell.percent_reflns_R_free            ? 
_refine_ls_shell.number_reflns_R_free             39 
_refine_ls_shell.number_reflns_obs                357 
_refine_ls_shell.redundancy_reflns_obs            ? 
_refine_ls_shell.number_reflns_all                ? 
_refine_ls_shell.pdbx_refine_id                   'X-RAY DIFFRACTION' 
_refine_ls_shell.R_factor_all                     ? 
# 
_struct.entry_id                  2B0V 
_struct.title                     'NUDIX hydrolase from Nitrosomonas europaea.' 
_struct.pdbx_model_details        ? 
_struct.pdbx_CASP_flag            ? 
_struct.pdbx_model_type_details   ? 
# 
_struct_keywords.entry_id        2B0V 
_struct_keywords.pdbx_keywords   'UNKNOWN FUNCTION' 
_struct_keywords.text            
;structural genomics, NUDIX hydrolase, PSI, Protein Structure Initiative, Midwest Center for Structural Genomics, MCSG, UNKNOWN FUNCTION
;
# 
loop_
_struct_asym.id 
_struct_asym.pdbx_blank_PDB_chainid_flag 
_struct_asym.pdbx_modified 
_struct_asym.entity_id 
_struct_asym.details 
A N N 1 ? 
B N N 2 ? 
C N N 3 ? 
D N N 4 ? 
E N N 5 ? 
# 
_struct_ref.id                         1 
_struct_ref.db_name                    UNP 
_struct_ref.db_code                    Q82XR9_NITEU 
_struct_ref.pdbx_db_accession          Q82XR9 
_struct_ref.entity_id                  1 
_struct_ref.pdbx_seq_one_letter_code   
;MTWKPNVTVAAVIEQDDKYLLVEEIPRGTAIKLNQPAGHLEPGESIIQACSREVLEETGHSFLPEVLTGIYHWTCASNGT
TYLRFTFSGQVVSFDPDRKLDTGIVRAAWFSIDEIRAKQAMHRTPLVMQCIEDYHAGKRYPLDILQYYD
;
_struct_ref.pdbx_align_begin           1 
_struct_ref.pdbx_db_isoform            ? 
# 
_struct_ref_seq.align_id                      1 
_struct_ref_seq.ref_id                        1 
_struct_ref_seq.pdbx_PDB_id_code              2B0V 
_struct_ref_seq.pdbx_strand_id                A 
_struct_ref_seq.seq_align_beg                 3 
_struct_ref_seq.pdbx_seq_align_beg_ins_code   ? 
_struct_ref_seq.seq_align_end                 151 
_struct_ref_seq.pdbx_seq_align_end_ins_code   ? 
_struct_ref_seq.pdbx_db_accession             Q82XR9 
_struct_ref_seq.db_align_beg                  1 
_struct_ref_seq.pdbx_db_align_beg_ins_code    ? 
_struct_ref_seq.db_align_end                  149 
_struct_ref_seq.pdbx_db_align_end_ins_code    ? 
_struct_ref_seq.pdbx_auth_seq_align_beg       1 
_struct_ref_seq.pdbx_auth_seq_align_end       149 
# 
loop_
_struct_ref_seq_dif.align_id 
_struct_ref_seq_dif.pdbx_pdb_id_code 
_struct_ref_seq_dif.mon_id 
_struct_ref_seq_dif.pdbx_pdb_strand_id 
_struct_ref_seq_dif.seq_num 
_struct_ref_seq_dif.pdbx_pdb_ins_code 
_struct_ref_seq_dif.pdbx_seq_db_name 
_struct_ref_seq_dif.pdbx_seq_db_accession_code 
_struct_ref_seq_dif.db_mon_id 
_struct_ref_seq_dif.pdbx_seq_db_seq_num 
_struct_ref_seq_dif.details 
_struct_ref_seq_dif.pdbx_auth_seq_num 
_struct_ref_seq_dif.pdbx_ordinal 
1 2B0V GLY A 1   ? UNP Q82XR9 ?   ?   'cloning artifact' -1  1 
1 2B0V HIS A 2   ? UNP Q82XR9 ?   ?   'cloning artifact' 0   2 
1 2B0V MSE A 3   ? UNP Q82XR9 MET 1   'modified residue' 1   3 
1 2B0V MSE A 123 ? UNP Q82XR9 MET 121 'modified residue' 121 4 
1 2B0V MSE A 130 ? UNP Q82XR9 MET 128 'modified residue' 128 5 
1 2B0V GLY A 152 ? UNP Q82XR9 ?   ?   'cloning artifact' 150 6 
1 2B0V SER A 153 ? UNP Q82XR9 ?   ?   'cloning artifact' 151 7 
# 
loop_
_pdbx_struct_assembly.id 
_pdbx_struct_assembly.details 
_pdbx_struct_assembly.method_details 
_pdbx_struct_assembly.oligomeric_details 
_pdbx_struct_assembly.oligomeric_count 
1 author_defined_assembly   ?        monomeric 1 
2 software_defined_assembly PISA,PQS dimeric   2 
# 
loop_
_pdbx_struct_assembly_prop.biol_id 
_pdbx_struct_assembly_prop.type 
_pdbx_struct_assembly_prop.value 
_pdbx_struct_assembly_prop.details 
2 'ABSA (A^2)' 2750  ? 
2 MORE         -50   ? 
2 'SSA (A^2)'  14800 ? 
# 
loop_
_pdbx_struct_assembly_gen.assembly_id 
_pdbx_struct_assembly_gen.oper_expression 
_pdbx_struct_assembly_gen.asym_id_list 
1 1   A,B,C,D,E 
2 1,2 A,B,C,D,E 
# 
loop_
_pdbx_struct_oper_list.id 
_pdbx_struct_oper_list.type 
_pdbx_struct_oper_list.name 
_pdbx_struct_oper_list.symmetry_operation 
_pdbx_struct_oper_list.matrix[1][1] 
_pdbx_struct_oper_list.matrix[1][2] 
_pdbx_struct_oper_list.matrix[1][3] 
_pdbx_struct_oper_list.vector[1] 
_pdbx_struct_oper_list.matrix[2][1] 
_pdbx_struct_oper_list.matrix[2][2] 
_pdbx_struct_oper_list.matrix[2][3] 
_pdbx_struct_oper_list.vector[2] 
_pdbx_struct_oper_list.matrix[3][1] 
_pdbx_struct_oper_list.matrix[3][2] 
_pdbx_struct_oper_list.matrix[3][3] 
_pdbx_struct_oper_list.vector[3] 
1 'identity operation'         1_555 x,y,z         1.0000000000  0.0000000000 0.0000000000  0.0000000000   0.0000000000 1.0000000000 0.0000000000  0.0000000000 0.0000000000  0.0000000000  1.0000000000  0.0000000000  
2 'crystal symmetry operation' 3_655 -x+1,y,-z+1/2 -0.8248381455 0.5326538773 -0.1895306855 -28.3690613579 0.5326538773 0.6197599289 -0.5763483994 7.2530289690 -0.1895306855 -0.5763483994 -0.7949217834 -5.8345348821 
# 
_struct_biol.id   1 
# 
loop_
_struct_conf.conf_type_id 
_struct_conf.id 
_struct_conf.pdbx_PDB_helix_id 
_struct_conf.beg_label_comp_id 
_struct_conf.beg_label_asym_id 
_struct_conf.beg_label_seq_id 
_struct_conf.pdbx_beg_PDB_ins_code 
_struct_conf.end_label_comp_id 
_struct_conf.end_label_asym_id 
_struct_conf.end_label_seq_id 
_struct_conf.pdbx_end_PDB_ins_code 
_struct_conf.beg_auth_comp_id 
_struct_conf.beg_auth_asym_id 
_struct_conf.beg_auth_seq_id 
_struct_conf.end_auth_comp_id 
_struct_conf.end_auth_asym_id 
_struct_conf.end_auth_seq_id 
_struct_conf.pdbx_PDB_helix_class 
_struct_conf.details 
_struct_conf.pdbx_PDB_helix_length 
HELX_P HELX_P1 1 SER A 47  ? GLY A 61  ? SER A 45  GLY A 59  1 ? 15 
HELX_P HELX_P2 2 ILE A 114 ? LYS A 120 ? ILE A 112 LYS A 118 1 ? 7  
HELX_P HELX_P3 3 GLN A 121 ? HIS A 124 ? GLN A 119 HIS A 122 5 ? 4  
HELX_P HELX_P4 4 PRO A 127 ? ALA A 138 ? PRO A 125 ALA A 136 1 ? 12 
HELX_P HELX_P5 5 ASP A 145 ? LEU A 147 ? ASP A 143 LEU A 145 5 ? 3  
# 
_struct_conf_type.id          HELX_P 
_struct_conf_type.criteria    ? 
_struct_conf_type.reference   ? 
# 
loop_
_struct_conn.id 
_struct_conn.conn_type_id 
_struct_conn.pdbx_leaving_atom_flag 
_struct_conn.pdbx_PDB_id 
_struct_conn.ptnr1_label_asym_id 
_struct_conn.ptnr1_label_comp_id 
_struct_conn.ptnr1_label_seq_id 
_struct_conn.ptnr1_label_atom_id 
_struct_conn.pdbx_ptnr1_label_alt_id 
_struct_conn.pdbx_ptnr1_PDB_ins_code 
_struct_conn.pdbx_ptnr1_standard_comp_id 
_struct_conn.ptnr1_symmetry 
_struct_conn.ptnr2_label_asym_id 
_struct_conn.ptnr2_label_comp_id 
_struct_conn.ptnr2_label_seq_id 
_struct_conn.ptnr2_label_atom_id 
_struct_conn.pdbx_ptnr2_label_alt_id 
_struct_conn.pdbx_ptnr2_PDB_ins_code 
_struct_conn.ptnr1_auth_asym_id 
_struct_conn.ptnr1_auth_comp_id 
_struct_conn.ptnr1_auth_seq_id 
_struct_conn.ptnr2_auth_asym_id 
_struct_conn.ptnr2_auth_comp_id 
_struct_conn.ptnr2_auth_seq_id 
_struct_conn.ptnr2_symmetry 
_struct_conn.pdbx_ptnr3_label_atom_id 
_struct_conn.pdbx_ptnr3_label_seq_id 
_struct_conn.pdbx_ptnr3_label_comp_id 
_struct_conn.pdbx_ptnr3_label_asym_id 
_struct_conn.pdbx_ptnr3_label_alt_id 
_struct_conn.pdbx_ptnr3_PDB_ins_code 
_struct_conn.details 
_struct_conn.pdbx_dist_value 
_struct_conn.pdbx_value_order 
_struct_conn.pdbx_role 
covale1 covale both ? A ALA 122 C   ? ? ? 1_555 A MSE 123 N  ? ? A ALA 120 A MSE 121 1_555 ? ? ? ? ? ? ? 1.338 ? ? 
covale2 covale both ? A MSE 123 C   ? ? ? 1_555 A HIS 124 N  ? ? A MSE 121 A HIS 122 1_555 ? ? ? ? ? ? ? 1.337 ? ? 
covale3 covale both ? A VAL 129 C   ? ? ? 1_555 A MSE 130 N  ? ? A VAL 127 A MSE 128 1_555 ? ? ? ? ? ? ? 1.336 ? ? 
covale4 covale both ? A MSE 130 C   ? ? ? 1_555 A GLN 131 N  ? ? A MSE 128 A GLN 129 1_555 ? ? ? ? ? ? ? 1.331 ? ? 
metalc1 metalc ?    ? A GLN 148 OE1 ? ? ? 1_555 C NA  .   NA ? ? A GLN 146 A NA  203 1_555 ? ? ? ? ? ? ? 2.349 ? ? 
metalc2 metalc ?    ? C NA  .   NA  ? ? ? 1_555 E HOH .   O  ? ? A NA  203 A HOH 229 1_555 ? ? ? ? ? ? ? 2.551 ? ? 
metalc3 metalc ?    ? C NA  .   NA  ? ? ? 1_555 E HOH .   O  ? ? A NA  203 A HOH 234 1_555 ? ? ? ? ? ? ? 2.538 ? ? 
metalc4 metalc ?    ? C NA  .   NA  ? ? ? 1_555 E HOH .   O  ? ? A NA  203 A HOH 243 1_555 ? ? ? ? ? ? ? 2.477 ? ? 
metalc5 metalc ?    ? C NA  .   NA  ? ? ? 1_555 E HOH .   O  ? ? A NA  203 A HOH 246 8_555 ? ? ? ? ? ? ? 2.324 ? ? 
metalc6 metalc ?    ? C NA  .   NA  ? ? ? 1_555 E HOH .   O  ? ? A NA  203 A HOH 262 1_555 ? ? ? ? ? ? ? 2.345 ? ? 
# 
loop_
_struct_conn_type.id 
_struct_conn_type.criteria 
_struct_conn_type.reference 
covale ? ? 
metalc ? ? 
# 
loop_
_pdbx_struct_conn_angle.id 
_pdbx_struct_conn_angle.ptnr1_label_atom_id 
_pdbx_struct_conn_angle.ptnr1_label_alt_id 
_pdbx_struct_conn_angle.ptnr1_label_asym_id 
_pdbx_struct_conn_angle.ptnr1_label_comp_id 
_pdbx_struct_conn_angle.ptnr1_label_seq_id 
_pdbx_struct_conn_angle.ptnr1_auth_atom_id 
_pdbx_struct_conn_angle.ptnr1_auth_asym_id 
_pdbx_struct_conn_angle.ptnr1_auth_comp_id 
_pdbx_struct_conn_angle.ptnr1_auth_seq_id 
_pdbx_struct_conn_angle.ptnr1_PDB_ins_code 
_pdbx_struct_conn_angle.ptnr1_symmetry 
_pdbx_struct_conn_angle.ptnr2_label_atom_id 
_pdbx_struct_conn_angle.ptnr2_label_alt_id 
_pdbx_struct_conn_angle.ptnr2_label_asym_id 
_pdbx_struct_conn_angle.ptnr2_label_comp_id 
_pdbx_struct_conn_angle.ptnr2_label_seq_id 
_pdbx_struct_conn_angle.ptnr2_auth_atom_id 
_pdbx_struct_conn_angle.ptnr2_auth_asym_id 
_pdbx_struct_conn_angle.ptnr2_auth_comp_id 
_pdbx_struct_conn_angle.ptnr2_auth_seq_id 
_pdbx_struct_conn_angle.ptnr2_PDB_ins_code 
_pdbx_struct_conn_angle.ptnr2_symmetry 
_pdbx_struct_conn_angle.ptnr3_label_atom_id 
_pdbx_struct_conn_angle.ptnr3_label_alt_id 
_pdbx_struct_conn_angle.ptnr3_label_asym_id 
_pdbx_struct_conn_angle.ptnr3_label_comp_id 
_pdbx_struct_conn_angle.ptnr3_label_seq_id 
_pdbx_struct_conn_angle.ptnr3_auth_atom_id 
_pdbx_struct_conn_angle.ptnr3_auth_asym_id 
_pdbx_struct_conn_angle.ptnr3_auth_comp_id 
_pdbx_struct_conn_angle.ptnr3_auth_seq_id 
_pdbx_struct_conn_angle.ptnr3_PDB_ins_code 
_pdbx_struct_conn_angle.ptnr3_symmetry 
_pdbx_struct_conn_angle.value 
_pdbx_struct_conn_angle.value_esd 
1  OE1 ? A GLN 148 ? A GLN 146 ? 1_555 NA ? C NA . ? A NA 203 ? 1_555 O ? E HOH . ? A HOH 229 ? 1_555 96.3  ? 
2  OE1 ? A GLN 148 ? A GLN 146 ? 1_555 NA ? C NA . ? A NA 203 ? 1_555 O ? E HOH . ? A HOH 234 ? 1_555 87.5  ? 
3  O   ? E HOH .   ? A HOH 229 ? 1_555 NA ? C NA . ? A NA 203 ? 1_555 O ? E HOH . ? A HOH 234 ? 1_555 85.3  ? 
4  OE1 ? A GLN 148 ? A GLN 146 ? 1_555 NA ? C NA . ? A NA 203 ? 1_555 O ? E HOH . ? A HOH 243 ? 1_555 84.5  ? 
5  O   ? E HOH .   ? A HOH 229 ? 1_555 NA ? C NA . ? A NA 203 ? 1_555 O ? E HOH . ? A HOH 243 ? 1_555 82.0  ? 
6  O   ? E HOH .   ? A HOH 234 ? 1_555 NA ? C NA . ? A NA 203 ? 1_555 O ? E HOH . ? A HOH 243 ? 1_555 164.2 ? 
7  OE1 ? A GLN 148 ? A GLN 146 ? 1_555 NA ? C NA . ? A NA 203 ? 1_555 O ? E HOH . ? A HOH 246 ? 8_555 90.0  ? 
8  O   ? E HOH .   ? A HOH 229 ? 1_555 NA ? C NA . ? A NA 203 ? 1_555 O ? E HOH . ? A HOH 246 ? 8_555 170.8 ? 
9  O   ? E HOH .   ? A HOH 234 ? 1_555 NA ? C NA . ? A NA 203 ? 1_555 O ? E HOH . ? A HOH 246 ? 8_555 101.8 ? 
10 O   ? E HOH .   ? A HOH 243 ? 1_555 NA ? C NA . ? A NA 203 ? 1_555 O ? E HOH . ? A HOH 246 ? 8_555 91.9  ? 
11 OE1 ? A GLN 148 ? A GLN 146 ? 1_555 NA ? C NA . ? A NA 203 ? 1_555 O ? E HOH . ? A HOH 262 ? 1_555 173.8 ? 
12 O   ? E HOH .   ? A HOH 229 ? 1_555 NA ? C NA . ? A NA 203 ? 1_555 O ? E HOH . ? A HOH 262 ? 1_555 89.9  ? 
13 O   ? E HOH .   ? A HOH 234 ? 1_555 NA ? C NA . ? A NA 203 ? 1_555 O ? E HOH . ? A HOH 262 ? 1_555 93.4  ? 
14 O   ? E HOH .   ? A HOH 243 ? 1_555 NA ? C NA . ? A NA 203 ? 1_555 O ? E HOH . ? A HOH 262 ? 1_555 96.0  ? 
15 O   ? E HOH .   ? A HOH 246 ? 8_555 NA ? C NA . ? A NA 203 ? 1_555 O ? E HOH . ? A HOH 262 ? 1_555 83.8  ? 
# 
loop_
_pdbx_modification_feature.ordinal 
_pdbx_modification_feature.label_comp_id 
_pdbx_modification_feature.label_asym_id 
_pdbx_modification_feature.label_seq_id 
_pdbx_modification_feature.label_alt_id 
_pdbx_modification_feature.modified_residue_label_comp_id 
_pdbx_modification_feature.modified_residue_label_asym_id 
_pdbx_modification_feature.modified_residue_label_seq_id 
_pdbx_modification_feature.modified_residue_label_alt_id 
_pdbx_modification_feature.auth_comp_id 
_pdbx_modification_feature.auth_asym_id 
_pdbx_modification_feature.auth_seq_id 
_pdbx_modification_feature.PDB_ins_code 
_pdbx_modification_feature.symmetry 
_pdbx_modification_feature.modified_residue_auth_comp_id 
_pdbx_modification_feature.modified_residue_auth_asym_id 
_pdbx_modification_feature.modified_residue_auth_seq_id 
_pdbx_modification_feature.modified_residue_PDB_ins_code 
_pdbx_modification_feature.modified_residue_symmetry 
_pdbx_modification_feature.comp_id_linking_atom 
_pdbx_modification_feature.modified_residue_id_linking_atom 
_pdbx_modification_feature.modified_residue_id 
_pdbx_modification_feature.ref_pcm_id 
_pdbx_modification_feature.ref_comp_id 
_pdbx_modification_feature.type 
_pdbx_modification_feature.category 
1 MSE A 123 ? . . . . MSE A 121 ? 1_555 . . . . . . . MET 1 MSE Selenomethionine 'Named protein modification' 
2 MSE A 130 ? . . . . MSE A 128 ? 1_555 . . . . . . . MET 1 MSE Selenomethionine 'Named protein modification' 
# 
loop_
_struct_sheet.id 
_struct_sheet.type 
_struct_sheet.number_strands 
_struct_sheet.details 
A ? 5 ? 
B ? 3 ? 
C ? 3 ? 
# 
loop_
_struct_sheet_order.sheet_id 
_struct_sheet_order.range_id_1 
_struct_sheet_order.range_id_2 
_struct_sheet_order.offset 
_struct_sheet_order.sense 
A 1 2 ? anti-parallel 
A 2 3 ? parallel      
A 3 4 ? anti-parallel 
A 4 5 ? anti-parallel 
B 1 2 ? anti-parallel 
B 2 3 ? anti-parallel 
C 1 2 ? anti-parallel 
C 2 3 ? anti-parallel 
# 
loop_
_struct_sheet_range.sheet_id 
_struct_sheet_range.id 
_struct_sheet_range.beg_label_comp_id 
_struct_sheet_range.beg_label_asym_id 
_struct_sheet_range.beg_label_seq_id 
_struct_sheet_range.pdbx_beg_PDB_ins_code 
_struct_sheet_range.end_label_comp_id 
_struct_sheet_range.end_label_asym_id 
_struct_sheet_range.end_label_seq_id 
_struct_sheet_range.pdbx_end_PDB_ins_code 
_struct_sheet_range.beg_auth_comp_id 
_struct_sheet_range.beg_auth_asym_id 
_struct_sheet_range.beg_auth_seq_id 
_struct_sheet_range.end_auth_comp_id 
_struct_sheet_range.end_auth_asym_id 
_struct_sheet_range.end_auth_seq_id 
A 1 ALA A 39  ? HIS A 41  ? ALA A 37  HIS A 39  
A 2 ASN A 8   ? VAL A 14  ? ASN A 6   VAL A 12  
A 3 THR A 82  ? PHE A 96  ? THR A 80  PHE A 94  
A 4 HIS A 62  ? CYS A 77  ? HIS A 60  CYS A 75  
A 5 TYR A 142 ? PRO A 143 ? TYR A 140 PRO A 141 
B 1 GLU A 16  ? GLN A 17  ? GLU A 14  GLN A 15  
B 2 LYS A 20  ? GLU A 26  ? LYS A 18  GLU A 24  
B 3 LYS A 34  ? ASN A 36  ? LYS A 32  ASN A 34  
C 1 GLU A 16  ? GLN A 17  ? GLU A 14  GLN A 15  
C 2 LYS A 20  ? GLU A 26  ? LYS A 18  GLU A 24  
C 3 ILE A 106 ? SER A 113 ? ILE A 104 SER A 111 
# 
loop_
_pdbx_struct_sheet_hbond.sheet_id 
_pdbx_struct_sheet_hbond.range_id_1 
_pdbx_struct_sheet_hbond.range_id_2 
_pdbx_struct_sheet_hbond.range_1_label_atom_id 
_pdbx_struct_sheet_hbond.range_1_label_comp_id 
_pdbx_struct_sheet_hbond.range_1_label_asym_id 
_pdbx_struct_sheet_hbond.range_1_label_seq_id 
_pdbx_struct_sheet_hbond.range_1_PDB_ins_code 
_pdbx_struct_sheet_hbond.range_1_auth_atom_id 
_pdbx_struct_sheet_hbond.range_1_auth_comp_id 
_pdbx_struct_sheet_hbond.range_1_auth_asym_id 
_pdbx_struct_sheet_hbond.range_1_auth_seq_id 
_pdbx_struct_sheet_hbond.range_2_label_atom_id 
_pdbx_struct_sheet_hbond.range_2_label_comp_id 
_pdbx_struct_sheet_hbond.range_2_label_asym_id 
_pdbx_struct_sheet_hbond.range_2_label_seq_id 
_pdbx_struct_sheet_hbond.range_2_PDB_ins_code 
_pdbx_struct_sheet_hbond.range_2_auth_atom_id 
_pdbx_struct_sheet_hbond.range_2_auth_comp_id 
_pdbx_struct_sheet_hbond.range_2_auth_asym_id 
_pdbx_struct_sheet_hbond.range_2_auth_seq_id 
A 1 2 O GLY A 40 ? O GLY A 38 N VAL A 11  ? N VAL A 9   
A 2 3 N ASN A 8  ? N ASN A 6  O THR A 83  ? O THR A 81  
A 3 4 O TYR A 84 ? O TYR A 82 N TRP A 75  ? N TRP A 73  
A 4 5 N LEU A 69 ? N LEU A 67 O TYR A 142 ? O TYR A 140 
B 1 2 N GLN A 17 ? N GLN A 15 O LYS A 20  ? O LYS A 18  
B 2 3 N GLU A 26 ? N GLU A 24 O LYS A 34  ? O LYS A 32  
C 1 2 N GLN A 17 ? N GLN A 15 O LYS A 20  ? O LYS A 18  
C 2 3 N GLU A 25 ? N GLU A 23 O VAL A 107 ? O VAL A 105 
# 
loop_
_struct_site.id 
_struct_site.pdbx_evidence_code 
_struct_site.pdbx_auth_asym_id 
_struct_site.pdbx_auth_comp_id 
_struct_site.pdbx_auth_seq_id 
_struct_site.pdbx_auth_ins_code 
_struct_site.pdbx_num_residues 
_struct_site.details 
AC1 Software A CL  202 ? 3 'BINDING SITE FOR RESIDUE CL A 202'  
AC2 Software A NA  203 ? 6 'BINDING SITE FOR RESIDUE NA A 203'  
AC3 Software A EDO 201 ? 7 'BINDING SITE FOR RESIDUE EDO A 201' 
# 
loop_
_struct_site_gen.id 
_struct_site_gen.site_id 
_struct_site_gen.pdbx_num_res 
_struct_site_gen.label_comp_id 
_struct_site_gen.label_asym_id 
_struct_site_gen.label_seq_id 
_struct_site_gen.pdbx_auth_ins_code 
_struct_site_gen.auth_comp_id 
_struct_site_gen.auth_asym_id 
_struct_site_gen.auth_seq_id 
_struct_site_gen.label_atom_id 
_struct_site_gen.label_alt_id 
_struct_site_gen.symmetry 
_struct_site_gen.details 
1  AC1 3 ILE A 48  ? ILE A 46  . ? 3_655 ? 
2  AC1 3 HIS A 74  ? HIS A 72  . ? 1_555 ? 
3  AC1 3 HOH E .   ? HOH A 213 . ? 3_655 ? 
4  AC2 6 GLN A 148 ? GLN A 146 . ? 1_555 ? 
5  AC2 6 HOH E .   ? HOH A 229 . ? 1_555 ? 
6  AC2 6 HOH E .   ? HOH A 234 . ? 1_555 ? 
7  AC2 6 HOH E .   ? HOH A 243 . ? 1_555 ? 
8  AC2 6 HOH E .   ? HOH A 246 . ? 8_555 ? 
9  AC2 6 HOH E .   ? HOH A 262 . ? 1_555 ? 
10 AC3 7 ALA A 39  ? ALA A 37  . ? 1_555 ? 
11 AC3 7 GLY A 40  ? GLY A 38  . ? 1_555 ? 
12 AC3 7 GLU A 55  ? GLU A 53  . ? 1_555 ? 
13 AC3 7 GLU A 59  ? GLU A 57  . ? 1_555 ? 
14 AC3 7 ARG A 125 ? ARG A 123 . ? 1_555 ? 
15 AC3 7 HOH E .   ? HOH A 223 . ? 1_555 ? 
16 AC3 7 HOH E .   ? HOH A 250 . ? 1_555 ? 
# 
_pdbx_entry_details.entry_id                   2B0V 
_pdbx_entry_details.compound_details           ? 
_pdbx_entry_details.source_details             ? 
_pdbx_entry_details.nonpolymer_details         ? 
_pdbx_entry_details.sequence_details           ? 
_pdbx_entry_details.has_ligand_of_interest     ? 
_pdbx_entry_details.has_protein_modification   Y 
# 
_pdbx_validate_close_contact.id               1 
_pdbx_validate_close_contact.PDB_model_num    1 
_pdbx_validate_close_contact.auth_atom_id_1   O 
_pdbx_validate_close_contact.auth_asym_id_1   A 
_pdbx_validate_close_contact.auth_comp_id_1   HOH 
_pdbx_validate_close_contact.auth_seq_id_1    273 
_pdbx_validate_close_contact.PDB_ins_code_1   ? 
_pdbx_validate_close_contact.label_alt_id_1   ? 
_pdbx_validate_close_contact.auth_atom_id_2   O 
_pdbx_validate_close_contact.auth_asym_id_2   A 
_pdbx_validate_close_contact.auth_comp_id_2   HOH 
_pdbx_validate_close_contact.auth_seq_id_2    366 
_pdbx_validate_close_contact.PDB_ins_code_2   ? 
_pdbx_validate_close_contact.label_alt_id_2   ? 
_pdbx_validate_close_contact.dist             2.11 
# 
_pdbx_SG_project.id                    1 
_pdbx_SG_project.project_name          'PSI, Protein Structure Initiative' 
_pdbx_SG_project.full_name_of_center   'Midwest Center for Structural Genomics' 
_pdbx_SG_project.initial_of_center     MCSG 
# 
loop_
_pdbx_struct_mod_residue.id 
_pdbx_struct_mod_residue.label_asym_id 
_pdbx_struct_mod_residue.label_comp_id 
_pdbx_struct_mod_residue.label_seq_id 
_pdbx_struct_mod_residue.auth_asym_id 
_pdbx_struct_mod_residue.auth_comp_id 
_pdbx_struct_mod_residue.auth_seq_id 
_pdbx_struct_mod_residue.PDB_ins_code 
_pdbx_struct_mod_residue.parent_comp_id 
_pdbx_struct_mod_residue.details 
1 A MSE 123 A MSE 121 ? MET SELENOMETHIONINE 
2 A MSE 130 A MSE 128 ? MET SELENOMETHIONINE 
# 
_pdbx_struct_special_symmetry.id              1 
_pdbx_struct_special_symmetry.PDB_model_num   1 
_pdbx_struct_special_symmetry.auth_asym_id    A 
_pdbx_struct_special_symmetry.auth_comp_id    HOH 
_pdbx_struct_special_symmetry.auth_seq_id     367 
_pdbx_struct_special_symmetry.PDB_ins_code    ? 
_pdbx_struct_special_symmetry.label_asym_id   E 
_pdbx_struct_special_symmetry.label_comp_id   HOH 
_pdbx_struct_special_symmetry.label_seq_id    . 
# 
_pdbx_refine_tls.id               1 
_pdbx_refine_tls.details          ? 
_pdbx_refine_tls.method           refined 
_pdbx_refine_tls.origin_x         0.1103 
_pdbx_refine_tls.origin_y         0.3885 
_pdbx_refine_tls.origin_z         -0.1421 
_pdbx_refine_tls.T[1][1]          -0.0313 
_pdbx_refine_tls.T[2][2]          -0.0187 
_pdbx_refine_tls.T[3][3]          -0.0254 
_pdbx_refine_tls.T[1][2]          -0.0026 
_pdbx_refine_tls.T[1][3]          0.0013 
_pdbx_refine_tls.T[2][3]          -0.0031 
_pdbx_refine_tls.L[1][1]          1.4449 
_pdbx_refine_tls.L[2][2]          0.6012 
_pdbx_refine_tls.L[3][3]          0.4800 
_pdbx_refine_tls.L[1][2]          -0.7323 
_pdbx_refine_tls.L[1][3]          0.1991 
_pdbx_refine_tls.L[2][3]          0.0047 
_pdbx_refine_tls.S[1][1]          0.0073 
_pdbx_refine_tls.S[1][2]          -0.0213 
_pdbx_refine_tls.S[1][3]          0.0531 
_pdbx_refine_tls.S[2][1]          -0.0027 
_pdbx_refine_tls.S[2][2]          -0.0002 
_pdbx_refine_tls.S[2][3]          -0.0327 
_pdbx_refine_tls.S[3][1]          0.0406 
_pdbx_refine_tls.S[3][2]          0.0156 
_pdbx_refine_tls.S[3][3]          -0.0070 
_pdbx_refine_tls.pdbx_refine_id   'X-RAY DIFFRACTION' 
# 
_pdbx_refine_tls_group.id                  1 
_pdbx_refine_tls_group.refine_tls_id       1 
_pdbx_refine_tls_group.beg_auth_asym_id    A 
_pdbx_refine_tls_group.beg_auth_seq_id     4 
_pdbx_refine_tls_group.beg_label_asym_id   A 
_pdbx_refine_tls_group.beg_label_seq_id    6 
_pdbx_refine_tls_group.end_auth_asym_id    A 
_pdbx_refine_tls_group.end_auth_seq_id     151 
_pdbx_refine_tls_group.end_label_asym_id   A 
_pdbx_refine_tls_group.end_label_seq_id    153 
_pdbx_refine_tls_group.selection           ? 
_pdbx_refine_tls_group.pdbx_refine_id      'X-RAY DIFFRACTION' 
_pdbx_refine_tls_group.selection_details   ? 
# 
loop_
_pdbx_unobs_or_zero_occ_residues.id 
_pdbx_unobs_or_zero_occ_residues.PDB_model_num 
_pdbx_unobs_or_zero_occ_residues.polymer_flag 
_pdbx_unobs_or_zero_occ_residues.occupancy_flag 
_pdbx_unobs_or_zero_occ_residues.auth_asym_id 
_pdbx_unobs_or_zero_occ_residues.auth_comp_id 
_pdbx_unobs_or_zero_occ_residues.auth_seq_id 
_pdbx_unobs_or_zero_occ_residues.PDB_ins_code 
_pdbx_unobs_or_zero_occ_residues.label_asym_id 
_pdbx_unobs_or_zero_occ_residues.label_comp_id 
_pdbx_unobs_or_zero_occ_residues.label_seq_id 
1 1 Y 1 A GLY -1 ? A GLY 1 
2 1 Y 1 A HIS 0  ? A HIS 2 
3 1 Y 1 A MSE 1  ? A MSE 3 
4 1 Y 1 A THR 2  ? A THR 4 
5 1 Y 1 A TRP 3  ? A TRP 5 
# 
loop_
_chem_comp_atom.comp_id 
_chem_comp_atom.atom_id 
_chem_comp_atom.type_symbol 
_chem_comp_atom.pdbx_aromatic_flag 
_chem_comp_atom.pdbx_stereo_config 
_chem_comp_atom.pdbx_ordinal 
ALA N    N  N N 1   
ALA CA   C  N S 2   
ALA C    C  N N 3   
ALA O    O  N N 4   
ALA CB   C  N N 5   
ALA OXT  O  N N 6   
ALA H    H  N N 7   
ALA H2   H  N N 8   
ALA HA   H  N N 9   
ALA HB1  H  N N 10  
ALA HB2  H  N N 11  
ALA HB3  H  N N 12  
ALA HXT  H  N N 13  
ARG N    N  N N 14  
ARG CA   C  N S 15  
ARG C    C  N N 16  
ARG O    O  N N 17  
ARG CB   C  N N 18  
ARG CG   C  N N 19  
ARG CD   C  N N 20  
ARG NE   N  N N 21  
ARG CZ   C  N N 22  
ARG NH1  N  N N 23  
ARG NH2  N  N N 24  
ARG OXT  O  N N 25  
ARG H    H  N N 26  
ARG H2   H  N N 27  
ARG HA   H  N N 28  
ARG HB2  H  N N 29  
ARG HB3  H  N N 30  
ARG HG2  H  N N 31  
ARG HG3  H  N N 32  
ARG HD2  H  N N 33  
ARG HD3  H  N N 34  
ARG HE   H  N N 35  
ARG HH11 H  N N 36  
ARG HH12 H  N N 37  
ARG HH21 H  N N 38  
ARG HH22 H  N N 39  
ARG HXT  H  N N 40  
ASN N    N  N N 41  
ASN CA   C  N S 42  
ASN C    C  N N 43  
ASN O    O  N N 44  
ASN CB   C  N N 45  
ASN CG   C  N N 46  
ASN OD1  O  N N 47  
ASN ND2  N  N N 48  
ASN OXT  O  N N 49  
ASN H    H  N N 50  
ASN H2   H  N N 51  
ASN HA   H  N N 52  
ASN HB2  H  N N 53  
ASN HB3  H  N N 54  
ASN HD21 H  N N 55  
ASN HD22 H  N N 56  
ASN HXT  H  N N 57  
ASP N    N  N N 58  
ASP CA   C  N S 59  
ASP C    C  N N 60  
ASP O    O  N N 61  
ASP CB   C  N N 62  
ASP CG   C  N N 63  
ASP OD1  O  N N 64  
ASP OD2  O  N N 65  
ASP OXT  O  N N 66  
ASP H    H  N N 67  
ASP H2   H  N N 68  
ASP HA   H  N N 69  
ASP HB2  H  N N 70  
ASP HB3  H  N N 71  
ASP HD2  H  N N 72  
ASP HXT  H  N N 73  
CL  CL   CL N N 74  
CYS N    N  N N 75  
CYS CA   C  N R 76  
CYS C    C  N N 77  
CYS O    O  N N 78  
CYS CB   C  N N 79  
CYS SG   S  N N 80  
CYS OXT  O  N N 81  
CYS H    H  N N 82  
CYS H2   H  N N 83  
CYS HA   H  N N 84  
CYS HB2  H  N N 85  
CYS HB3  H  N N 86  
CYS HG   H  N N 87  
CYS HXT  H  N N 88  
EDO C1   C  N N 89  
EDO O1   O  N N 90  
EDO C2   C  N N 91  
EDO O2   O  N N 92  
EDO H11  H  N N 93  
EDO H12  H  N N 94  
EDO HO1  H  N N 95  
EDO H21  H  N N 96  
EDO H22  H  N N 97  
EDO HO2  H  N N 98  
GLN N    N  N N 99  
GLN CA   C  N S 100 
GLN C    C  N N 101 
GLN O    O  N N 102 
GLN CB   C  N N 103 
GLN CG   C  N N 104 
GLN CD   C  N N 105 
GLN OE1  O  N N 106 
GLN NE2  N  N N 107 
GLN OXT  O  N N 108 
GLN H    H  N N 109 
GLN H2   H  N N 110 
GLN HA   H  N N 111 
GLN HB2  H  N N 112 
GLN HB3  H  N N 113 
GLN HG2  H  N N 114 
GLN HG3  H  N N 115 
GLN HE21 H  N N 116 
GLN HE22 H  N N 117 
GLN HXT  H  N N 118 
GLU N    N  N N 119 
GLU CA   C  N S 120 
GLU C    C  N N 121 
GLU O    O  N N 122 
GLU CB   C  N N 123 
GLU CG   C  N N 124 
GLU CD   C  N N 125 
GLU OE1  O  N N 126 
GLU OE2  O  N N 127 
GLU OXT  O  N N 128 
GLU H    H  N N 129 
GLU H2   H  N N 130 
GLU HA   H  N N 131 
GLU HB2  H  N N 132 
GLU HB3  H  N N 133 
GLU HG2  H  N N 134 
GLU HG3  H  N N 135 
GLU HE2  H  N N 136 
GLU HXT  H  N N 137 
GLY N    N  N N 138 
GLY CA   C  N N 139 
GLY C    C  N N 140 
GLY O    O  N N 141 
GLY OXT  O  N N 142 
GLY H    H  N N 143 
GLY H2   H  N N 144 
GLY HA2  H  N N 145 
GLY HA3  H  N N 146 
GLY HXT  H  N N 147 
HIS N    N  N N 148 
HIS CA   C  N S 149 
HIS C    C  N N 150 
HIS O    O  N N 151 
HIS CB   C  N N 152 
HIS CG   C  Y N 153 
HIS ND1  N  Y N 154 
HIS CD2  C  Y N 155 
HIS CE1  C  Y N 156 
HIS NE2  N  Y N 157 
HIS OXT  O  N N 158 
HIS H    H  N N 159 
HIS H2   H  N N 160 
HIS HA   H  N N 161 
HIS HB2  H  N N 162 
HIS HB3  H  N N 163 
HIS HD1  H  N N 164 
HIS HD2  H  N N 165 
HIS HE1  H  N N 166 
HIS HE2  H  N N 167 
HIS HXT  H  N N 168 
HOH O    O  N N 169 
HOH H1   H  N N 170 
HOH H2   H  N N 171 
ILE N    N  N N 172 
ILE CA   C  N S 173 
ILE C    C  N N 174 
ILE O    O  N N 175 
ILE CB   C  N S 176 
ILE CG1  C  N N 177 
ILE CG2  C  N N 178 
ILE CD1  C  N N 179 
ILE OXT  O  N N 180 
ILE H    H  N N 181 
ILE H2   H  N N 182 
ILE HA   H  N N 183 
ILE HB   H  N N 184 
ILE HG12 H  N N 185 
ILE HG13 H  N N 186 
ILE HG21 H  N N 187 
ILE HG22 H  N N 188 
ILE HG23 H  N N 189 
ILE HD11 H  N N 190 
ILE HD12 H  N N 191 
ILE HD13 H  N N 192 
ILE HXT  H  N N 193 
LEU N    N  N N 194 
LEU CA   C  N S 195 
LEU C    C  N N 196 
LEU O    O  N N 197 
LEU CB   C  N N 198 
LEU CG   C  N N 199 
LEU CD1  C  N N 200 
LEU CD2  C  N N 201 
LEU OXT  O  N N 202 
LEU H    H  N N 203 
LEU H2   H  N N 204 
LEU HA   H  N N 205 
LEU HB2  H  N N 206 
LEU HB3  H  N N 207 
LEU HG   H  N N 208 
LEU HD11 H  N N 209 
LEU HD12 H  N N 210 
LEU HD13 H  N N 211 
LEU HD21 H  N N 212 
LEU HD22 H  N N 213 
LEU HD23 H  N N 214 
LEU HXT  H  N N 215 
LYS N    N  N N 216 
LYS CA   C  N S 217 
LYS C    C  N N 218 
LYS O    O  N N 219 
LYS CB   C  N N 220 
LYS CG   C  N N 221 
LYS CD   C  N N 222 
LYS CE   C  N N 223 
LYS NZ   N  N N 224 
LYS OXT  O  N N 225 
LYS H    H  N N 226 
LYS H2   H  N N 227 
LYS HA   H  N N 228 
LYS HB2  H  N N 229 
LYS HB3  H  N N 230 
LYS HG2  H  N N 231 
LYS HG3  H  N N 232 
LYS HD2  H  N N 233 
LYS HD3  H  N N 234 
LYS HE2  H  N N 235 
LYS HE3  H  N N 236 
LYS HZ1  H  N N 237 
LYS HZ2  H  N N 238 
LYS HZ3  H  N N 239 
LYS HXT  H  N N 240 
MET N    N  N N 241 
MET CA   C  N S 242 
MET C    C  N N 243 
MET O    O  N N 244 
MET CB   C  N N 245 
MET CG   C  N N 246 
MET SD   S  N N 247 
MET CE   C  N N 248 
MET OXT  O  N N 249 
MET H    H  N N 250 
MET H2   H  N N 251 
MET HA   H  N N 252 
MET HB2  H  N N 253 
MET HB3  H  N N 254 
MET HG2  H  N N 255 
MET HG3  H  N N 256 
MET HE1  H  N N 257 
MET HE2  H  N N 258 
MET HE3  H  N N 259 
MET HXT  H  N N 260 
MSE N    N  N N 261 
MSE CA   C  N S 262 
MSE C    C  N N 263 
MSE O    O  N N 264 
MSE OXT  O  N N 265 
MSE CB   C  N N 266 
MSE CG   C  N N 267 
MSE SE   SE N N 268 
MSE CE   C  N N 269 
MSE H    H  N N 270 
MSE H2   H  N N 271 
MSE HA   H  N N 272 
MSE HXT  H  N N 273 
MSE HB2  H  N N 274 
MSE HB3  H  N N 275 
MSE HG2  H  N N 276 
MSE HG3  H  N N 277 
MSE HE1  H  N N 278 
MSE HE2  H  N N 279 
MSE HE3  H  N N 280 
NA  NA   NA N N 281 
PHE N    N  N N 282 
PHE CA   C  N S 283 
PHE C    C  N N 284 
PHE O    O  N N 285 
PHE CB   C  N N 286 
PHE CG   C  Y N 287 
PHE CD1  C  Y N 288 
PHE CD2  C  Y N 289 
PHE CE1  C  Y N 290 
PHE CE2  C  Y N 291 
PHE CZ   C  Y N 292 
PHE OXT  O  N N 293 
PHE H    H  N N 294 
PHE H2   H  N N 295 
PHE HA   H  N N 296 
PHE HB2  H  N N 297 
PHE HB3  H  N N 298 
PHE HD1  H  N N 299 
PHE HD2  H  N N 300 
PHE HE1  H  N N 301 
PHE HE2  H  N N 302 
PHE HZ   H  N N 303 
PHE HXT  H  N N 304 
PRO N    N  N N 305 
PRO CA   C  N S 306 
PRO C    C  N N 307 
PRO O    O  N N 308 
PRO CB   C  N N 309 
PRO CG   C  N N 310 
PRO CD   C  N N 311 
PRO OXT  O  N N 312 
PRO H    H  N N 313 
PRO HA   H  N N 314 
PRO HB2  H  N N 315 
PRO HB3  H  N N 316 
PRO HG2  H  N N 317 
PRO HG3  H  N N 318 
PRO HD2  H  N N 319 
PRO HD3  H  N N 320 
PRO HXT  H  N N 321 
SER N    N  N N 322 
SER CA   C  N S 323 
SER C    C  N N 324 
SER O    O  N N 325 
SER CB   C  N N 326 
SER OG   O  N N 327 
SER OXT  O  N N 328 
SER H    H  N N 329 
SER H2   H  N N 330 
SER HA   H  N N 331 
SER HB2  H  N N 332 
SER HB3  H  N N 333 
SER HG   H  N N 334 
SER HXT  H  N N 335 
THR N    N  N N 336 
THR CA   C  N S 337 
THR C    C  N N 338 
THR O    O  N N 339 
THR CB   C  N R 340 
THR OG1  O  N N 341 
THR CG2  C  N N 342 
THR OXT  O  N N 343 
THR H    H  N N 344 
THR H2   H  N N 345 
THR HA   H  N N 346 
THR HB   H  N N 347 
THR HG1  H  N N 348 
THR HG21 H  N N 349 
THR HG22 H  N N 350 
THR HG23 H  N N 351 
THR HXT  H  N N 352 
TRP N    N  N N 353 
TRP CA   C  N S 354 
TRP C    C  N N 355 
TRP O    O  N N 356 
TRP CB   C  N N 357 
TRP CG   C  Y N 358 
TRP CD1  C  Y N 359 
TRP CD2  C  Y N 360 
TRP NE1  N  Y N 361 
TRP CE2  C  Y N 362 
TRP CE3  C  Y N 363 
TRP CZ2  C  Y N 364 
TRP CZ3  C  Y N 365 
TRP CH2  C  Y N 366 
TRP OXT  O  N N 367 
TRP H    H  N N 368 
TRP H2   H  N N 369 
TRP HA   H  N N 370 
TRP HB2  H  N N 371 
TRP HB3  H  N N 372 
TRP HD1  H  N N 373 
TRP HE1  H  N N 374 
TRP HE3  H  N N 375 
TRP HZ2  H  N N 376 
TRP HZ3  H  N N 377 
TRP HH2  H  N N 378 
TRP HXT  H  N N 379 
TYR N    N  N N 380 
TYR CA   C  N S 381 
TYR C    C  N N 382 
TYR O    O  N N 383 
TYR CB   C  N N 384 
TYR CG   C  Y N 385 
TYR CD1  C  Y N 386 
TYR CD2  C  Y N 387 
TYR CE1  C  Y N 388 
TYR CE2  C  Y N 389 
TYR CZ   C  Y N 390 
TYR OH   O  N N 391 
TYR OXT  O  N N 392 
TYR H    H  N N 393 
TYR H2   H  N N 394 
TYR HA   H  N N 395 
TYR HB2  H  N N 396 
TYR HB3  H  N N 397 
TYR HD1  H  N N 398 
TYR HD2  H  N N 399 
TYR HE1  H  N N 400 
TYR HE2  H  N N 401 
TYR HH   H  N N 402 
TYR HXT  H  N N 403 
VAL N    N  N N 404 
VAL CA   C  N S 405 
VAL C    C  N N 406 
VAL O    O  N N 407 
VAL CB   C  N N 408 
VAL CG1  C  N N 409 
VAL CG2  C  N N 410 
VAL OXT  O  N N 411 
VAL H    H  N N 412 
VAL H2   H  N N 413 
VAL HA   H  N N 414 
VAL HB   H  N N 415 
VAL HG11 H  N N 416 
VAL HG12 H  N N 417 
VAL HG13 H  N N 418 
VAL HG21 H  N N 419 
VAL HG22 H  N N 420 
VAL HG23 H  N N 421 
VAL HXT  H  N N 422 
# 
loop_
_chem_comp_bond.comp_id 
_chem_comp_bond.atom_id_1 
_chem_comp_bond.atom_id_2 
_chem_comp_bond.value_order 
_chem_comp_bond.pdbx_aromatic_flag 
_chem_comp_bond.pdbx_stereo_config 
_chem_comp_bond.pdbx_ordinal 
ALA N   CA   sing N N 1   
ALA N   H    sing N N 2   
ALA N   H2   sing N N 3   
ALA CA  C    sing N N 4   
ALA CA  CB   sing N N 5   
ALA CA  HA   sing N N 6   
ALA C   O    doub N N 7   
ALA C   OXT  sing N N 8   
ALA CB  HB1  sing N N 9   
ALA CB  HB2  sing N N 10  
ALA CB  HB3  sing N N 11  
ALA OXT HXT  sing N N 12  
ARG N   CA   sing N N 13  
ARG N   H    sing N N 14  
ARG N   H2   sing N N 15  
ARG CA  C    sing N N 16  
ARG CA  CB   sing N N 17  
ARG CA  HA   sing N N 18  
ARG C   O    doub N N 19  
ARG C   OXT  sing N N 20  
ARG CB  CG   sing N N 21  
ARG CB  HB2  sing N N 22  
ARG CB  HB3  sing N N 23  
ARG CG  CD   sing N N 24  
ARG CG  HG2  sing N N 25  
ARG CG  HG3  sing N N 26  
ARG CD  NE   sing N N 27  
ARG CD  HD2  sing N N 28  
ARG CD  HD3  sing N N 29  
ARG NE  CZ   sing N N 30  
ARG NE  HE   sing N N 31  
ARG CZ  NH1  sing N N 32  
ARG CZ  NH2  doub N N 33  
ARG NH1 HH11 sing N N 34  
ARG NH1 HH12 sing N N 35  
ARG NH2 HH21 sing N N 36  
ARG NH2 HH22 sing N N 37  
ARG OXT HXT  sing N N 38  
ASN N   CA   sing N N 39  
ASN N   H    sing N N 40  
ASN N   H2   sing N N 41  
ASN CA  C    sing N N 42  
ASN CA  CB   sing N N 43  
ASN CA  HA   sing N N 44  
ASN C   O    doub N N 45  
ASN C   OXT  sing N N 46  
ASN CB  CG   sing N N 47  
ASN CB  HB2  sing N N 48  
ASN CB  HB3  sing N N 49  
ASN CG  OD1  doub N N 50  
ASN CG  ND2  sing N N 51  
ASN ND2 HD21 sing N N 52  
ASN ND2 HD22 sing N N 53  
ASN OXT HXT  sing N N 54  
ASP N   CA   sing N N 55  
ASP N   H    sing N N 56  
ASP N   H2   sing N N 57  
ASP CA  C    sing N N 58  
ASP CA  CB   sing N N 59  
ASP CA  HA   sing N N 60  
ASP C   O    doub N N 61  
ASP C   OXT  sing N N 62  
ASP CB  CG   sing N N 63  
ASP CB  HB2  sing N N 64  
ASP CB  HB3  sing N N 65  
ASP CG  OD1  doub N N 66  
ASP CG  OD2  sing N N 67  
ASP OD2 HD2  sing N N 68  
ASP OXT HXT  sing N N 69  
CYS N   CA   sing N N 70  
CYS N   H    sing N N 71  
CYS N   H2   sing N N 72  
CYS CA  C    sing N N 73  
CYS CA  CB   sing N N 74  
CYS CA  HA   sing N N 75  
CYS C   O    doub N N 76  
CYS C   OXT  sing N N 77  
CYS CB  SG   sing N N 78  
CYS CB  HB2  sing N N 79  
CYS CB  HB3  sing N N 80  
CYS SG  HG   sing N N 81  
CYS OXT HXT  sing N N 82  
EDO C1  O1   sing N N 83  
EDO C1  C2   sing N N 84  
EDO C1  H11  sing N N 85  
EDO C1  H12  sing N N 86  
EDO O1  HO1  sing N N 87  
EDO C2  O2   sing N N 88  
EDO C2  H21  sing N N 89  
EDO C2  H22  sing N N 90  
EDO O2  HO2  sing N N 91  
GLN N   CA   sing N N 92  
GLN N   H    sing N N 93  
GLN N   H2   sing N N 94  
GLN CA  C    sing N N 95  
GLN CA  CB   sing N N 96  
GLN CA  HA   sing N N 97  
GLN C   O    doub N N 98  
GLN C   OXT  sing N N 99  
GLN CB  CG   sing N N 100 
GLN CB  HB2  sing N N 101 
GLN CB  HB3  sing N N 102 
GLN CG  CD   sing N N 103 
GLN CG  HG2  sing N N 104 
GLN CG  HG3  sing N N 105 
GLN CD  OE1  doub N N 106 
GLN CD  NE2  sing N N 107 
GLN NE2 HE21 sing N N 108 
GLN NE2 HE22 sing N N 109 
GLN OXT HXT  sing N N 110 
GLU N   CA   sing N N 111 
GLU N   H    sing N N 112 
GLU N   H2   sing N N 113 
GLU CA  C    sing N N 114 
GLU CA  CB   sing N N 115 
GLU CA  HA   sing N N 116 
GLU C   O    doub N N 117 
GLU C   OXT  sing N N 118 
GLU CB  CG   sing N N 119 
GLU CB  HB2  sing N N 120 
GLU CB  HB3  sing N N 121 
GLU CG  CD   sing N N 122 
GLU CG  HG2  sing N N 123 
GLU CG  HG3  sing N N 124 
GLU CD  OE1  doub N N 125 
GLU CD  OE2  sing N N 126 
GLU OE2 HE2  sing N N 127 
GLU OXT HXT  sing N N 128 
GLY N   CA   sing N N 129 
GLY N   H    sing N N 130 
GLY N   H2   sing N N 131 
GLY CA  C    sing N N 132 
GLY CA  HA2  sing N N 133 
GLY CA  HA3  sing N N 134 
GLY C   O    doub N N 135 
GLY C   OXT  sing N N 136 
GLY OXT HXT  sing N N 137 
HIS N   CA   sing N N 138 
HIS N   H    sing N N 139 
HIS N   H2   sing N N 140 
HIS CA  C    sing N N 141 
HIS CA  CB   sing N N 142 
HIS CA  HA   sing N N 143 
HIS C   O    doub N N 144 
HIS C   OXT  sing N N 145 
HIS CB  CG   sing N N 146 
HIS CB  HB2  sing N N 147 
HIS CB  HB3  sing N N 148 
HIS CG  ND1  sing Y N 149 
HIS CG  CD2  doub Y N 150 
HIS ND1 CE1  doub Y N 151 
HIS ND1 HD1  sing N N 152 
HIS CD2 NE2  sing Y N 153 
HIS CD2 HD2  sing N N 154 
HIS CE1 NE2  sing Y N 155 
HIS CE1 HE1  sing N N 156 
HIS NE2 HE2  sing N N 157 
HIS OXT HXT  sing N N 158 
HOH O   H1   sing N N 159 
HOH O   H2   sing N N 160 
ILE N   CA   sing N N 161 
ILE N   H    sing N N 162 
ILE N   H2   sing N N 163 
ILE CA  C    sing N N 164 
ILE CA  CB   sing N N 165 
ILE CA  HA   sing N N 166 
ILE C   O    doub N N 167 
ILE C   OXT  sing N N 168 
ILE CB  CG1  sing N N 169 
ILE CB  CG2  sing N N 170 
ILE CB  HB   sing N N 171 
ILE CG1 CD1  sing N N 172 
ILE CG1 HG12 sing N N 173 
ILE CG1 HG13 sing N N 174 
ILE CG2 HG21 sing N N 175 
ILE CG2 HG22 sing N N 176 
ILE CG2 HG23 sing N N 177 
ILE CD1 HD11 sing N N 178 
ILE CD1 HD12 sing N N 179 
ILE CD1 HD13 sing N N 180 
ILE OXT HXT  sing N N 181 
LEU N   CA   sing N N 182 
LEU N   H    sing N N 183 
LEU N   H2   sing N N 184 
LEU CA  C    sing N N 185 
LEU CA  CB   sing N N 186 
LEU CA  HA   sing N N 187 
LEU C   O    doub N N 188 
LEU C   OXT  sing N N 189 
LEU CB  CG   sing N N 190 
LEU CB  HB2  sing N N 191 
LEU CB  HB3  sing N N 192 
LEU CG  CD1  sing N N 193 
LEU CG  CD2  sing N N 194 
LEU CG  HG   sing N N 195 
LEU CD1 HD11 sing N N 196 
LEU CD1 HD12 sing N N 197 
LEU CD1 HD13 sing N N 198 
LEU CD2 HD21 sing N N 199 
LEU CD2 HD22 sing N N 200 
LEU CD2 HD23 sing N N 201 
LEU OXT HXT  sing N N 202 
LYS N   CA   sing N N 203 
LYS N   H    sing N N 204 
LYS N   H2   sing N N 205 
LYS CA  C    sing N N 206 
LYS CA  CB   sing N N 207 
LYS CA  HA   sing N N 208 
LYS C   O    doub N N 209 
LYS C   OXT  sing N N 210 
LYS CB  CG   sing N N 211 
LYS CB  HB2  sing N N 212 
LYS CB  HB3  sing N N 213 
LYS CG  CD   sing N N 214 
LYS CG  HG2  sing N N 215 
LYS CG  HG3  sing N N 216 
LYS CD  CE   sing N N 217 
LYS CD  HD2  sing N N 218 
LYS CD  HD3  sing N N 219 
LYS CE  NZ   sing N N 220 
LYS CE  HE2  sing N N 221 
LYS CE  HE3  sing N N 222 
LYS NZ  HZ1  sing N N 223 
LYS NZ  HZ2  sing N N 224 
LYS NZ  HZ3  sing N N 225 
LYS OXT HXT  sing N N 226 
MET N   CA   sing N N 227 
MET N   H    sing N N 228 
MET N   H2   sing N N 229 
MET CA  C    sing N N 230 
MET CA  CB   sing N N 231 
MET CA  HA   sing N N 232 
MET C   O    doub N N 233 
MET C   OXT  sing N N 234 
MET CB  CG   sing N N 235 
MET CB  HB2  sing N N 236 
MET CB  HB3  sing N N 237 
MET CG  SD   sing N N 238 
MET CG  HG2  sing N N 239 
MET CG  HG3  sing N N 240 
MET SD  CE   sing N N 241 
MET CE  HE1  sing N N 242 
MET CE  HE2  sing N N 243 
MET CE  HE3  sing N N 244 
MET OXT HXT  sing N N 245 
MSE N   CA   sing N N 246 
MSE N   H    sing N N 247 
MSE N   H2   sing N N 248 
MSE CA  C    sing N N 249 
MSE CA  CB   sing N N 250 
MSE CA  HA   sing N N 251 
MSE C   O    doub N N 252 
MSE C   OXT  sing N N 253 
MSE OXT HXT  sing N N 254 
MSE CB  CG   sing N N 255 
MSE CB  HB2  sing N N 256 
MSE CB  HB3  sing N N 257 
MSE CG  SE   sing N N 258 
MSE CG  HG2  sing N N 259 
MSE CG  HG3  sing N N 260 
MSE SE  CE   sing N N 261 
MSE CE  HE1  sing N N 262 
MSE CE  HE2  sing N N 263 
MSE CE  HE3  sing N N 264 
PHE N   CA   sing N N 265 
PHE N   H    sing N N 266 
PHE N   H2   sing N N 267 
PHE CA  C    sing N N 268 
PHE CA  CB   sing N N 269 
PHE CA  HA   sing N N 270 
PHE C   O    doub N N 271 
PHE C   OXT  sing N N 272 
PHE CB  CG   sing N N 273 
PHE CB  HB2  sing N N 274 
PHE CB  HB3  sing N N 275 
PHE CG  CD1  doub Y N 276 
PHE CG  CD2  sing Y N 277 
PHE CD1 CE1  sing Y N 278 
PHE CD1 HD1  sing N N 279 
PHE CD2 CE2  doub Y N 280 
PHE CD2 HD2  sing N N 281 
PHE CE1 CZ   doub Y N 282 
PHE CE1 HE1  sing N N 283 
PHE CE2 CZ   sing Y N 284 
PHE CE2 HE2  sing N N 285 
PHE CZ  HZ   sing N N 286 
PHE OXT HXT  sing N N 287 
PRO N   CA   sing N N 288 
PRO N   CD   sing N N 289 
PRO N   H    sing N N 290 
PRO CA  C    sing N N 291 
PRO CA  CB   sing N N 292 
PRO CA  HA   sing N N 293 
PRO C   O    doub N N 294 
PRO C   OXT  sing N N 295 
PRO CB  CG   sing N N 296 
PRO CB  HB2  sing N N 297 
PRO CB  HB3  sing N N 298 
PRO CG  CD   sing N N 299 
PRO CG  HG2  sing N N 300 
PRO CG  HG3  sing N N 301 
PRO CD  HD2  sing N N 302 
PRO CD  HD3  sing N N 303 
PRO OXT HXT  sing N N 304 
SER N   CA   sing N N 305 
SER N   H    sing N N 306 
SER N   H2   sing N N 307 
SER CA  C    sing N N 308 
SER CA  CB   sing N N 309 
SER CA  HA   sing N N 310 
SER C   O    doub N N 311 
SER C   OXT  sing N N 312 
SER CB  OG   sing N N 313 
SER CB  HB2  sing N N 314 
SER CB  HB3  sing N N 315 
SER OG  HG   sing N N 316 
SER OXT HXT  sing N N 317 
THR N   CA   sing N N 318 
THR N   H    sing N N 319 
THR N   H2   sing N N 320 
THR CA  C    sing N N 321 
THR CA  CB   sing N N 322 
THR CA  HA   sing N N 323 
THR C   O    doub N N 324 
THR C   OXT  sing N N 325 
THR CB  OG1  sing N N 326 
THR CB  CG2  sing N N 327 
THR CB  HB   sing N N 328 
THR OG1 HG1  sing N N 329 
THR CG2 HG21 sing N N 330 
THR CG2 HG22 sing N N 331 
THR CG2 HG23 sing N N 332 
THR OXT HXT  sing N N 333 
TRP N   CA   sing N N 334 
TRP N   H    sing N N 335 
TRP N   H2   sing N N 336 
TRP CA  C    sing N N 337 
TRP CA  CB   sing N N 338 
TRP CA  HA   sing N N 339 
TRP C   O    doub N N 340 
TRP C   OXT  sing N N 341 
TRP CB  CG   sing N N 342 
TRP CB  HB2  sing N N 343 
TRP CB  HB3  sing N N 344 
TRP CG  CD1  doub Y N 345 
TRP CG  CD2  sing Y N 346 
TRP CD1 NE1  sing Y N 347 
TRP CD1 HD1  sing N N 348 
TRP CD2 CE2  doub Y N 349 
TRP CD2 CE3  sing Y N 350 
TRP NE1 CE2  sing Y N 351 
TRP NE1 HE1  sing N N 352 
TRP CE2 CZ2  sing Y N 353 
TRP CE3 CZ3  doub Y N 354 
TRP CE3 HE3  sing N N 355 
TRP CZ2 CH2  doub Y N 356 
TRP CZ2 HZ2  sing N N 357 
TRP CZ3 CH2  sing Y N 358 
TRP CZ3 HZ3  sing N N 359 
TRP CH2 HH2  sing N N 360 
TRP OXT HXT  sing N N 361 
TYR N   CA   sing N N 362 
TYR N   H    sing N N 363 
TYR N   H2   sing N N 364 
TYR CA  C    sing N N 365 
TYR CA  CB   sing N N 366 
TYR CA  HA   sing N N 367 
TYR C   O    doub N N 368 
TYR C   OXT  sing N N 369 
TYR CB  CG   sing N N 370 
TYR CB  HB2  sing N N 371 
TYR CB  HB3  sing N N 372 
TYR CG  CD1  doub Y N 373 
TYR CG  CD2  sing Y N 374 
TYR CD1 CE1  sing Y N 375 
TYR CD1 HD1  sing N N 376 
TYR CD2 CE2  doub Y N 377 
TYR CD2 HD2  sing N N 378 
TYR CE1 CZ   doub Y N 379 
TYR CE1 HE1  sing N N 380 
TYR CE2 CZ   sing Y N 381 
TYR CE2 HE2  sing N N 382 
TYR CZ  OH   sing N N 383 
TYR OH  HH   sing N N 384 
TYR OXT HXT  sing N N 385 
VAL N   CA   sing N N 386 
VAL N   H    sing N N 387 
VAL N   H2   sing N N 388 
VAL CA  C    sing N N 389 
VAL CA  CB   sing N N 390 
VAL CA  HA   sing N N 391 
VAL C   O    doub N N 392 
VAL C   OXT  sing N N 393 
VAL CB  CG1  sing N N 394 
VAL CB  CG2  sing N N 395 
VAL CB  HB   sing N N 396 
VAL CG1 HG11 sing N N 397 
VAL CG1 HG12 sing N N 398 
VAL CG1 HG13 sing N N 399 
VAL CG2 HG21 sing N N 400 
VAL CG2 HG22 sing N N 401 
VAL CG2 HG23 sing N N 402 
VAL OXT HXT  sing N N 403 
# 
_atom_sites.entry_id                    2B0V 
_atom_sites.fract_transf_matrix[1][1]   -0.01264359 
_atom_sites.fract_transf_matrix[1][2]   0.00779658 
_atom_sites.fract_transf_matrix[1][3]   0.01022634 
_atom_sites.fract_transf_matrix[2][1]   0.00444977 
_atom_sites.fract_transf_matrix[2][2]   0.01353140 
_atom_sites.fract_transf_matrix[2][3]   -0.00481479 
_atom_sites.fract_transf_matrix[3][1]   -0.00878931 
_atom_sites.fract_transf_matrix[3][2]   -0.00076801 
_atom_sites.fract_transf_matrix[3][3]   -0.01028136 
_atom_sites.fract_transf_vector[1]      0.322208 
_atom_sites.fract_transf_vector[2]      0.210966 
_atom_sites.fract_transf_vector[3]      0.098121 
# 
loop_
_atom_type.symbol 
C  
CL 
N  
NA 
O  
S  
SE 
# 
loop_
_atom_site.group_PDB 
_atom_site.id 
_atom_site.type_symbol 
_atom_site.label_atom_id 
_atom_site.label_alt_id 
_atom_site.label_comp_id 
_atom_site.label_asym_id 
_atom_site.label_entity_id 
_atom_site.label_seq_id 
_atom_site.pdbx_PDB_ins_code 
_atom_site.Cartn_x 
_atom_site.Cartn_y 
_atom_site.Cartn_z 
_atom_site.occupancy 
_atom_site.B_iso_or_equiv 
_atom_site.pdbx_formal_charge 
_atom_site.auth_seq_id 
_atom_site.auth_comp_id 
_atom_site.auth_asym_id 
_atom_site.auth_atom_id 
_atom_site.pdbx_PDB_model_num 
ATOM   1    N  N   . LYS A 1 6   ? -19.281 -7.116  -1.204  1.00 31.49 ? 4   LYS A N   1 
ATOM   2    C  CA  . LYS A 1 6   ? -18.707 -8.395  -1.738  1.00 30.24 ? 4   LYS A CA  1 
ATOM   3    C  C   . LYS A 1 6   ? -17.286 -8.270  -2.387  1.00 29.29 ? 4   LYS A C   1 
ATOM   4    O  O   . LYS A 1 6   ? -16.500 -9.219  -2.311  1.00 29.09 ? 4   LYS A O   1 
ATOM   5    C  CB  . LYS A 1 6   ? -19.712 -9.134  -2.644  1.00 31.06 ? 4   LYS A CB  1 
ATOM   6    C  CG  . LYS A 1 6   ? -21.184 -8.651  -2.590  1.00 33.25 ? 4   LYS A CG  1 
ATOM   7    C  CD  . LYS A 1 6   ? -21.871 -8.991  -1.281  1.00 38.58 ? 4   LYS A CD  1 
ATOM   8    C  CE  . LYS A 1 6   ? -22.681 -10.287 -1.388  1.00 39.12 ? 4   LYS A CE  1 
ATOM   9    N  NZ  . LYS A 1 6   ? -22.944 -10.871 -0.036  1.00 41.47 ? 4   LYS A NZ  1 
ATOM   10   N  N   . PRO A 1 7   ? -16.940 -7.117  -3.036  1.00 27.05 ? 5   PRO A N   1 
ATOM   11   C  CA  . PRO A 1 7   ? -15.507 -6.952  -3.294  1.00 25.31 ? 5   PRO A CA  1 
ATOM   12   C  C   . PRO A 1 7   ? -14.796 -6.783  -1.950  1.00 22.77 ? 5   PRO A C   1 
ATOM   13   O  O   . PRO A 1 7   ? -15.416 -6.304  -1.007  1.00 21.82 ? 5   PRO A O   1 
ATOM   14   C  CB  . PRO A 1 7   ? -15.440 -5.626  -4.069  1.00 25.26 ? 5   PRO A CB  1 
ATOM   15   C  CG  . PRO A 1 7   ? -16.704 -4.892  -3.671  1.00 27.39 ? 5   PRO A CG  1 
ATOM   16   C  CD  . PRO A 1 7   ? -17.720 -5.996  -3.598  1.00 27.65 ? 5   PRO A CD  1 
ATOM   17   N  N   . ASN A 1 8   ? -13.531 -7.172  -1.859  1.00 21.39 ? 6   ASN A N   1 
ATOM   18   C  CA  . ASN A 1 8   ? -12.745 -6.920  -0.642  1.00 21.09 ? 6   ASN A CA  1 
ATOM   19   C  C   . ASN A 1 8   ? -12.110 -5.544  -0.690  1.00 19.15 ? 6   ASN A C   1 
ATOM   20   O  O   . ASN A 1 8   ? -11.392 -5.231  -1.633  1.00 20.43 ? 6   ASN A O   1 
ATOM   21   C  CB  . ASN A 1 8   ? -11.688 -7.976  -0.460  1.00 22.12 ? 6   ASN A CB  1 
ATOM   22   C  CG  . ASN A 1 8   ? -12.297 -9.336  -0.195  1.00 26.56 ? 6   ASN A CG  1 
ATOM   23   O  OD1 . ASN A 1 8   ? -12.557 -9.682  0.953   1.00 33.10 ? 6   ASN A OD1 1 
ATOM   24   N  ND2 . ASN A 1 8   ? -12.613 -10.065 -1.255  1.00 27.63 ? 6   ASN A ND2 1 
ATOM   25   N  N   . VAL A 1 9   ? -12.315 -4.746  0.346   1.00 18.62 ? 7   VAL A N   1 
ATOM   26   C  CA  . VAL A 1 9   ? -11.757 -3.387  0.357   1.00 16.64 ? 7   VAL A CA  1 
ATOM   27   C  C   . VAL A 1 9   ? -10.369 -3.423  0.965   1.00 16.66 ? 7   VAL A C   1 
ATOM   28   O  O   . VAL A 1 9   ? -10.153 -3.983  2.063   1.00 15.92 ? 7   VAL A O   1 
ATOM   29   C  CB  . VAL A 1 9   ? -12.675 -2.425  1.122   1.00 16.22 ? 7   VAL A CB  1 
ATOM   30   C  CG1 . VAL A 1 9   ? -12.014 -1.033  1.229   1.00 16.68 ? 7   VAL A CG1 1 
ATOM   31   C  CG2 . VAL A 1 9   ? -14.043 -2.349  0.396   1.00 18.72 ? 7   VAL A CG2 1 
ATOM   32   N  N   . THR A 1 10  ? -9.425  -2.873  0.223   1.00 14.69 ? 8   THR A N   1 
ATOM   33   C  CA  . THR A 1 10  ? -8.031  -2.908  0.658   1.00 14.01 ? 8   THR A CA  1 
ATOM   34   C  C   . THR A 1 10  ? -7.511  -1.477  0.570   1.00 14.46 ? 8   THR A C   1 
ATOM   35   O  O   . THR A 1 10  ? -8.117  -0.589  -0.073  1.00 14.36 ? 8   THR A O   1 
ATOM   36   C  CB  . THR A 1 10  ? -7.123  -3.797  -0.239  1.00 15.91 ? 8   THR A CB  1 
ATOM   37   O  OG1 . THR A 1 10  ? -7.187  -3.312  -1.586  1.00 15.04 ? 8   THR A OG1 1 
ATOM   38   C  CG2 . THR A 1 10  ? -7.615  -5.273  -0.198  1.00 17.07 ? 8   THR A CG2 1 
ATOM   39   N  N   . VAL A 1 11  ? -6.335  -1.281  1.145   1.00 13.83 ? 9   VAL A N   1 
ATOM   40   C  CA  . VAL A 1 11  ? -5.680  0.036   1.112   1.00 14.34 ? 9   VAL A CA  1 
ATOM   41   C  C   . VAL A 1 11  ? -4.200  -0.162  0.770   1.00 15.17 ? 9   VAL A C   1 
ATOM   42   O  O   . VAL A 1 11  ? -3.645  -1.239  1.006   1.00 15.09 ? 9   VAL A O   1 
ATOM   43   C  CB  . VAL A 1 11  ? -5.779  0.753   2.467   1.00 15.25 ? 9   VAL A CB  1 
ATOM   44   C  CG1 . VAL A 1 11  ? -7.225  1.090   2.771   1.00 16.61 ? 9   VAL A CG1 1 
ATOM   45   C  CG2 . VAL A 1 11  ? -5.138  -0.127  3.580   1.00 14.73 ? 9   VAL A CG2 1 
ATOM   46   N  N   . ALA A 1 12  ? -3.579  0.868   0.209   1.00 12.63 ? 10  ALA A N   1 
ATOM   47   C  CA  . ALA A 1 12  ? -2.170  0.804   -0.122  1.00 12.46 ? 10  ALA A CA  1 
ATOM   48   C  C   . ALA A 1 12  ? -1.590  2.198   -0.088  1.00 12.21 ? 10  ALA A C   1 
ATOM   49   O  O   . ALA A 1 12  ? -2.305  3.165   -0.321  1.00 14.12 ? 10  ALA A O   1 
ATOM   50   C  CB  . ALA A 1 12  ? -2.000  0.199   -1.511  1.00 13.35 ? 10  ALA A CB  1 
ATOM   51   N  N   . ALA A 1 13  ? -0.301  2.312   0.234   1.00 12.35 ? 11  ALA A N   1 
ATOM   52   C  CA  . ALA A 1 13  ? 0.364   3.600   0.362   1.00 12.92 ? 11  ALA A CA  1 
ATOM   53   C  C   . ALA A 1 13  ? 1.495   3.730   -0.612  1.00 14.09 ? 11  ALA A C   1 
ATOM   54   O  O   . ALA A 1 13  ? 2.375   2.843   -0.662  1.00 14.21 ? 11  ALA A O   1 
ATOM   55   C  CB  . ALA A 1 13  ? 0.927   3.751   1.811   1.00 13.48 ? 11  ALA A CB  1 
ATOM   56   N  N   . VAL A 1 14  ? 1.483   4.843   -1.361  1.00 14.08 ? 12  VAL A N   1 
ATOM   57   C  CA  . VAL A 1 14  ? 2.588   5.260   -2.195  1.00 15.35 ? 12  VAL A CA  1 
ATOM   58   C  C   . VAL A 1 14  ? 3.386   6.270   -1.398  1.00 15.31 ? 12  VAL A C   1 
ATOM   59   O  O   . VAL A 1 14  ? 2.903   7.380   -1.126  1.00 15.75 ? 12  VAL A O   1 
ATOM   60   C  CB  . VAL A 1 14  ? 2.121   5.847   -3.563  1.00 16.71 ? 12  VAL A CB  1 
ATOM   61   C  CG1 . VAL A 1 14  ? 3.323   6.376   -4.364  1.00 16.00 ? 12  VAL A CG1 1 
ATOM   62   C  CG2 . VAL A 1 14  ? 1.377   4.769   -4.382  1.00 17.99 ? 12  VAL A CG2 1 
ATOM   63   N  N   . ILE A 1 15  ? 4.586   5.858   -0.982  1.00 15.29 ? 13  ILE A N   1 
ATOM   64   C  CA  . ILE A 1 15  ? 5.442   6.699   -0.133  1.00 16.68 ? 13  ILE A CA  1 
ATOM   65   C  C   . ILE A 1 15  ? 6.732   6.957   -0.903  1.00 17.06 ? 13  ILE A C   1 
ATOM   66   O  O   . ILE A 1 15  ? 7.546   6.057   -1.049  1.00 15.28 ? 13  ILE A O   1 
ATOM   67   C  CB  . ILE A 1 15  ? 5.758   5.983   1.202   1.00 16.10 ? 13  ILE A CB  1 
ATOM   68   C  CG1 . ILE A 1 15  ? 4.457   5.731   1.990   1.00 17.61 ? 13  ILE A CG1 1 
ATOM   69   C  CG2 . ILE A 1 15  ? 6.722   6.860   2.057   1.00 18.09 ? 13  ILE A CG2 1 
ATOM   70   C  CD1 . ILE A 1 15  ? 4.558   4.538   2.958   1.00 18.22 ? 13  ILE A CD1 1 
ATOM   71   N  N   . GLU A 1 16  ? 6.898   8.184   -1.391  1.00 18.73 ? 14  GLU A N   1 
ATOM   72   C  CA  . GLU A 1 16  ? 8.012   8.583   -2.291  1.00 20.18 ? 14  GLU A CA  1 
ATOM   73   C  C   . GLU A 1 16  ? 8.810   9.659   -1.599  1.00 21.99 ? 14  GLU A C   1 
ATOM   74   O  O   . GLU A 1 16  ? 8.246   10.641  -1.120  1.00 21.86 ? 14  GLU A O   1 
ATOM   75   C  CB  . GLU A 1 16  ? 7.451   9.147   -3.611  1.00 20.52 ? 14  GLU A CB  1 
ATOM   76   C  CG  . GLU A 1 16  ? 8.502   9.503   -4.682  1.00 22.98 ? 14  GLU A CG  1 
ATOM   77   C  CD  . GLU A 1 16  ? 8.727   11.006  -4.773  1.00 27.25 ? 14  GLU A CD  1 
ATOM   78   O  OE1 . GLU A 1 16  ? 7.711   11.752  -4.844  1.00 28.19 ? 14  GLU A OE1 1 
ATOM   79   O  OE2 . GLU A 1 16  ? 9.920   11.438  -4.745  1.00 27.70 ? 14  GLU A OE2 1 
ATOM   80   N  N   . GLN A 1 17  ? 10.116  9.468   -1.540  1.00 23.79 ? 15  GLN A N   1 
ATOM   81   C  CA  . GLN A 1 17  ? 11.021  10.417  -0.922  1.00 27.48 ? 15  GLN A CA  1 
ATOM   82   C  C   . GLN A 1 17  ? 12.253  10.424  -1.803  1.00 27.66 ? 15  GLN A C   1 
ATOM   83   O  O   . GLN A 1 17  ? 12.889  9.379   -2.006  1.00 27.59 ? 15  GLN A O   1 
ATOM   84   C  CB  . GLN A 1 17  ? 11.328  9.969   0.512   1.00 27.59 ? 15  GLN A CB  1 
ATOM   85   C  CG  . GLN A 1 17  ? 12.056  10.972  1.390   1.00 32.81 ? 15  GLN A CG  1 
ATOM   86   C  CD  . GLN A 1 17  ? 12.195  10.482  2.846   1.00 37.92 ? 15  GLN A CD  1 
ATOM   87   O  OE1 . GLN A 1 17  ? 11.295  9.826   3.404   1.00 39.63 ? 15  GLN A OE1 1 
ATOM   88   N  NE2 . GLN A 1 17  ? 13.314  10.835  3.472   1.00 40.64 ? 15  GLN A NE2 1 
ATOM   89   N  N   . ASP A 1 18  ? 12.540  11.590  -2.393  1.00 28.71 ? 16  ASP A N   1 
ATOM   90   C  CA  . ASP A 1 18  ? 13.668  11.754  -3.314  1.00 29.56 ? 16  ASP A CA  1 
ATOM   91   C  C   . ASP A 1 18  ? 13.740  10.675  -4.429  1.00 28.96 ? 16  ASP A C   1 
ATOM   92   O  O   . ASP A 1 18  ? 14.810  10.086  -4.672  1.00 29.58 ? 16  ASP A O   1 
ATOM   93   C  CB  . ASP A 1 18  ? 15.010  11.821  -2.551  1.00 30.11 ? 16  ASP A CB  1 
ATOM   94   C  CG  . ASP A 1 18  ? 15.021  12.865  -1.408  1.00 33.08 ? 16  ASP A CG  1 
ATOM   95   O  OD1 . ASP A 1 18  ? 14.369  13.944  -1.494  1.00 34.31 ? 16  ASP A OD1 1 
ATOM   96   O  OD2 . ASP A 1 18  ? 15.725  12.605  -0.407  1.00 37.00 ? 16  ASP A OD2 1 
ATOM   97   N  N   . ASP A 1 19  ? 12.604  10.433  -5.094  1.00 27.98 ? 17  ASP A N   1 
ATOM   98   C  CA  . ASP A 1 19  ? 12.520  9.527   -6.260  1.00 27.25 ? 17  ASP A CA  1 
ATOM   99   C  C   . ASP A 1 19  ? 12.717  8.044   -5.903  1.00 25.95 ? 17  ASP A C   1 
ATOM   100  O  O   . ASP A 1 19  ? 12.903  7.216   -6.783  1.00 27.04 ? 17  ASP A O   1 
ATOM   101  C  CB  . ASP A 1 19  ? 13.467  9.972   -7.404  1.00 27.46 ? 17  ASP A CB  1 
ATOM   102  C  CG  . ASP A 1 19  ? 13.334  11.454  -7.715  1.00 29.95 ? 17  ASP A CG  1 
ATOM   103  O  OD1 . ASP A 1 19  ? 12.226  11.887  -8.080  1.00 31.66 ? 17  ASP A OD1 1 
ATOM   104  O  OD2 . ASP A 1 19  ? 14.325  12.188  -7.557  1.00 31.96 ? 17  ASP A OD2 1 
ATOM   105  N  N   . LYS A 1 20  ? 12.626  7.716   -4.614  1.00 23.03 ? 18  LYS A N   1 
ATOM   106  C  CA  . LYS A 1 20  ? 12.546  6.319   -4.169  1.00 21.36 ? 18  LYS A CA  1 
ATOM   107  C  C   . LYS A 1 20  ? 11.246  6.038   -3.433  1.00 19.77 ? 18  LYS A C   1 
ATOM   108  O  O   . LYS A 1 20  ? 10.656  6.951   -2.820  1.00 19.58 ? 18  LYS A O   1 
ATOM   109  C  CB  . LYS A 1 20  ? 13.712  5.986   -3.259  1.00 21.54 ? 18  LYS A CB  1 
ATOM   110  C  CG  . LYS A 1 20  ? 15.065  6.209   -3.922  1.00 22.78 ? 18  LYS A CG  1 
ATOM   111  C  CD  . LYS A 1 20  ? 16.128  5.560   -3.125  1.00 24.52 ? 18  LYS A CD  1 
ATOM   112  C  CE  . LYS A 1 20  ? 17.523  5.819   -3.705  1.00 25.20 ? 18  LYS A CE  1 
ATOM   113  N  NZ  . LYS A 1 20  ? 17.771  7.290   -3.677  1.00 25.83 ? 18  LYS A NZ  1 
ATOM   114  N  N   . TYR A 1 21  ? 10.795  4.789   -3.497  1.00 17.15 ? 19  TYR A N   1 
ATOM   115  C  CA  . TYR A 1 21  ? 9.510   4.407   -2.900  1.00 16.23 ? 19  TYR A CA  1 
ATOM   116  C  C   . TYR A 1 21  ? 9.712   3.371   -1.810  1.00 16.22 ? 19  TYR A C   1 
ATOM   117  O  O   . TYR A 1 21  ? 10.448  2.414   -2.004  1.00 15.14 ? 19  TYR A O   1 
ATOM   118  C  CB  . TYR A 1 21  ? 8.576   3.824   -3.957  1.00 16.04 ? 19  TYR A CB  1 
ATOM   119  C  CG  . TYR A 1 21  ? 8.213   4.805   -5.042  1.00 16.51 ? 19  TYR A CG  1 
ATOM   120  C  CD1 . TYR A 1 21  ? 7.054   5.564   -4.939  1.00 16.85 ? 19  TYR A CD1 1 
ATOM   121  C  CD2 . TYR A 1 21  ? 9.027   4.970   -6.164  1.00 17.46 ? 19  TYR A CD2 1 
ATOM   122  C  CE1 . TYR A 1 21  ? 6.701   6.482   -5.939  1.00 18.11 ? 19  TYR A CE1 1 
ATOM   123  C  CE2 . TYR A 1 21  ? 8.690   5.881   -7.177  1.00 19.85 ? 19  TYR A CE2 1 
ATOM   124  C  CZ  . TYR A 1 21  ? 7.533   6.632   -7.056  1.00 20.15 ? 19  TYR A CZ  1 
ATOM   125  O  OH  . TYR A 1 21  ? 7.207   7.528   -8.053  1.00 21.58 ? 19  TYR A OH  1 
ATOM   126  N  N   . LEU A 1 22  ? 9.026   3.555   -0.668  1.00 15.29 ? 20  LEU A N   1 
ATOM   127  C  CA  . LEU A 1 22  ? 9.053   2.565   0.397   1.00 14.42 ? 20  LEU A CA  1 
ATOM   128  C  C   . LEU A 1 22  ? 8.101   1.408   0.061   1.00 14.63 ? 20  LEU A C   1 
ATOM   129  O  O   . LEU A 1 22  ? 6.861   1.591   0.038   1.00 13.11 ? 20  LEU A O   1 
ATOM   130  C  CB  . LEU A 1 22  ? 8.611   3.194   1.743   1.00 15.50 ? 20  LEU A CB  1 
ATOM   131  C  CG  . LEU A 1 22  ? 8.761   2.316   2.988   1.00 14.33 ? 20  LEU A CG  1 
ATOM   132  C  CD1 . LEU A 1 22  ? 10.201  1.821   3.220   1.00 14.03 ? 20  LEU A CD1 1 
ATOM   133  C  CD2 . LEU A 1 22  ? 8.207   3.115   4.207   1.00 17.43 ? 20  LEU A CD2 1 
ATOM   134  N  N   . LEU A 1 23  ? 8.687   0.219   -0.152  1.00 13.96 ? 21  LEU A N   1 
ATOM   135  C  CA  . LEU A 1 23  ? 7.949   -0.972  -0.538  1.00 12.92 ? 21  LEU A CA  1 
ATOM   136  C  C   . LEU A 1 23  ? 8.291   -2.080  0.395   1.00 13.58 ? 21  LEU A C   1 
ATOM   137  O  O   . LEU A 1 23  ? 9.295   -2.007  1.132   1.00 16.31 ? 21  LEU A O   1 
ATOM   138  C  CB  . LEU A 1 23  ? 8.312   -1.399  -1.969  1.00 14.03 ? 21  LEU A CB  1 
ATOM   139  C  CG  . LEU A 1 23  ? 8.007   -0.397  -3.101  1.00 12.73 ? 21  LEU A CG  1 
ATOM   140  C  CD1 . LEU A 1 23  ? 8.537   -0.910  -4.487  1.00 13.50 ? 21  LEU A CD1 1 
ATOM   141  C  CD2 . LEU A 1 23  ? 6.489   -0.001  -3.167  1.00 15.28 ? 21  LEU A CD2 1 
ATOM   142  N  N   . VAL A 1 24  ? 7.514   -3.143  0.328   1.00 15.09 ? 22  VAL A N   1 
ATOM   143  C  CA  . VAL A 1 24  ? 7.830   -4.311  1.136   1.00 15.68 ? 22  VAL A CA  1 
ATOM   144  C  C   . VAL A 1 24  ? 8.107   -5.505  0.245   1.00 15.89 ? 22  VAL A C   1 
ATOM   145  O  O   . VAL A 1 24  ? 7.480   -5.649  -0.803  1.00 15.28 ? 22  VAL A O   1 
ATOM   146  C  CB  . VAL A 1 24  ? 6.716   -4.659  2.166   1.00 16.34 ? 22  VAL A CB  1 
ATOM   147  C  CG1 . VAL A 1 24  ? 6.570   -3.548  3.215   1.00 18.67 ? 22  VAL A CG1 1 
ATOM   148  C  CG2 . VAL A 1 24  ? 5.397   -4.954  1.467   1.00 15.99 ? 22  VAL A CG2 1 
ATOM   149  N  N   . GLU A 1 25  ? 9.069   -6.342  0.654   1.00 16.91 ? 23  GLU A N   1 
ATOM   150  C  CA  . GLU A 1 25  ? 9.180   -7.695  0.119   1.00 16.53 ? 23  GLU A CA  1 
ATOM   151  C  C   . GLU A 1 25  ? 8.458   -8.600  1.103   1.00 15.80 ? 23  GLU A C   1 
ATOM   152  O  O   . GLU A 1 25  ? 8.701   -8.552  2.309   1.00 16.74 ? 23  GLU A O   1 
ATOM   153  C  CB  . GLU A 1 25  ? 10.650  -8.097  -0.052  1.00 17.10 ? 23  GLU A CB  1 
ATOM   154  C  CG  . GLU A 1 25  ? 11.311  -7.187  -1.078  1.00 19.97 ? 23  GLU A CG  1 
ATOM   155  C  CD  . GLU A 1 25  ? 12.784  -7.480  -1.319  1.00 26.79 ? 23  GLU A CD  1 
ATOM   156  O  OE1 . GLU A 1 25  ? 13.467  -7.996  -0.399  1.00 31.01 ? 23  GLU A OE1 1 
ATOM   157  O  OE2 . GLU A 1 25  ? 13.227  -7.207  -2.454  1.00 31.37 ? 23  GLU A OE2 1 
ATOM   158  N  N   . GLU A 1 26  ? 7.524   -9.387  0.583   1.00 16.49 ? 24  GLU A N   1 
ATOM   159  C  CA  . GLU A 1 26  ? 6.604   -10.146 1.428   1.00 16.61 ? 24  GLU A CA  1 
ATOM   160  C  C   . GLU A 1 26  ? 6.362   -11.529 0.828   1.00 17.32 ? 24  GLU A C   1 
ATOM   161  O  O   . GLU A 1 26  ? 6.569   -11.751 -0.368  1.00 18.12 ? 24  GLU A O   1 
ATOM   162  C  CB  . GLU A 1 26  ? 5.269   -9.397  1.572   1.00 17.67 ? 24  GLU A CB  1 
ATOM   163  C  CG  . GLU A 1 26  ? 4.514   -9.259  0.229   1.00 20.51 ? 24  GLU A CG  1 
ATOM   164  C  CD  . GLU A 1 26  ? 3.336   -8.304  0.337   1.00 26.01 ? 24  GLU A CD  1 
ATOM   165  O  OE1 . GLU A 1 26  ? 3.287   -7.526  1.336   1.00 28.48 ? 24  GLU A OE1 1 
ATOM   166  O  OE2 . GLU A 1 26  ? 2.486   -8.338  -0.584  1.00 24.45 ? 24  GLU A OE2 1 
ATOM   167  N  N   . ILE A 1 27  ? 5.972   -12.458 1.688   1.00 18.58 ? 25  ILE A N   1 
ATOM   168  C  CA  . ILE A 1 27  ? 5.638   -13.807 1.234   1.00 19.76 ? 25  ILE A CA  1 
ATOM   169  C  C   . ILE A 1 27  ? 4.161   -13.999 1.583   1.00 22.31 ? 25  ILE A C   1 
ATOM   170  O  O   . ILE A 1 27  ? 3.841   -14.338 2.730   1.00 22.01 ? 25  ILE A O   1 
ATOM   171  C  CB  . ILE A 1 27  ? 6.519   -14.853 1.920   1.00 19.90 ? 25  ILE A CB  1 
ATOM   172  C  CG1 . ILE A 1 27  ? 7.997   -14.550 1.638   1.00 20.38 ? 25  ILE A CG1 1 
ATOM   173  C  CG2 . ILE A 1 27  ? 6.138   -16.244 1.457   1.00 18.79 ? 25  ILE A CG2 1 
ATOM   174  C  CD1 . ILE A 1 27  ? 8.982   -15.481 2.350   1.00 22.55 ? 25  ILE A CD1 1 
ATOM   175  N  N   . PRO A 1 28  ? 3.257   -13.761 0.605   1.00 24.44 ? 26  PRO A N   1 
ATOM   176  C  CA  . PRO A 1 28  ? 1.801   -13.823 0.878   1.00 26.40 ? 26  PRO A CA  1 
ATOM   177  C  C   . PRO A 1 28  ? 1.278   -15.231 1.115   1.00 28.12 ? 26  PRO A C   1 
ATOM   178  O  O   . PRO A 1 28  ? 0.288   -15.420 1.844   1.00 29.76 ? 26  PRO A O   1 
ATOM   179  C  CB  . PRO A 1 28  ? 1.161   -13.262 -0.411  1.00 26.37 ? 26  PRO A CB  1 
ATOM   180  C  CG  . PRO A 1 28  ? 2.270   -12.645 -1.181  1.00 26.42 ? 26  PRO A CG  1 
ATOM   181  C  CD  . PRO A 1 28  ? 3.530   -13.396 -0.794  1.00 25.03 ? 26  PRO A CD  1 
ATOM   182  N  N   . ARG A 1 29  ? 1.903   -16.208 0.475   1.00 28.80 ? 27  ARG A N   1 
ATOM   183  C  CA  . ARG A 1 29  ? 1.528   -17.601 0.637   1.00 30.08 ? 27  ARG A CA  1 
ATOM   184  C  C   . ARG A 1 29  ? 2.746   -18.375 0.232   1.00 29.46 ? 27  ARG A C   1 
ATOM   185  O  O   . ARG A 1 29  ? 3.625   -17.840 -0.457  1.00 29.91 ? 27  ARG A O   1 
ATOM   186  C  CB  . ARG A 1 29  ? 0.330   -17.968 -0.262  1.00 31.32 ? 27  ARG A CB  1 
ATOM   187  C  CG  . ARG A 1 29  ? 0.613   -17.939 -1.775  1.00 34.61 ? 27  ARG A CG  1 
ATOM   188  C  CD  . ARG A 1 29  ? -0.678  -17.996 -2.624  1.00 39.76 ? 27  ARG A CD  1 
ATOM   189  N  NE  . ARG A 1 29  ? -1.718  -17.100 -2.096  1.00 44.06 ? 27  ARG A NE  1 
ATOM   190  C  CZ  . ARG A 1 29  ? -1.809  -15.792 -2.353  1.00 45.83 ? 27  ARG A CZ  1 
ATOM   191  N  NH1 . ARG A 1 29  ? -0.935  -15.201 -3.167  1.00 46.50 ? 27  ARG A NH1 1 
ATOM   192  N  NH2 . ARG A 1 29  ? -2.783  -15.073 -1.797  1.00 45.83 ? 27  ARG A NH2 1 
ATOM   193  N  N   . GLY A 1 30  ? 2.830   -19.620 0.676   1.00 28.06 ? 28  GLY A N   1 
ATOM   194  C  CA  . GLY A 1 30  ? 3.949   -20.462 0.294   1.00 27.94 ? 28  GLY A CA  1 
ATOM   195  C  C   . GLY A 1 30  ? 5.283   -19.862 0.671   1.00 27.58 ? 28  GLY A C   1 
ATOM   196  O  O   . GLY A 1 30  ? 5.479   -19.429 1.815   1.00 27.46 ? 28  GLY A O   1 
ATOM   197  N  N   . THR A 1 31  ? 6.184   -19.789 -0.309  1.00 26.60 ? 29  THR A N   1 
ATOM   198  C  CA  A THR A 1 31  ? 7.551   -19.345 -0.068  0.50 26.25 ? 29  THR A CA  1 
ATOM   199  C  CA  B THR A 1 31  ? 7.551   -19.343 -0.068  0.50 26.56 ? 29  THR A CA  1 
ATOM   200  C  C   . THR A 1 31  ? 8.036   -18.188 -0.955  1.00 26.12 ? 29  THR A C   1 
ATOM   201  O  O   . THR A 1 31  ? 9.083   -17.588 -0.673  1.00 26.38 ? 29  THR A O   1 
ATOM   202  C  CB  A THR A 1 31  ? 8.529   -20.516 -0.214  0.50 26.64 ? 29  THR A CB  1 
ATOM   203  C  CB  B THR A 1 31  ? 8.552   -20.510 -0.183  0.50 27.00 ? 29  THR A CB  1 
ATOM   204  O  OG1 A THR A 1 31  ? 8.289   -21.183 -1.460  0.50 26.51 ? 29  THR A OG1 1 
ATOM   205  O  OG1 B THR A 1 31  ? 9.876   -20.018 0.056   0.50 28.07 ? 29  THR A OG1 1 
ATOM   206  C  CG2 A THR A 1 31  ? 8.352   -21.502 0.937   0.50 26.23 ? 29  THR A CG2 1 
ATOM   207  C  CG2 B THR A 1 31  ? 8.496   -21.156 -1.573  0.50 27.20 ? 29  THR A CG2 1 
ATOM   208  N  N   . ALA A 1 32  ? 7.295   -17.883 -2.021  1.00 25.19 ? 30  ALA A N   1 
ATOM   209  C  CA  . ALA A 1 32  ? 7.761   -16.900 -3.019  1.00 23.38 ? 30  ALA A CA  1 
ATOM   210  C  C   . ALA A 1 32  ? 7.721   -15.476 -2.500  1.00 22.14 ? 30  ALA A C   1 
ATOM   211  O  O   . ALA A 1 32  ? 6.687   -15.020 -2.006  1.00 22.84 ? 30  ALA A O   1 
ATOM   212  C  CB  . ALA A 1 32  ? 6.933   -16.997 -4.293  1.00 21.99 ? 30  ALA A CB  1 
ATOM   213  N  N   . ILE A 1 33  ? 8.846   -14.777 -2.648  1.00 20.45 ? 31  ILE A N   1 
ATOM   214  C  CA  . ILE A 1 33  ? 8.929   -13.365 -2.312  1.00 19.27 ? 31  ILE A CA  1 
ATOM   215  C  C   . ILE A 1 33  ? 8.311   -12.473 -3.403  1.00 18.20 ? 31  ILE A C   1 
ATOM   216  O  O   . ILE A 1 33  ? 8.614   -12.598 -4.599  1.00 18.52 ? 31  ILE A O   1 
ATOM   217  C  CB  . ILE A 1 33  ? 10.380  -12.922 -1.991  1.00 18.84 ? 31  ILE A CB  1 
ATOM   218  C  CG1 . ILE A 1 33  ? 10.925  -13.714 -0.794  1.00 21.91 ? 31  ILE A CG1 1 
ATOM   219  C  CG2 . ILE A 1 33  ? 10.476  -11.409 -1.645  1.00 18.53 ? 31  ILE A CG2 1 
ATOM   220  C  CD1 . ILE A 1 33  ? 12.431  -13.478 -0.486  1.00 24.07 ? 31  ILE A CD1 1 
ATOM   221  N  N   . LYS A 1 34  ? 7.463   -11.542 -2.949  1.00 17.62 ? 32  LYS A N   1 
ATOM   222  C  CA  . LYS A 1 34  ? 6.799   -10.609 -3.837  1.00 16.19 ? 32  LYS A CA  1 
ATOM   223  C  C   . LYS A 1 34  ? 7.094   -9.194  -3.362  1.00 15.35 ? 32  LYS A C   1 
ATOM   224  O  O   . LYS A 1 34  ? 7.331   -8.973  -2.163  1.00 17.02 ? 32  LYS A O   1 
ATOM   225  C  CB  . LYS A 1 34  ? 5.275   -10.836 -3.851  1.00 17.67 ? 32  LYS A CB  1 
ATOM   226  C  CG  . LYS A 1 34  ? 4.824   -12.243 -4.311  1.00 19.41 ? 32  LYS A CG  1 
ATOM   227  C  CD  . LYS A 1 34  ? 5.223   -12.513 -5.776  1.00 20.53 ? 32  LYS A CD  1 
ATOM   228  C  CE  . LYS A 1 34  ? 4.857   -13.933 -6.179  1.00 25.81 ? 32  LYS A CE  1 
ATOM   229  N  NZ  . LYS A 1 34  ? 5.165   -14.193 -7.630  1.00 23.67 ? 32  LYS A NZ  1 
ATOM   230  N  N   . LEU A 1 35  ? 7.116   -8.256  -4.289  1.00 14.46 ? 33  LEU A N   1 
ATOM   231  C  CA  . LEU A 1 35  ? 7.238   -6.818  -3.974  1.00 14.12 ? 33  LEU A CA  1 
ATOM   232  C  C   . LEU A 1 35  ? 5.855   -6.138  -4.012  1.00 14.16 ? 33  LEU A C   1 
ATOM   233  O  O   . LEU A 1 35  ? 5.036   -6.392  -4.909  1.00 13.41 ? 33  LEU A O   1 
ATOM   234  C  CB  . LEU A 1 35  ? 8.130   -6.178  -5.036  1.00 14.55 ? 33  LEU A CB  1 
ATOM   235  C  CG  . LEU A 1 35  ? 8.627   -4.769  -4.754  1.00 17.70 ? 33  LEU A CG  1 
ATOM   236  C  CD1 . LEU A 1 35  ? 9.596   -4.796  -3.561  1.00 18.62 ? 33  LEU A CD1 1 
ATOM   237  C  CD2 . LEU A 1 35  ? 9.294   -4.203  -6.040  1.00 20.01 ? 33  LEU A CD2 1 
ATOM   238  N  N   . ASN A 1 36  ? 5.614   -5.231  -3.071  1.00 13.36 ? 34  ASN A N   1 
ATOM   239  C  CA  . ASN A 1 36  ? 4.297   -4.593  -2.993  1.00 14.23 ? 34  ASN A CA  1 
ATOM   240  C  C   . ASN A 1 36  ? 4.407   -3.261  -2.254  1.00 13.17 ? 34  ASN A C   1 
ATOM   241  O  O   . ASN A 1 36  ? 5.369   -3.019  -1.523  1.00 12.89 ? 34  ASN A O   1 
ATOM   242  C  CB  . ASN A 1 36  ? 3.317   -5.523  -2.240  1.00 13.93 ? 34  ASN A CB  1 
ATOM   243  C  CG  . ASN A 1 36  ? 1.826   -5.188  -2.470  1.00 15.73 ? 34  ASN A CG  1 
ATOM   244  O  OD1 . ASN A 1 36  ? 1.462   -4.346  -3.275  1.00 15.77 ? 34  ASN A OD1 1 
ATOM   245  N  ND2 . ASN A 1 36  ? 0.961   -5.923  -1.764  1.00 18.50 ? 34  ASN A ND2 1 
ATOM   246  N  N   . GLN A 1 37  ? 3.441   -2.368  -2.438  1.00 13.38 ? 35  GLN A N   1 
ATOM   247  C  CA  . GLN A 1 37  ? 3.301   -1.260  -1.479  1.00 13.52 ? 35  GLN A CA  1 
ATOM   248  C  C   . GLN A 1 37  ? 2.932   -1.829  -0.095  1.00 13.88 ? 35  GLN A C   1 
ATOM   249  O  O   . GLN A 1 37  ? 2.360   -2.927  -0.027  1.00 15.38 ? 35  GLN A O   1 
ATOM   250  C  CB  . GLN A 1 37  ? 2.161   -0.334  -1.914  1.00 15.14 ? 35  GLN A CB  1 
ATOM   251  C  CG  . GLN A 1 37  ? 2.503   0.659   -2.996  1.00 14.55 ? 35  GLN A CG  1 
ATOM   252  C  CD  . GLN A 1 37  ? 2.473   -0.012  -4.386  1.00 14.67 ? 35  GLN A CD  1 
ATOM   253  O  OE1 . GLN A 1 37  ? 1.737   -0.996  -4.621  1.00 14.82 ? 35  GLN A OE1 1 
ATOM   254  N  NE2 . GLN A 1 37  ? 3.224   0.561   -5.313  1.00 14.17 ? 35  GLN A NE2 1 
ATOM   255  N  N   . PRO A 1 38  ? 3.196   -1.070  0.989   1.00 14.53 ? 36  PRO A N   1 
ATOM   256  C  CA  . PRO A 1 38  ? 2.567   -1.371  2.271   1.00 14.83 ? 36  PRO A CA  1 
ATOM   257  C  C   . PRO A 1 38  ? 1.052   -1.345  2.041   1.00 15.00 ? 36  PRO A C   1 
ATOM   258  O  O   . PRO A 1 38  ? 0.533   -0.375  1.477   1.00 15.80 ? 36  PRO A O   1 
ATOM   259  C  CB  . PRO A 1 38  ? 2.965   -0.156  3.136   1.00 14.84 ? 36  PRO A CB  1 
ATOM   260  C  CG  . PRO A 1 38  ? 4.259   0.241   2.588   1.00 14.89 ? 36  PRO A CG  1 
ATOM   261  C  CD  . PRO A 1 38  ? 4.010   0.151   1.060   1.00 14.98 ? 36  PRO A CD  1 
ATOM   262  N  N   . ALA A 1 39  ? 0.348   -2.421  2.379   1.00 14.95 ? 37  ALA A N   1 
ATOM   263  C  CA  . ALA A 1 39  ? -1.050  -2.565  1.903   1.00 15.80 ? 37  ALA A CA  1 
ATOM   264  C  C   . ALA A 1 39  ? -1.709  -3.628  2.717   1.00 16.39 ? 37  ALA A C   1 
ATOM   265  O  O   . ALA A 1 39  ? -1.032  -4.405  3.349   1.00 17.39 ? 37  ALA A O   1 
ATOM   266  C  CB  . ALA A 1 39  ? -1.103  -3.010  0.418   1.00 16.52 ? 37  ALA A CB  1 
ATOM   267  N  N   . GLY A 1 40  ? -3.025  -3.656  2.711   1.00 14.58 ? 38  GLY A N   1 
ATOM   268  C  CA  . GLY A 1 40  ? -3.757  -4.738  3.374   1.00 14.83 ? 38  GLY A CA  1 
ATOM   269  C  C   . GLY A 1 40  ? -5.248  -4.507  3.376   1.00 16.64 ? 38  GLY A C   1 
ATOM   270  O  O   . GLY A 1 40  ? -5.734  -3.525  2.818   1.00 17.13 ? 38  GLY A O   1 
ATOM   271  N  N   . HIS A 1 41  ? -5.968  -5.416  4.026   1.00 16.09 ? 39  HIS A N   1 
ATOM   272  C  CA  . HIS A 1 41  ? -7.413  -5.358  4.021   1.00 17.07 ? 39  HIS A CA  1 
ATOM   273  C  C   . HIS A 1 41  ? -7.957  -4.375  5.047   1.00 16.59 ? 39  HIS A C   1 
ATOM   274  O  O   . HIS A 1 41  ? -7.452  -4.307  6.170   1.00 18.84 ? 39  HIS A O   1 
ATOM   275  C  CB  . HIS A 1 41  ? -7.953  -6.731  4.371   1.00 18.29 ? 39  HIS A CB  1 
ATOM   276  C  CG  . HIS A 1 41  ? -7.906  -7.697  3.234   1.00 21.93 ? 39  HIS A CG  1 
ATOM   277  N  ND1 . HIS A 1 41  ? -6.727  -8.076  2.629   1.00 29.11 ? 39  HIS A ND1 1 
ATOM   278  C  CD2 . HIS A 1 41  ? -8.892  -8.367  2.597   1.00 26.57 ? 39  HIS A CD2 1 
ATOM   279  C  CE1 . HIS A 1 41  ? -6.987  -8.944  1.669   1.00 26.92 ? 39  HIS A CE1 1 
ATOM   280  N  NE2 . HIS A 1 41  ? -8.293  -9.135  1.627   1.00 29.52 ? 39  HIS A NE2 1 
ATOM   281  N  N   . LEU A 1 42  ? -9.005  -3.641  4.684   1.00 15.37 ? 40  LEU A N   1 
ATOM   282  C  CA  . LEU A 1 42  ? -9.783  -2.882  5.656   1.00 15.67 ? 40  LEU A CA  1 
ATOM   283  C  C   . LEU A 1 42  ? -10.319 -3.833  6.727   1.00 17.46 ? 40  LEU A C   1 
ATOM   284  O  O   . LEU A 1 42  ? -10.842 -4.906  6.394   1.00 19.41 ? 40  LEU A O   1 
ATOM   285  C  CB  . LEU A 1 42  ? -10.975 -2.224  4.938   1.00 15.30 ? 40  LEU A CB  1 
ATOM   286  C  CG  . LEU A 1 42  ? -11.855 -1.355  5.849   1.00 14.10 ? 40  LEU A CG  1 
ATOM   287  C  CD1 . LEU A 1 42  ? -11.048 -0.103  6.203   1.00 15.77 ? 40  LEU A CD1 1 
ATOM   288  C  CD2 . LEU A 1 42  ? -13.081 -0.964  5.061   1.00 14.70 ? 40  LEU A CD2 1 
ATOM   289  N  N   . GLU A 1 43  ? -10.236 -3.422  7.991   1.00 18.53 ? 41  GLU A N   1 
ATOM   290  C  CA  . GLU A 1 43  ? -10.770 -4.190  9.150   1.00 20.08 ? 41  GLU A CA  1 
ATOM   291  C  C   . GLU A 1 43  ? -11.993 -3.455  9.714   1.00 20.19 ? 41  GLU A C   1 
ATOM   292  O  O   . GLU A 1 43  ? -12.139 -2.254  9.499   1.00 18.31 ? 41  GLU A O   1 
ATOM   293  C  CB  . GLU A 1 43  ? -9.689  -4.328  10.226  1.00 20.69 ? 41  GLU A CB  1 
ATOM   294  C  CG  . GLU A 1 43  ? -8.494  -5.103  9.729   1.00 23.68 ? 41  GLU A CG  1 
ATOM   295  C  CD  . GLU A 1 43  ? -7.413  -5.220  10.777  1.00 30.91 ? 41  GLU A CD  1 
ATOM   296  O  OE1 . GLU A 1 43  ? -7.561  -4.603  11.864  1.00 32.26 ? 41  GLU A OE1 1 
ATOM   297  O  OE2 . GLU A 1 43  ? -6.420  -5.939  10.525  1.00 33.10 ? 41  GLU A OE2 1 
ATOM   298  N  N   . PRO A 1 44  ? -12.918 -4.173  10.395  1.00 20.90 ? 42  PRO A N   1 
ATOM   299  C  CA  . PRO A 1 44  ? -14.048 -3.405  10.956  1.00 21.23 ? 42  PRO A CA  1 
ATOM   300  C  C   . PRO A 1 44  ? -13.591 -2.329  11.948  1.00 19.94 ? 42  PRO A C   1 
ATOM   301  O  O   . PRO A 1 44  ? -12.529 -2.451  12.545  1.00 19.09 ? 42  PRO A O   1 
ATOM   302  C  CB  . PRO A 1 44  ? -14.873 -4.461  11.700  1.00 21.93 ? 42  PRO A CB  1 
ATOM   303  C  CG  . PRO A 1 44  ? -14.456 -5.774  11.139  1.00 23.00 ? 42  PRO A CG  1 
ATOM   304  C  CD  . PRO A 1 44  ? -13.045 -5.625  10.645  1.00 22.67 ? 42  PRO A CD  1 
ATOM   305  N  N   . GLY A 1 45  ? -14.400 -1.284  12.083  1.00 20.00 ? 43  GLY A N   1 
ATOM   306  C  CA  . GLY A 1 45  ? -14.173 -0.292  13.131  1.00 18.68 ? 43  GLY A CA  1 
ATOM   307  C  C   . GLY A 1 45  ? -13.137 0.760   12.797  1.00 17.70 ? 43  GLY A C   1 
ATOM   308  O  O   . GLY A 1 45  ? -12.645 1.449   13.704  1.00 18.64 ? 43  GLY A O   1 
ATOM   309  N  N   . GLU A 1 46  ? -12.773 0.889   11.515  1.00 16.22 ? 44  GLU A N   1 
ATOM   310  C  CA  . GLU A 1 46  ? -11.797 1.922   11.160  1.00 14.65 ? 44  GLU A CA  1 
ATOM   311  C  C   . GLU A 1 46  ? -12.138 2.585   9.843   1.00 14.31 ? 44  GLU A C   1 
ATOM   312  O  O   . GLU A 1 46  ? -12.757 1.990   8.947   1.00 13.44 ? 44  GLU A O   1 
ATOM   313  C  CB  . GLU A 1 46  ? -10.361 1.337   11.072  1.00 15.23 ? 44  GLU A CB  1 
ATOM   314  C  CG  . GLU A 1 46  ? -10.174 0.361   9.898   1.00 17.13 ? 44  GLU A CG  1 
ATOM   315  C  CD  . GLU A 1 46  ? -8.816  -0.351  9.862   1.00 18.35 ? 44  GLU A CD  1 
ATOM   316  O  OE1 . GLU A 1 46  ? -7.911  -0.032  10.657  1.00 18.48 ? 44  GLU A OE1 1 
ATOM   317  O  OE2 . GLU A 1 46  ? -8.653  -1.221  8.984   1.00 16.91 ? 44  GLU A OE2 1 
ATOM   318  N  N   . SER A 1 47  ? -11.666 3.814   9.687   1.00 14.16 ? 45  SER A N   1 
ATOM   319  C  CA  . SER A 1 47  ? -11.856 4.483   8.420   1.00 13.89 ? 45  SER A CA  1 
ATOM   320  C  C   . SER A 1 47  ? -10.838 3.953   7.418   1.00 13.65 ? 45  SER A C   1 
ATOM   321  O  O   . SER A 1 47  ? -9.844  3.308   7.793   1.00 13.76 ? 45  SER A O   1 
ATOM   322  C  CB  . SER A 1 47  ? -11.651 5.979   8.558   1.00 14.69 ? 45  SER A CB  1 
ATOM   323  O  OG  . SER A 1 47  ? -10.292 6.262   8.926   1.00 14.90 ? 45  SER A OG  1 
ATOM   324  N  N   . ILE A 1 48  ? -11.089 4.242   6.150   1.00 12.43 ? 46  ILE A N   1 
ATOM   325  C  CA  . ILE A 1 48  ? -10.177 3.779   5.117   1.00 12.11 ? 46  ILE A CA  1 
ATOM   326  C  C   . ILE A 1 48  ? -8.804  4.479   5.257   1.00 11.75 ? 46  ILE A C   1 
ATOM   327  O  O   . ILE A 1 48  ? -7.766  3.853   5.155   1.00 12.80 ? 46  ILE A O   1 
ATOM   328  C  CB  . ILE A 1 48  ? -10.804 3.991   3.719   1.00 12.69 ? 46  ILE A CB  1 
ATOM   329  C  CG1 . ILE A 1 48  ? -11.944 3.000   3.566   1.00 12.90 ? 46  ILE A CG1 1 
ATOM   330  C  CG2 . ILE A 1 48  ? -9.760  3.746   2.622   1.00 14.97 ? 46  ILE A CG2 1 
ATOM   331  C  CD1 . ILE A 1 48  ? -12.854 3.212   2.383   1.00 14.61 ? 46  ILE A CD1 1 
ATOM   332  N  N   . ILE A 1 49  ? -8.822  5.782   5.501   1.00 14.15 ? 47  ILE A N   1 
ATOM   333  C  CA  . ILE A 1 49  ? -7.548  6.497   5.660   1.00 14.22 ? 47  ILE A CA  1 
ATOM   334  C  C   . ILE A 1 49  ? -6.732  5.947   6.847   1.00 14.02 ? 47  ILE A C   1 
ATOM   335  O  O   . ILE A 1 49  ? -5.488  5.768   6.765   1.00 14.23 ? 47  ILE A O   1 
ATOM   336  C  CB  . ILE A 1 49  ? -7.783  8.017   5.810   1.00 14.58 ? 47  ILE A CB  1 
ATOM   337  C  CG1 . ILE A 1 49  ? -8.259  8.559   4.463   1.00 18.05 ? 47  ILE A CG1 1 
ATOM   338  C  CG2 . ILE A 1 49  ? -6.480  8.711   6.137   1.00 16.55 ? 47  ILE A CG2 1 
ATOM   339  C  CD1 . ILE A 1 49  ? -8.757  10.008  4.504   1.00 21.73 ? 47  ILE A CD1 1 
ATOM   340  N  N   . GLN A 1 50  ? -7.416  5.705   7.960   1.00 13.12 ? 48  GLN A N   1 
ATOM   341  C  CA  . GLN A 1 50  ? -6.713  5.133   9.121   1.00 12.98 ? 48  GLN A CA  1 
ATOM   342  C  C   . GLN A 1 50  ? -6.227  3.704   8.863   1.00 13.87 ? 48  GLN A C   1 
ATOM   343  O  O   . GLN A 1 50  ? -5.141  3.338   9.350   1.00 14.48 ? 48  GLN A O   1 
ATOM   344  C  CB  . GLN A 1 50  ? -7.541  5.250   10.401  1.00 14.29 ? 48  GLN A CB  1 
ATOM   345  C  CG  . GLN A 1 50  ? -7.714  6.731   10.856  1.00 15.03 ? 48  GLN A CG  1 
ATOM   346  C  CD  . GLN A 1 50  ? -6.381  7.373   11.218  1.00 18.30 ? 48  GLN A CD  1 
ATOM   347  O  OE1 . GLN A 1 50  ? -5.734  8.039   10.407  1.00 18.87 ? 48  GLN A OE1 1 
ATOM   348  N  NE2 . GLN A 1 50  ? -5.941  7.141   12.442  1.00 24.63 ? 48  GLN A NE2 1 
ATOM   349  N  N   . ALA A 1 51  ? -6.956  2.931   8.061   1.00 14.16 ? 49  ALA A N   1 
ATOM   350  C  CA  . ALA A 1 51  ? -6.503  1.572   7.668   1.00 13.91 ? 49  ALA A CA  1 
ATOM   351  C  C   . ALA A 1 51  ? -5.191  1.696   6.935   1.00 14.20 ? 49  ALA A C   1 
ATOM   352  O  O   . ALA A 1 51  ? -4.277  0.874   7.113   1.00 14.61 ? 49  ALA A O   1 
ATOM   353  C  CB  . ALA A 1 51  ? -7.508  0.947   6.735   1.00 14.59 ? 49  ALA A CB  1 
ATOM   354  N  N   . CYS A 1 52  ? -5.107  2.706   6.068   1.00 14.14 ? 50  CYS A N   1 
ATOM   355  C  CA  . CYS A 1 52  ? -3.887  2.927   5.297   1.00 15.10 ? 50  CYS A CA  1 
ATOM   356  C  C   . CYS A 1 52  ? -2.704  3.211   6.241   1.00 14.53 ? 50  CYS A C   1 
ATOM   357  O  O   . CYS A 1 52  ? -1.645  2.624   6.090   1.00 14.51 ? 50  CYS A O   1 
ATOM   358  C  CB  . CYS A 1 52  ? -4.090  4.048   4.279   1.00 16.11 ? 50  CYS A CB  1 
ATOM   359  S  SG  . CYS A 1 52  ? -2.609  4.255   3.205   1.00 18.03 ? 50  CYS A SG  1 
ATOM   360  N  N   . SER A 1 53  ? -2.909  4.103   7.213   1.00 13.43 ? 51  SER A N   1 
ATOM   361  C  CA  . SER A 1 53  ? -1.830  4.423   8.133   1.00 13.74 ? 51  SER A CA  1 
ATOM   362  C  C   . SER A 1 53  ? -1.458  3.204   8.964   1.00 12.67 ? 51  SER A C   1 
ATOM   363  O  O   . SER A 1 53  ? -0.263  3.001   9.248   1.00 14.53 ? 51  SER A O   1 
ATOM   364  C  CB  . SER A 1 53  ? -2.239  5.567   9.041   1.00 14.58 ? 51  SER A CB  1 
ATOM   365  O  OG  . SER A 1 53  ? -2.458  6.723   8.254   1.00 18.30 ? 51  SER A OG  1 
ATOM   366  N  N   . ARG A 1 54  ? -2.450  2.422   9.367   1.00 12.07 ? 52  ARG A N   1 
ATOM   367  C  CA  . ARG A 1 54  ? -2.215  1.219   10.181  1.00 12.99 ? 52  ARG A CA  1 
ATOM   368  C  C   . ARG A 1 54  ? -1.345  0.254   9.383   1.00 13.19 ? 52  ARG A C   1 
ATOM   369  O  O   . ARG A 1 54  ? -0.377  -0.286  9.911   1.00 13.41 ? 52  ARG A O   1 
ATOM   370  C  CB  . ARG A 1 54  ? -3.521  0.543   10.532  1.00 13.71 ? 52  ARG A CB  1 
ATOM   371  C  CG  . ARG A 1 54  ? -3.318  -0.807  11.218  1.00 13.93 ? 52  ARG A CG  1 
ATOM   372  C  CD  . ARG A 1 54  ? -4.630  -1.473  11.619  1.00 14.93 ? 52  ARG A CD  1 
ATOM   373  N  NE  . ARG A 1 54  ? -5.564  -1.627  10.496  1.00 16.62 ? 52  ARG A NE  1 
ATOM   374  C  CZ  . ARG A 1 54  ? -5.407  -2.500  9.504   1.00 20.15 ? 52  ARG A CZ  1 
ATOM   375  N  NH1 . ARG A 1 54  ? -4.343  -3.303  9.469   1.00 20.36 ? 52  ARG A NH1 1 
ATOM   376  N  NH2 . ARG A 1 54  ? -6.316  -2.573  8.536   1.00 19.36 ? 52  ARG A NH2 1 
ATOM   377  N  N   . GLU A 1 55  ? -1.681  0.045   8.103   1.00 12.94 ? 53  GLU A N   1 
ATOM   378  C  CA  . GLU A 1 55  ? -0.899  -0.874  7.295   1.00 14.88 ? 53  GLU A CA  1 
ATOM   379  C  C   . GLU A 1 55  ? 0.545   -0.415  7.112   1.00 14.79 ? 53  GLU A C   1 
ATOM   380  O  O   . GLU A 1 55  ? 1.460   -1.249  7.189   1.00 15.67 ? 53  GLU A O   1 
ATOM   381  C  CB  . GLU A 1 55  ? -1.585  -1.114  5.962   1.00 16.27 ? 53  GLU A CB  1 
ATOM   382  C  CG  . GLU A 1 55  ? -2.840  -2.062  6.027   1.00 18.13 ? 53  GLU A CG  1 
ATOM   383  C  CD  . GLU A 1 55  ? -2.566  -3.481  6.527   1.00 22.90 ? 53  GLU A CD  1 
ATOM   384  O  OE1 . GLU A 1 55  ? -1.392  -3.908  6.650   1.00 23.81 ? 53  GLU A OE1 1 
ATOM   385  O  OE2 . GLU A 1 55  ? -3.556  -4.189  6.811   1.00 23.75 ? 53  GLU A OE2 1 
ATOM   386  N  N   . VAL A 1 56  ? 0.779   0.883   6.884   1.00 14.22 ? 54  VAL A N   1 
ATOM   387  C  CA  . VAL A 1 56  ? 2.142   1.368   6.796   1.00 14.39 ? 54  VAL A CA  1 
ATOM   388  C  C   . VAL A 1 56  ? 2.926   1.061   8.070   1.00 13.31 ? 54  VAL A C   1 
ATOM   389  O  O   . VAL A 1 56  ? 4.043   0.513   8.007   1.00 13.26 ? 54  VAL A O   1 
ATOM   390  C  CB  . VAL A 1 56  ? 2.222   2.875   6.479   1.00 14.48 ? 54  VAL A CB  1 
ATOM   391  C  CG1 . VAL A 1 56  ? 3.670   3.362   6.498   1.00 14.35 ? 54  VAL A CG1 1 
ATOM   392  C  CG2 . VAL A 1 56  ? 1.534   3.140   5.108   1.00 12.79 ? 54  VAL A CG2 1 
ATOM   393  N  N   . LEU A 1 57  ? 2.317   1.358   9.221   1.00 13.78 ? 55  LEU A N   1 
ATOM   394  C  CA  . LEU A 1 57  ? 3.008   1.068   10.474  1.00 13.20 ? 55  LEU A CA  1 
ATOM   395  C  C   . LEU A 1 57  ? 3.255   -0.427  10.692  1.00 13.06 ? 55  LEU A C   1 
ATOM   396  O  O   . LEU A 1 57  ? 4.389   -0.825  11.084  1.00 13.83 ? 55  LEU A O   1 
ATOM   397  C  CB  . LEU A 1 57  ? 2.217   1.700   11.628  1.00 12.36 ? 55  LEU A CB  1 
ATOM   398  C  CG  . LEU A 1 57  ? 2.733   1.461   13.036  1.00 13.45 ? 55  LEU A CG  1 
ATOM   399  C  CD1 . LEU A 1 57  ? 4.119   2.083   13.190  1.00 13.36 ? 55  LEU A CD1 1 
ATOM   400  C  CD2 . LEU A 1 57  ? 1.773   2.009   14.063  1.00 14.64 ? 55  LEU A CD2 1 
ATOM   401  N  N   . GLU A 1 58  ? 2.216   -1.248  10.471  1.00 13.40 ? 56  GLU A N   1 
ATOM   402  C  CA  . GLU A 1 58  ? 2.307   -2.683  10.771  1.00 13.83 ? 56  GLU A CA  1 
ATOM   403  C  C   . GLU A 1 58  ? 3.268   -3.429  9.858   1.00 15.21 ? 56  GLU A C   1 
ATOM   404  O  O   . GLU A 1 58  ? 3.865   -4.448  10.273  1.00 15.91 ? 56  GLU A O   1 
ATOM   405  C  CB  . GLU A 1 58  ? 0.939   -3.350  10.716  1.00 15.30 ? 56  GLU A CB  1 
ATOM   406  C  CG  . GLU A 1 58  ? 0.057   -2.813  11.838  1.00 18.51 ? 56  GLU A CG  1 
ATOM   407  C  CD  . GLU A 1 58  ? -1.332  -3.445  11.933  1.00 21.53 ? 56  GLU A CD  1 
ATOM   408  O  OE1 . GLU A 1 58  ? -1.801  -4.003  10.922  1.00 24.29 ? 56  GLU A OE1 1 
ATOM   409  O  OE2 . GLU A 1 58  ? -1.936  -3.334  13.041  1.00 24.14 ? 56  GLU A OE2 1 
ATOM   410  N  N   . GLU A 1 59  ? 3.402   -2.938  8.630   1.00 14.38 ? 57  GLU A N   1 
ATOM   411  C  CA  . GLU A 1 59  ? 4.227   -3.620  7.600   1.00 15.41 ? 57  GLU A CA  1 
ATOM   412  C  C   . GLU A 1 59  ? 5.646   -3.054  7.472   1.00 14.81 ? 57  GLU A C   1 
ATOM   413  O  O   . GLU A 1 59  ? 6.526   -3.726  6.923   1.00 15.74 ? 57  GLU A O   1 
ATOM   414  C  CB  . GLU A 1 59  ? 3.516   -3.626  6.242   1.00 15.07 ? 57  GLU A CB  1 
ATOM   415  C  CG  . GLU A 1 59  ? 2.219   -4.387  6.254   1.00 15.35 ? 57  GLU A CG  1 
ATOM   416  C  CD  . GLU A 1 59  ? 1.871   -4.920  4.862   1.00 20.56 ? 57  GLU A CD  1 
ATOM   417  O  OE1 . GLU A 1 59  ? 2.216   -4.247  3.858   1.00 19.47 ? 57  GLU A OE1 1 
ATOM   418  O  OE2 . GLU A 1 59  ? 1.256   -6.009  4.779   1.00 23.22 ? 57  GLU A OE2 1 
ATOM   419  N  N   . THR A 1 60  ? 5.851   -1.799  7.889   1.00 13.94 ? 58  THR A N   1 
ATOM   420  C  CA  . THR A 1 60  ? 7.147   -1.148  7.703   1.00 14.51 ? 58  THR A CA  1 
ATOM   421  C  C   . THR A 1 60  ? 7.811   -0.581  8.949   1.00 14.72 ? 58  THR A C   1 
ATOM   422  O  O   . THR A 1 60  ? 8.997   -0.229  8.886   1.00 15.24 ? 58  THR A O   1 
ATOM   423  C  CB  . THR A 1 60  ? 7.100   -0.005  6.675   1.00 14.86 ? 58  THR A CB  1 
ATOM   424  O  OG1 . THR A 1 60  ? 6.507   1.158   7.274   1.00 13.99 ? 58  THR A OG1 1 
ATOM   425  C  CG2 . THR A 1 60  ? 6.336   -0.402  5.442   1.00 14.31 ? 58  THR A CG2 1 
ATOM   426  N  N   . GLY A 1 61  ? 7.056   -0.443  10.040  1.00 13.87 ? 59  GLY A N   1 
ATOM   427  C  CA  . GLY A 1 61  ? 7.591   0.184   11.260  1.00 13.79 ? 59  GLY A CA  1 
ATOM   428  C  C   . GLY A 1 61  ? 7.752   1.694   11.161  1.00 13.52 ? 59  GLY A C   1 
ATOM   429  O  O   . GLY A 1 61  ? 8.256   2.346   12.070  1.00 14.17 ? 59  GLY A O   1 
ATOM   430  N  N   . HIS A 1 62  ? 7.257   2.275   10.072  1.00 14.07 ? 60  HIS A N   1 
ATOM   431  C  CA  . HIS A 1 62  ? 7.192   3.727   9.929   1.00 13.78 ? 60  HIS A CA  1 
ATOM   432  C  C   . HIS A 1 62  ? 5.765   4.250   10.189  1.00 14.88 ? 60  HIS A C   1 
ATOM   433  O  O   . HIS A 1 62  ? 4.814   3.644   9.733   1.00 15.23 ? 60  HIS A O   1 
ATOM   434  C  CB  . HIS A 1 62  ? 7.518   4.081   8.475   1.00 14.87 ? 60  HIS A CB  1 
ATOM   435  C  CG  . HIS A 1 62  ? 8.914   3.775   8.052   1.00 15.72 ? 60  HIS A CG  1 
ATOM   436  N  ND1 . HIS A 1 62  ? 9.391   2.489   7.867   1.00 16.18 ? 60  HIS A ND1 1 
ATOM   437  C  CD2 . HIS A 1 62  ? 9.951   4.603   7.780   1.00 17.98 ? 60  HIS A CD2 1 
ATOM   438  C  CE1 . HIS A 1 62  ? 10.662  2.550   7.502   1.00 18.49 ? 60  HIS A CE1 1 
ATOM   439  N  NE2 . HIS A 1 62  ? 11.005  3.819   7.397   1.00 17.53 ? 60  HIS A NE2 1 
ATOM   440  N  N   . SER A 1 63  ? 5.633   5.374   10.855  1.00 15.26 ? 61  SER A N   1 
ATOM   441  C  CA  A SER A 1 63  ? 4.311   6.005   10.973  0.60 16.12 ? 61  SER A CA  1 
ATOM   442  C  CA  B SER A 1 63  ? 4.330   6.027   10.977  0.40 15.60 ? 61  SER A CA  1 
ATOM   443  C  C   . SER A 1 63  ? 4.031   6.866   9.725   1.00 16.77 ? 61  SER A C   1 
ATOM   444  O  O   . SER A 1 63  ? 4.917   7.514   9.170   1.00 16.86 ? 61  SER A O   1 
ATOM   445  C  CB  A SER A 1 63  ? 4.235   6.835   12.269  0.60 17.20 ? 61  SER A CB  1 
ATOM   446  C  CB  B SER A 1 63  ? 4.302   6.897   12.240  0.40 16.22 ? 61  SER A CB  1 
ATOM   447  O  OG  A SER A 1 63  ? 5.249   7.806   12.269  0.60 19.79 ? 61  SER A OG  1 
ATOM   448  O  OG  B SER A 1 63  ? 3.086   7.604   12.300  0.40 15.09 ? 61  SER A OG  1 
ATOM   449  N  N   . PHE A 1 64  ? 2.758   6.881   9.311   1.00 15.66 ? 62  PHE A N   1 
ATOM   450  C  CA  . PHE A 1 64  ? 2.369   7.526   8.060   1.00 15.67 ? 62  PHE A CA  1 
ATOM   451  C  C   . PHE A 1 64  ? 1.475   8.728   8.303   1.00 14.08 ? 62  PHE A C   1 
ATOM   452  O  O   . PHE A 1 64  ? 0.612   8.714   9.205   1.00 15.19 ? 62  PHE A O   1 
ATOM   453  C  CB  . PHE A 1 64  ? 1.617   6.482   7.247   1.00 17.48 ? 62  PHE A CB  1 
ATOM   454  C  CG  . PHE A 1 64  ? 1.197   6.912   5.831   1.00 17.57 ? 62  PHE A CG  1 
ATOM   455  C  CD1 . PHE A 1 64  ? 2.130   7.286   4.881   1.00 19.44 ? 62  PHE A CD1 1 
ATOM   456  C  CD2 . PHE A 1 64  ? -0.147  6.853   5.452   1.00 22.60 ? 62  PHE A CD2 1 
ATOM   457  C  CE1 . PHE A 1 64  ? 1.714   7.595   3.537   1.00 19.94 ? 62  PHE A CE1 1 
ATOM   458  C  CE2 . PHE A 1 64  ? -0.546  7.174   4.122   1.00 20.58 ? 62  PHE A CE2 1 
ATOM   459  C  CZ  . PHE A 1 64  ? 0.386   7.536   3.192   1.00 21.90 ? 62  PHE A CZ  1 
ATOM   460  N  N   . LEU A 1 65  ? 1.692   9.766   7.486   1.00 14.80 ? 63  LEU A N   1 
ATOM   461  C  CA  . LEU A 1 65  ? 0.821   10.932  7.422   1.00 16.11 ? 63  LEU A CA  1 
ATOM   462  C  C   . LEU A 1 65  ? 0.188   10.999  6.031   1.00 16.58 ? 63  LEU A C   1 
ATOM   463  O  O   . LEU A 1 65  ? 0.838   11.430  5.083   1.00 15.35 ? 63  LEU A O   1 
ATOM   464  C  CB  . LEU A 1 65  ? 1.658   12.196  7.666   1.00 18.84 ? 63  LEU A CB  1 
ATOM   465  C  CG  . LEU A 1 65  ? 0.955   13.505  8.016   1.00 21.34 ? 63  LEU A CG  1 
ATOM   466  C  CD1 . LEU A 1 65  ? 0.478   13.491  9.464   1.00 24.07 ? 63  LEU A CD1 1 
ATOM   467  C  CD2 . LEU A 1 65  ? 1.948   14.668  7.823   1.00 24.29 ? 63  LEU A CD2 1 
ATOM   468  N  N   . PRO A 1 66  ? -1.067  10.542  5.900   1.00 17.63 ? 64  PRO A N   1 
ATOM   469  C  CA  . PRO A 1 66  ? -1.673  10.584  4.561   1.00 17.85 ? 64  PRO A CA  1 
ATOM   470  C  C   . PRO A 1 66  ? -1.874  12.016  4.108   1.00 17.68 ? 64  PRO A C   1 
ATOM   471  O  O   . PRO A 1 66  ? -2.160  12.928  4.941   1.00 17.44 ? 64  PRO A O   1 
ATOM   472  C  CB  . PRO A 1 66  ? -3.024  9.840   4.718   1.00 18.40 ? 64  PRO A CB  1 
ATOM   473  C  CG  . PRO A 1 66  ? -2.916  9.138   6.066   1.00 21.21 ? 64  PRO A CG  1 
ATOM   474  C  CD  . PRO A 1 66  ? -1.979  9.987   6.919   1.00 19.81 ? 64  PRO A CD  1 
ATOM   475  N  N   . GLU A 1 67  ? -1.683  12.234  2.814   1.00 15.72 ? 65  GLU A N   1 
ATOM   476  C  CA  . GLU A 1 67  ? -1.832  13.585  2.257   1.00 16.09 ? 65  GLU A CA  1 
ATOM   477  C  C   . GLU A 1 67  ? -2.934  13.685  1.186   1.00 15.15 ? 65  GLU A C   1 
ATOM   478  O  O   . GLU A 1 67  ? -3.671  14.662  1.145   1.00 15.24 ? 65  GLU A O   1 
ATOM   479  C  CB  . GLU A 1 67  ? -0.504  14.061  1.703   1.00 16.28 ? 65  GLU A CB  1 
ATOM   480  C  CG  . GLU A 1 67  ? 0.585   14.154  2.818   1.00 20.31 ? 65  GLU A CG  1 
ATOM   481  C  CD  . GLU A 1 67  ? 1.942   14.583  2.291   1.00 27.12 ? 65  GLU A CD  1 
ATOM   482  O  OE1 . GLU A 1 67  ? 2.481   13.948  1.361   1.00 29.99 ? 65  GLU A OE1 1 
ATOM   483  O  OE2 . GLU A 1 67  ? 2.493   15.557  2.837   1.00 30.61 ? 65  GLU A OE2 1 
ATOM   484  N  N   . VAL A 1 68  ? -2.945  12.713  0.259   1.00 14.68 ? 66  VAL A N   1 
ATOM   485  C  CA  . VAL A 1 68  ? -3.896  12.658  -0.883  1.00 14.88 ? 66  VAL A CA  1 
ATOM   486  C  C   . VAL A 1 68  ? -4.299  11.228  -1.192  1.00 14.70 ? 66  VAL A C   1 
ATOM   487  O  O   . VAL A 1 68  ? -3.567  10.276  -0.852  1.00 14.84 ? 66  VAL A O   1 
ATOM   488  C  CB  . VAL A 1 68  ? -3.297  13.248  -2.188  1.00 15.85 ? 66  VAL A CB  1 
ATOM   489  C  CG1 . VAL A 1 68  ? -3.034  14.753  -2.062  1.00 16.36 ? 66  VAL A CG1 1 
ATOM   490  C  CG2 . VAL A 1 68  ? -2.032  12.495  -2.653  1.00 15.59 ? 66  VAL A CG2 1 
ATOM   491  N  N   . LEU A 1 69  ? -5.444  11.113  -1.871  1.00 14.80 ? 67  LEU A N   1 
ATOM   492  C  CA  . LEU A 1 69  ? -5.846  9.881   -2.536  1.00 15.60 ? 67  LEU A CA  1 
ATOM   493  C  C   . LEU A 1 69  ? -5.212  9.928   -3.918  1.00 16.33 ? 67  LEU A C   1 
ATOM   494  O  O   . LEU A 1 69  ? -5.246  10.986  -4.589  1.00 17.75 ? 67  LEU A O   1 
ATOM   495  C  CB  . LEU A 1 69  ? -7.361  9.880   -2.668  1.00 14.43 ? 67  LEU A CB  1 
ATOM   496  C  CG  . LEU A 1 69  ? -7.993  8.673   -3.315  1.00 18.66 ? 67  LEU A CG  1 
ATOM   497  C  CD1 . LEU A 1 69  ? -7.908  7.494   -2.329  1.00 19.53 ? 67  LEU A CD1 1 
ATOM   498  C  CD2 . LEU A 1 69  ? -9.456  9.085   -3.625  1.00 22.53 ? 67  LEU A CD2 1 
ATOM   499  N  N   . THR A 1 70  ? -4.655  8.810   -4.359  1.00 15.91 ? 68  THR A N   1 
ATOM   500  C  CA  . THR A 1 70  ? -4.078  8.778   -5.703  1.00 16.76 ? 68  THR A CA  1 
ATOM   501  C  C   . THR A 1 70  ? -4.900  7.970   -6.700  1.00 16.62 ? 68  THR A C   1 
ATOM   502  O  O   . THR A 1 70  ? -4.777  8.207   -7.915  1.00 18.44 ? 68  THR A O   1 
ATOM   503  C  CB  . THR A 1 70  ? -2.628  8.260   -5.726  1.00 17.30 ? 68  THR A CB  1 
ATOM   504  O  OG1 . THR A 1 70  ? -2.588  6.948   -5.148  1.00 17.32 ? 68  THR A OG1 1 
ATOM   505  C  CG2 . THR A 1 70  ? -1.718  9.195   -4.934  1.00 16.87 ? 68  THR A CG2 1 
ATOM   506  N  N   . GLY A 1 71  ? -5.697  7.016   -6.219  1.00 15.37 ? 69  GLY A N   1 
ATOM   507  C  CA  . GLY A 1 71  ? -6.564  6.263   -7.116  1.00 15.32 ? 69  GLY A CA  1 
ATOM   508  C  C   . GLY A 1 71  ? -7.303  5.169   -6.381  1.00 14.35 ? 69  GLY A C   1 
ATOM   509  O  O   . GLY A 1 71  ? -6.921  4.800   -5.270  1.00 15.13 ? 69  GLY A O   1 
ATOM   510  N  N   . ILE A 1 72  ? -8.403  4.716   -6.986  1.00 14.03 ? 70  ILE A N   1 
ATOM   511  C  CA  . ILE A 1 72  ? -9.152  3.568   -6.454  1.00 12.90 ? 70  ILE A CA  1 
ATOM   512  C  C   . ILE A 1 72  ? -9.245  2.534   -7.555  1.00 14.83 ? 70  ILE A C   1 
ATOM   513  O  O   . ILE A 1 72  ? -9.740  2.841   -8.634  1.00 15.18 ? 70  ILE A O   1 
ATOM   514  C  CB  . ILE A 1 72  ? -10.569 4.027   -6.048  1.00 14.67 ? 70  ILE A CB  1 
ATOM   515  C  CG1 . ILE A 1 72  ? -10.458 5.164   -5.015  1.00 12.95 ? 70  ILE A CG1 1 
ATOM   516  C  CG2 . ILE A 1 72  ? -11.392 2.823   -5.476  1.00 12.54 ? 70  ILE A CG2 1 
ATOM   517  C  CD1 . ILE A 1 72  ? -11.828 5.853   -4.700  1.00 12.84 ? 70  ILE A CD1 1 
ATOM   518  N  N   . TYR A 1 73  ? -8.755  1.336   -7.266  1.00 13.56 ? 71  TYR A N   1 
ATOM   519  C  CA  . TYR A 1 73  ? -8.586  0.306   -8.317  1.00 12.61 ? 71  TYR A CA  1 
ATOM   520  C  C   . TYR A 1 73  ? -9.486  -0.853  -8.053  1.00 13.25 ? 71  TYR A C   1 
ATOM   521  O  O   . TYR A 1 73  ? -9.479  -1.396  -6.950  1.00 13.97 ? 71  TYR A O   1 
ATOM   522  C  CB  . TYR A 1 73  ? -7.095  -0.189  -8.375  1.00 11.64 ? 71  TYR A CB  1 
ATOM   523  C  CG  . TYR A 1 73  ? -6.137  0.975   -8.589  1.00 13.01 ? 71  TYR A CG  1 
ATOM   524  C  CD1 . TYR A 1 73  ? -5.790  1.384   -9.895  1.00 12.40 ? 71  TYR A CD1 1 
ATOM   525  C  CD2 . TYR A 1 73  ? -5.644  1.712   -7.508  1.00 14.57 ? 71  TYR A CD2 1 
ATOM   526  C  CE1 . TYR A 1 73  ? -4.936  2.476   -10.102 1.00 13.28 ? 71  TYR A CE1 1 
ATOM   527  C  CE2 . TYR A 1 73  ? -4.815  2.827   -7.720  1.00 16.42 ? 71  TYR A CE2 1 
ATOM   528  C  CZ  . TYR A 1 73  ? -4.488  3.201   -9.030  1.00 17.56 ? 71  TYR A CZ  1 
ATOM   529  O  OH  . TYR A 1 73  ? -3.686  4.291   -9.241  1.00 16.30 ? 71  TYR A OH  1 
ATOM   530  N  N   . HIS A 1 74  ? -10.283 -1.211  -9.054  1.00 13.76 ? 72  HIS A N   1 
ATOM   531  C  CA  . HIS A 1 74  ? -11.285 -2.244  -8.888  1.00 13.21 ? 72  HIS A CA  1 
ATOM   532  C  C   . HIS A 1 74  ? -10.886 -3.362  -9.838  1.00 15.14 ? 72  HIS A C   1 
ATOM   533  O  O   . HIS A 1 74  ? -10.958 -3.205  -11.045 1.00 14.00 ? 72  HIS A O   1 
ATOM   534  C  CB  . HIS A 1 74  ? -12.659 -1.615  -9.245  1.00 13.29 ? 72  HIS A CB  1 
ATOM   535  C  CG  . HIS A 1 74  ? -13.810 -2.575  -9.212  1.00 15.75 ? 72  HIS A CG  1 
ATOM   536  N  ND1 . HIS A 1 74  ? -15.061 -2.231  -9.672  1.00 13.95 ? 72  HIS A ND1 1 
ATOM   537  C  CD2 . HIS A 1 74  ? -13.892 -3.867  -8.820  1.00 15.51 ? 72  HIS A CD2 1 
ATOM   538  C  CE1 . HIS A 1 74  ? -15.880 -3.256  -9.531  1.00 15.40 ? 72  HIS A CE1 1 
ATOM   539  N  NE2 . HIS A 1 74  ? -15.189 -4.276  -9.049  1.00 15.09 ? 72  HIS A NE2 1 
ATOM   540  N  N   . TRP A 1 75  ? -10.428 -4.478  -9.293  1.00 17.51 ? 73  TRP A N   1 
ATOM   541  C  CA  . TRP A 1 75  ? -10.024 -5.578  -10.179 1.00 21.68 ? 73  TRP A CA  1 
ATOM   542  C  C   . TRP A 1 75  ? -10.233 -6.938  -9.574  1.00 23.02 ? 73  TRP A C   1 
ATOM   543  O  O   . TRP A 1 75  ? -10.468 -7.055  -8.379  1.00 23.53 ? 73  TRP A O   1 
ATOM   544  C  CB  . TRP A 1 75  ? -8.583  -5.381  -10.602 1.00 22.57 ? 73  TRP A CB  1 
ATOM   545  C  CG  . TRP A 1 75  ? -7.630  -5.957  -9.688  1.00 26.28 ? 73  TRP A CG  1 
ATOM   546  C  CD1 . TRP A 1 75  ? -6.894  -7.111  -9.870  1.00 26.45 ? 73  TRP A CD1 1 
ATOM   547  C  CD2 . TRP A 1 75  ? -7.283  -5.452  -8.419  1.00 26.46 ? 73  TRP A CD2 1 
ATOM   548  N  NE1 . TRP A 1 75  ? -6.114  -7.339  -8.777  1.00 29.34 ? 73  TRP A NE1 1 
ATOM   549  C  CE2 . TRP A 1 75  ? -6.325  -6.343  -7.863  1.00 26.87 ? 73  TRP A CE2 1 
ATOM   550  C  CE3 . TRP A 1 75  ? -7.688  -4.335  -7.683  1.00 26.88 ? 73  TRP A CE3 1 
ATOM   551  C  CZ2 . TRP A 1 75  ? -5.758  -6.146  -6.614  1.00 27.53 ? 73  TRP A CZ2 1 
ATOM   552  C  CZ3 . TRP A 1 75  ? -7.115  -4.121  -6.432  1.00 27.30 ? 73  TRP A CZ3 1 
ATOM   553  C  CH2 . TRP A 1 75  ? -6.166  -5.028  -5.902  1.00 27.22 ? 73  TRP A CH2 1 
ATOM   554  N  N   . THR A 1 76  ? -10.162 -7.971  -10.410 1.00 25.11 ? 74  THR A N   1 
ATOM   555  C  CA  . THR A 1 76  ? -10.262 -9.343  -9.941  1.00 26.68 ? 74  THR A CA  1 
ATOM   556  C  C   . THR A 1 76  ? -8.954  -10.066 -10.210 1.00 27.55 ? 74  THR A C   1 
ATOM   557  O  O   . THR A 1 76  ? -8.426  -10.014 -11.312 1.00 27.08 ? 74  THR A O   1 
ATOM   558  C  CB  . THR A 1 76  ? -11.420 -10.082 -10.620 1.00 27.59 ? 74  THR A CB  1 
ATOM   559  O  OG1 . THR A 1 76  ? -12.619 -9.336  -10.373 1.00 30.36 ? 74  THR A OG1 1 
ATOM   560  C  CG2 . THR A 1 76  ? -11.558 -11.500 -10.045 1.00 28.35 ? 74  THR A CG2 1 
ATOM   561  N  N   . CYS A 1 77  ? -8.422  -10.673 -9.162  1.00 28.58 ? 75  CYS A N   1 
ATOM   562  C  CA  . CYS A 1 77  ? -7.227  -11.463 -9.254  1.00 31.88 ? 75  CYS A CA  1 
ATOM   563  C  C   . CYS A 1 77  ? -7.656  -12.824 -9.795  1.00 32.37 ? 75  CYS A C   1 
ATOM   564  O  O   . CYS A 1 77  ? -8.390  -13.548 -9.122  1.00 32.47 ? 75  CYS A O   1 
ATOM   565  C  CB  . CYS A 1 77  ? -6.613  -11.587 -7.864  1.00 31.81 ? 75  CYS A CB  1 
ATOM   566  S  SG  . CYS A 1 77  ? -5.259  -12.763 -7.829  1.00 37.60 ? 75  CYS A SG  1 
ATOM   567  N  N   . ALA A 1 78  ? -7.257  -13.142 -11.027 1.00 34.08 ? 76  ALA A N   1 
ATOM   568  C  CA  . ALA A 1 78  ? -7.712  -14.382 -11.679 1.00 35.33 ? 76  ALA A CA  1 
ATOM   569  C  C   . ALA A 1 78  ? -7.269  -15.659 -10.939 1.00 35.88 ? 76  ALA A C   1 
ATOM   570  O  O   . ALA A 1 78  ? -8.001  -16.660 -10.909 1.00 36.16 ? 76  ALA A O   1 
ATOM   571  C  CB  . ALA A 1 78  ? -7.252  -14.415 -13.137 1.00 35.71 ? 76  ALA A CB  1 
ATOM   572  N  N   . SER A 1 79  ? -6.084  -15.613 -10.334 1.00 36.32 ? 77  SER A N   1 
ATOM   573  C  CA  . SER A 1 79  ? -5.503  -16.778 -9.655  1.00 36.51 ? 77  SER A CA  1 
ATOM   574  C  C   . SER A 1 79  ? -6.286  -17.200 -8.398  1.00 36.35 ? 77  SER A C   1 
ATOM   575  O  O   . SER A 1 79  ? -6.357  -18.397 -8.066  1.00 36.50 ? 77  SER A O   1 
ATOM   576  C  CB  . SER A 1 79  ? -4.032  -16.516 -9.306  1.00 36.67 ? 77  SER A CB  1 
ATOM   577  O  OG  . SER A 1 79  ? -3.909  -15.434 -8.387  1.00 37.41 ? 77  SER A OG  1 
ATOM   578  N  N   . ASN A 1 80  ? -6.873  -16.226 -7.706  1.00 35.62 ? 78  ASN A N   1 
ATOM   579  C  CA  . ASN A 1 80  ? -7.665  -16.518 -6.514  1.00 34.63 ? 78  ASN A CA  1 
ATOM   580  C  C   . ASN A 1 80  ? -9.141  -16.126 -6.610  1.00 33.71 ? 78  ASN A C   1 
ATOM   581  O  O   . ASN A 1 80  ? -9.882  -16.233 -5.620  1.00 33.53 ? 78  ASN A O   1 
ATOM   582  C  CB  . ASN A 1 80  ? -6.999  -15.937 -5.256  1.00 34.80 ? 78  ASN A CB  1 
ATOM   583  C  CG  . ASN A 1 80  ? -7.252  -14.440 -5.081  1.00 36.47 ? 78  ASN A CG  1 
ATOM   584  O  OD1 . ASN A 1 80  ? -7.933  -13.806 -5.898  1.00 36.29 ? 78  ASN A OD1 1 
ATOM   585  N  ND2 . ASN A 1 80  ? -6.700  -13.871 -4.004  1.00 35.93 ? 78  ASN A ND2 1 
ATOM   586  N  N   . GLY A 1 81  ? -9.565  -15.676 -7.801  1.00 32.35 ? 79  GLY A N   1 
ATOM   587  C  CA  . GLY A 1 81  ? -10.976 -15.381 -8.079  1.00 30.95 ? 79  GLY A CA  1 
ATOM   588  C  C   . GLY A 1 81  ? -11.559 -14.226 -7.290  1.00 29.59 ? 79  GLY A C   1 
ATOM   589  O  O   . GLY A 1 81  ? -12.755 -13.945 -7.370  1.00 29.47 ? 79  GLY A O   1 
ATOM   590  N  N   . THR A 1 82  ? -10.703 -13.530 -6.545  1.00 28.72 ? 80  THR A N   1 
ATOM   591  C  CA  . THR A 1 82  ? -11.160 -12.520 -5.599  1.00 27.60 ? 80  THR A CA  1 
ATOM   592  C  C   . THR A 1 82  ? -11.137 -11.103 -6.191  1.00 25.76 ? 80  THR A C   1 
ATOM   593  O  O   . THR A 1 82  ? -10.136 -10.697 -6.791  1.00 25.29 ? 80  THR A O   1 
ATOM   594  C  CB  . THR A 1 82  ? -10.312 -12.535 -4.318  1.00 28.09 ? 80  THR A CB  1 
ATOM   595  O  OG1 . THR A 1 82  ? -10.310 -13.860 -3.758  1.00 30.70 ? 80  THR A OG1 1 
ATOM   596  C  CG2 . THR A 1 82  ? -10.859 -11.522 -3.300  1.00 28.20 ? 80  THR A CG2 1 
ATOM   597  N  N   . THR A 1 83  ? -12.246 -10.386 -6.016  1.00 24.17 ? 81  THR A N   1 
ATOM   598  C  CA  . THR A 1 83  ? -12.357 -8.987  -6.470  1.00 22.80 ? 81  THR A CA  1 
ATOM   599  C  C   . THR A 1 83  ? -11.974 -8.036  -5.349  1.00 21.03 ? 81  THR A C   1 
ATOM   600  O  O   . THR A 1 83  ? -12.369 -8.198  -4.199  1.00 20.85 ? 81  THR A O   1 
ATOM   601  C  CB  . THR A 1 83  ? -13.774 -8.650  -7.015  1.00 23.12 ? 81  THR A CB  1 
ATOM   602  O  OG1 . THR A 1 83  ? -14.058 -9.545  -8.095  1.00 25.11 ? 81  THR A OG1 1 
ATOM   603  C  CG2 . THR A 1 83  ? -13.838 -7.232  -7.573  1.00 24.36 ? 81  THR A CG2 1 
ATOM   604  N  N   . TYR A 1 84  ? -11.201 -7.026  -5.712  1.00 19.26 ? 82  TYR A N   1 
ATOM   605  C  CA  . TYR A 1 84  ? -10.670 -6.096  -4.744  1.00 17.72 ? 82  TYR A CA  1 
ATOM   606  C  C   . TYR A 1 84  ? -11.027 -4.680  -5.147  1.00 16.09 ? 82  TYR A C   1 
ATOM   607  O  O   . TYR A 1 84  ? -11.171 -4.394  -6.340  1.00 15.27 ? 82  TYR A O   1 
ATOM   608  C  CB  . TYR A 1 84  ? -9.135  -6.181  -4.716  1.00 18.55 ? 82  TYR A CB  1 
ATOM   609  C  CG  . TYR A 1 84  ? -8.600  -7.485  -4.214  1.00 21.09 ? 82  TYR A CG  1 
ATOM   610  C  CD1 . TYR A 1 84  ? -8.441  -7.712  -2.838  1.00 22.73 ? 82  TYR A CD1 1 
ATOM   611  C  CD2 . TYR A 1 84  ? -8.255  -8.500  -5.105  1.00 24.25 ? 82  TYR A CD2 1 
ATOM   612  C  CE1 . TYR A 1 84  ? -7.938  -8.946  -2.366  1.00 25.51 ? 82  TYR A CE1 1 
ATOM   613  C  CE2 . TYR A 1 84  ? -7.747  -9.733  -4.641  1.00 25.99 ? 82  TYR A CE2 1 
ATOM   614  C  CZ  . TYR A 1 84  ? -7.597  -9.937  -3.286  1.00 27.28 ? 82  TYR A CZ  1 
ATOM   615  O  OH  . TYR A 1 84  ? -7.110  -11.152 -2.852  1.00 29.47 ? 82  TYR A OH  1 
ATOM   616  N  N   . LEU A 1 85  ? -11.179 -3.836  -4.133  1.00 14.24 ? 83  LEU A N   1 
ATOM   617  C  CA  A LEU A 1 85  ? -11.285 -2.408  -4.329  0.60 14.20 ? 83  LEU A CA  1 
ATOM   618  C  CA  B LEU A 1 85  ? -11.281 -2.386  -4.292  0.40 14.08 ? 83  LEU A CA  1 
ATOM   619  C  C   . LEU A 1 85  ? -10.172 -1.768  -3.483  1.00 14.16 ? 83  LEU A C   1 
ATOM   620  O  O   . LEU A 1 85  ? -10.279 -1.699  -2.244  1.00 14.66 ? 83  LEU A O   1 
ATOM   621  C  CB  A LEU A 1 85  ? -12.682 -1.940  -3.873  0.60 14.55 ? 83  LEU A CB  1 
ATOM   622  C  CB  B LEU A 1 85  ? -12.594 -1.866  -3.701  0.40 14.13 ? 83  LEU A CB  1 
ATOM   623  C  CG  A LEU A 1 85  ? -13.051 -0.518  -4.224  0.60 14.74 ? 83  LEU A CG  1 
ATOM   624  C  CG  B LEU A 1 85  ? -13.820 -2.013  -4.562  0.40 12.86 ? 83  LEU A CG  1 
ATOM   625  C  CD1 A LEU A 1 85  ? -13.086 -0.244  -5.743  0.60 14.48 ? 83  LEU A CD1 1 
ATOM   626  C  CD1 B LEU A 1 85  ? -14.943 -1.211  -3.918  0.40 14.12 ? 83  LEU A CD1 1 
ATOM   627  C  CD2 A LEU A 1 85  ? -14.435 -0.233  -3.598  0.60 13.99 ? 83  LEU A CD2 1 
ATOM   628  C  CD2 B LEU A 1 85  ? -13.549 -1.503  -5.968  0.40 15.24 ? 83  LEU A CD2 1 
ATOM   629  N  N   . ARG A 1 86  ? -9.108  -1.312  -4.166  1.00 13.96 ? 84  ARG A N   1 
ATOM   630  C  CA  . ARG A 1 86  ? -7.912  -0.852  -3.491  1.00 14.13 ? 84  ARG A CA  1 
ATOM   631  C  C   . ARG A 1 86  ? -7.880  0.654   -3.474  1.00 13.66 ? 84  ARG A C   1 
ATOM   632  O  O   . ARG A 1 86  ? -7.732  1.286   -4.529  1.00 14.94 ? 84  ARG A O   1 
ATOM   633  C  CB  . ARG A 1 86  ? -6.647  -1.336  -4.215  1.00 14.98 ? 84  ARG A CB  1 
ATOM   634  C  CG  . ARG A 1 86  ? -5.339  -0.728  -3.635  1.00 15.55 ? 84  ARG A CG  1 
ATOM   635  C  CD  . ARG A 1 86  ? -4.107  -1.083  -4.550  1.00 19.83 ? 84  ARG A CD  1 
ATOM   636  N  NE  . ARG A 1 86  ? -3.279  -2.118  -3.920  1.00 19.74 ? 84  ARG A NE  1 
ATOM   637  C  CZ  . ARG A 1 86  ? -1.951  -2.207  -3.958  1.00 23.89 ? 84  ARG A CZ  1 
ATOM   638  N  NH1 . ARG A 1 86  ? -1.203  -1.332  -4.600  1.00 18.45 ? 84  ARG A NH1 1 
ATOM   639  N  NH2 . ARG A 1 86  ? -1.359  -3.188  -3.288  1.00 25.13 ? 84  ARG A NH2 1 
ATOM   640  N  N   . PHE A 1 87  ? -8.025  1.239   -2.281  1.00 12.04 ? 85  PHE A N   1 
ATOM   641  C  CA  . PHE A 1 87  ? -7.880  2.707   -2.133  1.00 12.66 ? 85  PHE A CA  1 
ATOM   642  C  C   . PHE A 1 87  ? -6.433  3.009   -1.888  1.00 13.82 ? 85  PHE A C   1 
ATOM   643  O  O   . PHE A 1 87  ? -5.902  2.535   -0.896  1.00 14.17 ? 85  PHE A O   1 
ATOM   644  C  CB  . PHE A 1 87  ? -8.648  3.171   -0.912  1.00 13.24 ? 85  PHE A CB  1 
ATOM   645  C  CG  . PHE A 1 87  ? -10.156 3.142   -1.103  1.00 12.15 ? 85  PHE A CG  1 
ATOM   646  C  CD1 . PHE A 1 87  ? -10.867 4.338   -1.324  1.00 12.09 ? 85  PHE A CD1 1 
ATOM   647  C  CD2 . PHE A 1 87  ? -10.851 1.911   -1.065  1.00 12.40 ? 85  PHE A CD2 1 
ATOM   648  C  CE1 . PHE A 1 87  ? -12.273 4.309   -1.519  1.00 13.93 ? 85  PHE A CE1 1 
ATOM   649  C  CE2 . PHE A 1 87  ? -12.265 1.862   -1.259  1.00 13.67 ? 85  PHE A CE2 1 
ATOM   650  C  CZ  . PHE A 1 87  ? -12.970 3.059   -1.487  1.00 13.41 ? 85  PHE A CZ  1 
ATOM   651  N  N   . THR A 1 88  ? -5.832  3.839   -2.758  1.00 13.10 ? 86  THR A N   1 
ATOM   652  C  CA  . THR A 1 88  ? -4.371  4.067   -2.685  1.00 13.07 ? 86  THR A CA  1 
ATOM   653  C  C   . THR A 1 88  ? -4.177  5.521   -2.303  1.00 13.88 ? 86  THR A C   1 
ATOM   654  O  O   . THR A 1 88  ? -4.815  6.410   -2.876  1.00 14.72 ? 86  THR A O   1 
ATOM   655  C  CB  . THR A 1 88  ? -3.741  3.795   -4.050  1.00 14.90 ? 86  THR A CB  1 
ATOM   656  O  OG1 . THR A 1 88  ? -4.103  2.470   -4.462  1.00 14.32 ? 86  THR A OG1 1 
ATOM   657  C  CG2 . THR A 1 88  ? -2.254  3.892   -3.934  1.00 13.20 ? 86  THR A CG2 1 
ATOM   658  N  N   . PHE A 1 89  ? -3.293  5.743   -1.332  1.00 13.25 ? 87  PHE A N   1 
ATOM   659  C  CA  . PHE A 1 89  ? -3.009  7.098   -0.840  1.00 12.69 ? 87  PHE A CA  1 
ATOM   660  C  C   . PHE A 1 89  ? -1.540  7.402   -0.966  1.00 14.27 ? 87  PHE A C   1 
ATOM   661  O  O   . PHE A 1 89  ? -0.709  6.481   -0.856  1.00 16.09 ? 87  PHE A O   1 
ATOM   662  C  CB  . PHE A 1 89  ? -3.385  7.202   0.647   1.00 13.36 ? 87  PHE A CB  1 
ATOM   663  C  CG  . PHE A 1 89  ? -4.831  6.947   0.880   1.00 14.53 ? 87  PHE A CG  1 
ATOM   664  C  CD1 . PHE A 1 89  ? -5.727  8.004   0.879   1.00 16.53 ? 87  PHE A CD1 1 
ATOM   665  C  CD2 . PHE A 1 89  ? -5.291  5.636   1.108   1.00 14.54 ? 87  PHE A CD2 1 
ATOM   666  C  CE1 . PHE A 1 89  ? -7.093  7.758   1.090   1.00 15.98 ? 87  PHE A CE1 1 
ATOM   667  C  CE2 . PHE A 1 89  ? -6.617  5.386   1.323   1.00 17.29 ? 87  PHE A CE2 1 
ATOM   668  C  CZ  . PHE A 1 89  ? -7.522  6.439   1.313   1.00 16.41 ? 87  PHE A CZ  1 
ATOM   669  N  N   . SER A 1 90  ? -1.195  8.685   -1.104  1.00 14.28 ? 88  SER A N   1 
ATOM   670  C  CA  . SER A 1 90  ? 0.204   9.103   -0.970  1.00 15.96 ? 88  SER A CA  1 
ATOM   671  C  C   . SER A 1 90  ? 0.342   9.942   0.305   1.00 16.04 ? 88  SER A C   1 
ATOM   672  O  O   . SER A 1 90  ? -0.613  10.627  0.743   1.00 15.05 ? 88  SER A O   1 
ATOM   673  C  CB  . SER A 1 90  ? 0.639   9.912   -2.210  1.00 17.00 ? 88  SER A CB  1 
ATOM   674  O  OG  . SER A 1 90  ? 1.960   10.373  -2.061  1.00 21.51 ? 88  SER A OG  1 
ATOM   675  N  N   . GLY A 1 91  ? 1.524   9.885   0.900   1.00 15.82 ? 89  GLY A N   1 
ATOM   676  C  CA  . GLY A 1 91  ? 1.789   10.696  2.067   1.00 16.54 ? 89  GLY A CA  1 
ATOM   677  C  C   . GLY A 1 91  ? 3.232   10.581  2.489   1.00 18.03 ? 89  GLY A C   1 
ATOM   678  O  O   . GLY A 1 91  ? 4.065   9.990   1.774   1.00 18.14 ? 89  GLY A O   1 
ATOM   679  N  N   . GLN A 1 92  ? 3.519   11.164  3.643   1.00 17.23 ? 90  GLN A N   1 
ATOM   680  C  CA  . GLN A 1 92  ? 4.855   11.108  4.215   1.00 17.60 ? 90  GLN A CA  1 
ATOM   681  C  C   . GLN A 1 92  ? 4.992   10.058  5.289   1.00 17.66 ? 90  GLN A C   1 
ATOM   682  O  O   . GLN A 1 92  ? 4.019   9.732   5.996   1.00 18.21 ? 90  GLN A O   1 
ATOM   683  C  CB  . GLN A 1 92  ? 5.175   12.421  4.874   1.00 18.39 ? 90  GLN A CB  1 
ATOM   684  C  CG  . GLN A 1 92  ? 5.133   13.639  3.978   1.00 22.94 ? 90  GLN A CG  1 
ATOM   685  C  CD  . GLN A 1 92  ? 5.458   14.904  4.759   1.00 26.61 ? 90  GLN A CD  1 
ATOM   686  O  OE1 . GLN A 1 92  ? 6.494   14.982  5.425   1.00 28.89 ? 90  GLN A OE1 1 
ATOM   687  N  NE2 . GLN A 1 92  ? 4.560   15.895  4.702   1.00 28.79 ? 90  GLN A NE2 1 
ATOM   688  N  N   . VAL A 1 93  ? 6.220   9.594   5.471   1.00 15.97 ? 91  VAL A N   1 
ATOM   689  C  CA  . VAL A 1 93  ? 6.543   8.879   6.672   1.00 17.66 ? 91  VAL A CA  1 
ATOM   690  C  C   . VAL A 1 93  ? 7.155   9.883   7.647   1.00 18.23 ? 91  VAL A C   1 
ATOM   691  O  O   . VAL A 1 93  ? 7.960   10.717  7.241   1.00 20.20 ? 91  VAL A O   1 
ATOM   692  C  CB  . VAL A 1 93  ? 7.398   7.607   6.413   1.00 18.82 ? 91  VAL A CB  1 
ATOM   693  C  CG1 . VAL A 1 93  ? 6.474   6.466   5.910   1.00 18.41 ? 91  VAL A CG1 1 
ATOM   694  C  CG2 . VAL A 1 93  ? 8.577   7.885   5.496   1.00 19.22 ? 91  VAL A CG2 1 
ATOM   695  N  N   . VAL A 1 94  ? 6.739   9.815   8.909   1.00 17.15 ? 92  VAL A N   1 
ATOM   696  C  CA  . VAL A 1 94  ? 7.098   10.836  9.892   1.00 18.39 ? 92  VAL A CA  1 
ATOM   697  C  C   . VAL A 1 94  ? 7.776   10.278  11.146  1.00 17.23 ? 92  VAL A C   1 
ATOM   698  O  O   . VAL A 1 94  ? 8.129   11.038  12.029  1.00 18.52 ? 92  VAL A O   1 
ATOM   699  C  CB  . VAL A 1 94  ? 5.873   11.648  10.322  1.00 18.55 ? 92  VAL A CB  1 
ATOM   700  C  CG1 . VAL A 1 94  ? 5.263   12.374  9.136   1.00 21.47 ? 92  VAL A CG1 1 
ATOM   701  C  CG2 . VAL A 1 94  ? 4.834   10.749  11.011  1.00 18.72 ? 92  VAL A CG2 1 
ATOM   702  N  N   . SER A 1 95  ? 7.900   8.954   11.250  1.00 16.43 ? 93  SER A N   1 
ATOM   703  C  CA  . SER A 1 95  ? 8.778   8.331   12.273  1.00 16.75 ? 93  SER A CA  1 
ATOM   704  C  C   . SER A 1 95  ? 9.161   6.927   11.850  1.00 16.20 ? 93  SER A C   1 
ATOM   705  O  O   . SER A 1 95  ? 8.520   6.303   11.018  1.00 16.75 ? 93  SER A O   1 
ATOM   706  C  CB  . SER A 1 95  ? 8.056   8.232   13.629  1.00 17.27 ? 93  SER A CB  1 
ATOM   707  O  OG  . SER A 1 95  ? 7.153   7.143   13.612  1.00 24.14 ? 93  SER A OG  1 
ATOM   708  N  N   . PHE A 1 96  ? 10.250  6.444   12.429  1.00 15.37 ? 94  PHE A N   1 
ATOM   709  C  CA  . PHE A 1 96  ? 10.671  5.070   12.194  1.00 16.06 ? 94  PHE A CA  1 
ATOM   710  C  C   . PHE A 1 96  ? 11.282  4.552   13.469  1.00 16.15 ? 94  PHE A C   1 
ATOM   711  O  O   . PHE A 1 96  ? 12.063  5.245   14.106  1.00 18.11 ? 94  PHE A O   1 
ATOM   712  C  CB  . PHE A 1 96  ? 11.721  5.021   11.092  1.00 15.55 ? 94  PHE A CB  1 
ATOM   713  C  CG  . PHE A 1 96  ? 12.333  3.649   10.910  1.00 14.19 ? 94  PHE A CG  1 
ATOM   714  C  CD1 . PHE A 1 96  ? 11.527  2.554   10.661  1.00 14.84 ? 94  PHE A CD1 1 
ATOM   715  C  CD2 . PHE A 1 96  ? 13.702  3.468   11.003  1.00 16.60 ? 94  PHE A CD2 1 
ATOM   716  C  CE1 . PHE A 1 96  ? 12.040  1.273   10.470  1.00 14.59 ? 94  PHE A CE1 1 
ATOM   717  C  CE2 . PHE A 1 96  ? 14.251  2.171   10.838  1.00 16.50 ? 94  PHE A CE2 1 
ATOM   718  C  CZ  . PHE A 1 96  ? 13.403  1.070   10.577  1.00 14.50 ? 94  PHE A CZ  1 
ATOM   719  N  N   . ASP A 1 97  ? 10.932  3.334   13.839  1.00 17.61 ? 95  ASP A N   1 
ATOM   720  C  CA  . ASP A 1 97  ? 11.575  2.672   14.955  1.00 18.87 ? 95  ASP A CA  1 
ATOM   721  C  C   . ASP A 1 97  ? 11.895  1.235   14.555  1.00 17.86 ? 95  ASP A C   1 
ATOM   722  O  O   . ASP A 1 97  ? 10.997  0.424   14.325  1.00 18.04 ? 95  ASP A O   1 
ATOM   723  C  CB  . ASP A 1 97  ? 10.712  2.740   16.226  1.00 20.56 ? 95  ASP A CB  1 
ATOM   724  C  CG  . ASP A 1 97  ? 11.348  2.038   17.453  1.00 23.11 ? 95  ASP A CG  1 
ATOM   725  O  OD1 . ASP A 1 97  ? 12.507  1.579   17.453  1.00 22.80 ? 95  ASP A OD1 1 
ATOM   726  O  OD2 . ASP A 1 97  ? 10.654  2.001   18.502  1.00 31.25 ? 95  ASP A OD2 1 
ATOM   727  N  N   . PRO A 1 98  ? 13.197  0.914   14.499  1.00 16.28 ? 96  PRO A N   1 
ATOM   728  C  CA  . PRO A 1 98  ? 13.599  -0.419  14.035  1.00 17.25 ? 96  PRO A CA  1 
ATOM   729  C  C   . PRO A 1 98  ? 13.122  -1.573  14.907  1.00 17.76 ? 96  PRO A C   1 
ATOM   730  O  O   . PRO A 1 98  ? 13.144  -2.724  14.440  1.00 18.96 ? 96  PRO A O   1 
ATOM   731  C  CB  . PRO A 1 98  ? 15.140  -0.348  14.022  1.00 16.63 ? 96  PRO A CB  1 
ATOM   732  C  CG  . PRO A 1 98  ? 15.482  0.829   14.817  1.00 18.56 ? 96  PRO A CG  1 
ATOM   733  C  CD  . PRO A 1 98  ? 14.351  1.773   14.846  1.00 17.24 ? 96  PRO A CD  1 
ATOM   734  N  N   . ASP A 1 99  ? 12.690  -1.286  16.131  1.00 18.86 ? 97  ASP A N   1 
ATOM   735  C  CA  . ASP A 1 99  ? 12.244  -2.365  17.040  1.00 20.99 ? 97  ASP A CA  1 
ATOM   736  C  C   . ASP A 1 99  ? 10.756  -2.697  16.938  1.00 22.24 ? 97  ASP A C   1 
ATOM   737  O  O   . ASP A 1 99  ? 10.311  -3.729  17.475  1.00 23.42 ? 97  ASP A O   1 
ATOM   738  C  CB  . ASP A 1 99  ? 12.626  -2.067  18.475  1.00 21.79 ? 97  ASP A CB  1 
ATOM   739  C  CG  . ASP A 1 99  ? 14.119  -2.125  18.677  1.00 24.66 ? 97  ASP A CG  1 
ATOM   740  O  OD1 . ASP A 1 99  ? 14.766  -3.005  18.053  1.00 26.44 ? 97  ASP A OD1 1 
ATOM   741  O  OD2 . ASP A 1 99  ? 14.611  -1.275  19.402  1.00 30.09 ? 97  ASP A OD2 1 
ATOM   742  N  N   . ARG A 1 100 ? 10.001  -1.827  16.266  1.00 21.42 ? 98  ARG A N   1 
ATOM   743  C  CA  . ARG A 1 100 ? 8.578   -2.084  15.981  1.00 22.95 ? 98  ARG A CA  1 
ATOM   744  C  C   . ARG A 1 100 ? 8.472   -3.405  15.231  1.00 22.97 ? 98  ARG A C   1 
ATOM   745  O  O   . ARG A 1 100 ? 9.217   -3.662  14.271  1.00 22.21 ? 98  ARG A O   1 
ATOM   746  C  CB  . ARG A 1 100 ? 7.946   -0.921  15.201  1.00 23.28 ? 98  ARG A CB  1 
ATOM   747  C  CG  . ARG A 1 100 ? 7.806   0.393   16.044  1.00 25.12 ? 98  ARG A CG  1 
ATOM   748  C  CD  . ARG A 1 100 ? 7.299   1.642   15.231  1.00 26.30 ? 98  ARG A CD  1 
ATOM   749  N  NE  . ARG A 1 100 ? 7.523   2.935   15.932  1.00 26.85 ? 98  ARG A NE  1 
ATOM   750  C  CZ  . ARG A 1 100 ? 7.608   4.143   15.342  1.00 23.58 ? 98  ARG A CZ  1 
ATOM   751  N  NH1 . ARG A 1 100 ? 7.497   4.286   14.018  1.00 19.40 ? 98  ARG A NH1 1 
ATOM   752  N  NH2 . ARG A 1 100 ? 7.824   5.231   16.092  1.00 22.35 ? 98  ARG A NH2 1 
ATOM   753  N  N   . LYS A 1 101 ? 7.578   -4.274  15.692  1.00 23.55 ? 99  LYS A N   1 
ATOM   754  C  CA  A LYS A 1 101 ? 7.408   -5.578  15.066  0.50 23.23 ? 99  LYS A CA  1 
ATOM   755  C  CA  B LYS A 1 101 ? 7.418   -5.580  15.061  0.50 23.15 ? 99  LYS A CA  1 
ATOM   756  C  C   . LYS A 1 101 ? 6.685   -5.436  13.732  1.00 22.43 ? 99  LYS A C   1 
ATOM   757  O  O   . LYS A 1 101 ? 5.676   -4.728  13.637  1.00 22.73 ? 99  LYS A O   1 
ATOM   758  C  CB  A LYS A 1 101 ? 6.629   -6.520  15.980  0.50 24.21 ? 99  LYS A CB  1 
ATOM   759  C  CB  B LYS A 1 101 ? 6.678   -6.559  15.973  0.50 24.13 ? 99  LYS A CB  1 
ATOM   760  C  CG  A LYS A 1 101 ? 7.213   -7.923  16.022  0.50 25.33 ? 99  LYS A CG  1 
ATOM   761  C  CG  B LYS A 1 101 ? 5.378   -6.037  16.557  0.50 24.77 ? 99  LYS A CG  1 
ATOM   762  C  CD  A LYS A 1 101 ? 8.635   -7.910  16.584  0.50 27.95 ? 99  LYS A CD  1 
ATOM   763  C  CD  B LYS A 1 101 ? 4.679   -7.145  17.328  0.50 27.25 ? 99  LYS A CD  1 
ATOM   764  C  CE  A LYS A 1 101 ? 8.663   -7.768  18.100  0.50 30.28 ? 99  LYS A CE  1 
ATOM   765  C  CE  B LYS A 1 101 ? 3.796   -6.596  18.424  0.50 27.86 ? 99  LYS A CE  1 
ATOM   766  N  NZ  A LYS A 1 101 ? 10.009  -7.359  18.605  0.50 31.67 ? 99  LYS A NZ  1 
ATOM   767  N  NZ  B LYS A 1 101 ? 3.791   -7.528  19.586  0.50 28.57 ? 99  LYS A NZ  1 
ATOM   768  N  N   . LEU A 1 102 ? 7.225   -6.092  12.714  1.00 21.23 ? 100 LEU A N   1 
ATOM   769  C  CA  . LEU A 1 102 ? 6.586   -6.081  11.384  1.00 19.54 ? 100 LEU A CA  1 
ATOM   770  C  C   . LEU A 1 102 ? 5.689   -7.305  11.294  1.00 19.13 ? 100 LEU A C   1 
ATOM   771  O  O   . LEU A 1 102 ? 5.992   -8.358  11.897  1.00 18.98 ? 100 LEU A O   1 
ATOM   772  C  CB  . LEU A 1 102 ? 7.611   -6.058  10.235  1.00 19.23 ? 100 LEU A CB  1 
ATOM   773  C  CG  . LEU A 1 102 ? 8.718   -5.003  10.231  1.00 19.22 ? 100 LEU A CG  1 
ATOM   774  C  CD1 . LEU A 1 102 ? 9.465   -4.959  8.899   1.00 20.45 ? 100 LEU A CD1 1 
ATOM   775  C  CD2 . LEU A 1 102 ? 8.178   -3.647  10.601  1.00 19.55 ? 100 LEU A CD2 1 
ATOM   776  N  N   . ASP A 1 103 ? 4.598   -7.191  10.535  1.00 17.59 ? 101 ASP A N   1 
ATOM   777  C  CA  . ASP A 1 103 ? 3.699   -8.340  10.366  1.00 18.10 ? 101 ASP A CA  1 
ATOM   778  C  C   . ASP A 1 103 ? 4.484   -9.543  9.924   1.00 17.82 ? 101 ASP A C   1 
ATOM   779  O  O   . ASP A 1 103 ? 5.450   -9.428  9.148   1.00 16.73 ? 101 ASP A O   1 
ATOM   780  C  CB  . ASP A 1 103 ? 2.677   -8.061  9.258   1.00 17.75 ? 101 ASP A CB  1 
ATOM   781  C  CG  . ASP A 1 103 ? 1.594   -7.142  9.684   1.00 20.95 ? 101 ASP A CG  1 
ATOM   782  O  OD1 . ASP A 1 103 ? 1.506   -6.810  10.874  1.00 21.00 ? 101 ASP A OD1 1 
ATOM   783  O  OD2 . ASP A 1 103 ? 0.812   -6.744  8.789   1.00 23.54 ? 101 ASP A OD2 1 
ATOM   784  N  N   . THR A 1 104 ? 4.037   -10.712 10.378  1.00 18.54 ? 102 THR A N   1 
ATOM   785  C  CA  . THR A 1 104 ? 4.594   -11.959 9.885   1.00 19.70 ? 102 THR A CA  1 
ATOM   786  C  C   . THR A 1 104 ? 4.304   -12.009 8.402   1.00 19.65 ? 102 THR A C   1 
ATOM   787  O  O   . THR A 1 104 ? 3.205   -11.630 7.963   1.00 18.78 ? 102 THR A O   1 
ATOM   788  C  CB  . THR A 1 104 ? 3.984   -13.173 10.614  1.00 19.33 ? 102 THR A CB  1 
ATOM   789  O  OG1 . THR A 1 104 ? 4.167   -13.005 12.011  1.00 24.18 ? 102 THR A OG1 1 
ATOM   790  C  CG2 . THR A 1 104 ? 4.674   -14.462 10.206  1.00 21.71 ? 102 THR A CG2 1 
ATOM   791  N  N   . GLY A 1 105 ? 5.314   -12.405 7.640   1.00 19.38 ? 103 GLY A N   1 
ATOM   792  C  CA  . GLY A 1 105 ? 5.175   -12.484 6.167   1.00 19.44 ? 103 GLY A CA  1 
ATOM   793  C  C   . GLY A 1 105 ? 5.952   -11.376 5.476   1.00 19.88 ? 103 GLY A C   1 
ATOM   794  O  O   . GLY A 1 105 ? 6.239   -11.469 4.265   1.00 20.10 ? 103 GLY A O   1 
ATOM   795  N  N   . ILE A 1 106 ? 6.276   -10.324 6.219   1.00 17.50 ? 104 ILE A N   1 
ATOM   796  C  CA  . ILE A 1 106 ? 7.122   -9.247  5.704   1.00 17.08 ? 104 ILE A CA  1 
ATOM   797  C  C   . ILE A 1 106 ? 8.586   -9.684  5.830   1.00 16.71 ? 104 ILE A C   1 
ATOM   798  O  O   . ILE A 1 106 ? 9.084   -9.961  6.933   1.00 17.82 ? 104 ILE A O   1 
ATOM   799  C  CB  . ILE A 1 106 ? 6.891   -7.869  6.429   1.00 17.02 ? 104 ILE A CB  1 
ATOM   800  C  CG1 . ILE A 1 106 ? 5.434   -7.372  6.310   1.00 18.34 ? 104 ILE A CG1 1 
ATOM   801  C  CG2 . ILE A 1 106 ? 7.826   -6.799  5.894   1.00 16.72 ? 104 ILE A CG2 1 
ATOM   802  C  CD1 . ILE A 1 106 ? 4.985   -7.187  4.863   1.00 20.20 ? 104 ILE A CD1 1 
ATOM   803  N  N   . VAL A 1 107 ? 9.272   -9.766  4.698   1.00 14.98 ? 105 VAL A N   1 
ATOM   804  C  CA  . VAL A 1 107 ? 10.717  -10.073 4.713   1.00 16.44 ? 105 VAL A CA  1 
ATOM   805  C  C   . VAL A 1 107 ? 11.530  -8.833  5.087   1.00 17.45 ? 105 VAL A C   1 
ATOM   806  O  O   . VAL A 1 107 ? 12.368  -8.864  6.022   1.00 17.70 ? 105 VAL A O   1 
ATOM   807  C  CB  . VAL A 1 107 ? 11.173  -10.638 3.357   1.00 15.74 ? 105 VAL A CB  1 
ATOM   808  C  CG1 . VAL A 1 107 ? 12.706  -10.865 3.395   1.00 16.04 ? 105 VAL A CG1 1 
ATOM   809  C  CG2 . VAL A 1 107 ? 10.400  -11.947 3.004   1.00 18.60 ? 105 VAL A CG2 1 
ATOM   810  N  N   . ARG A 1 108 ? 11.252  -7.733  4.404   1.00 17.75 ? 106 ARG A N   1 
ATOM   811  C  CA  A ARG A 1 108 ? 11.872  -6.455  4.741   0.50 18.29 ? 106 ARG A CA  1 
ATOM   812  C  CA  B ARG A 1 108 ? 11.963  -6.466  4.610   0.50 18.35 ? 106 ARG A CA  1 
ATOM   813  C  C   . ARG A 1 108 ? 11.140  -5.315  4.042   1.00 17.60 ? 106 ARG A C   1 
ATOM   814  O  O   . ARG A 1 108 ? 10.403  -5.513  3.065   1.00 18.03 ? 106 ARG A O   1 
ATOM   815  C  CB  A ARG A 1 108 ? 13.379  -6.442  4.438   0.50 19.40 ? 106 ARG A CB  1 
ATOM   816  C  CB  B ARG A 1 108 ? 13.351  -6.496  3.941   0.50 18.62 ? 106 ARG A CB  1 
ATOM   817  C  CG  A ARG A 1 108 ? 13.750  -6.664  3.007   0.50 20.16 ? 106 ARG A CG  1 
ATOM   818  C  CG  B ARG A 1 108 ? 13.391  -6.832  2.469   0.50 22.12 ? 106 ARG A CG  1 
ATOM   819  C  CD  A ARG A 1 108 ? 15.280  -6.827  2.829   0.50 22.24 ? 106 ARG A CD  1 
ATOM   820  C  CD  B ARG A 1 108 ? 14.841  -7.139  2.038   0.50 27.02 ? 106 ARG A CD  1 
ATOM   821  N  NE  A ARG A 1 108 ? 15.753  -8.134  3.278   0.50 24.80 ? 106 ARG A NE  1 
ATOM   822  N  NE  B ARG A 1 108 ? 15.722  -5.971  2.092   0.50 30.17 ? 106 ARG A NE  1 
ATOM   823  C  CZ  A ARG A 1 108 ? 15.747  -9.251  2.554   0.50 24.42 ? 106 ARG A CZ  1 
ATOM   824  C  CZ  B ARG A 1 108 ? 16.104  -5.261  1.031   0.50 30.35 ? 106 ARG A CZ  1 
ATOM   825  N  NH1 A ARG A 1 108 ? 15.294  -9.265  1.300   0.50 26.08 ? 106 ARG A NH1 1 
ATOM   826  N  NH1 B ARG A 1 108 ? 16.906  -4.218  1.191   0.50 28.88 ? 106 ARG A NH1 1 
ATOM   827  N  NH2 A ARG A 1 108 ? 16.201  -10.380 3.097   0.50 24.46 ? 106 ARG A NH2 1 
ATOM   828  N  NH2 B ARG A 1 108 ? 15.705  -5.596  -0.193  0.50 30.79 ? 106 ARG A NH2 1 
ATOM   829  N  N   . ALA A 1 109 ? 11.270  -4.122  4.611   1.00 16.88 ? 107 ALA A N   1 
ATOM   830  C  CA  . ALA A 1 109 ? 10.719  -2.926  3.964   1.00 16.41 ? 107 ALA A CA  1 
ATOM   831  C  C   . ALA A 1 109 ? 11.932  -2.109  3.575   1.00 16.70 ? 107 ALA A C   1 
ATOM   832  O  O   . ALA A 1 109 ? 12.846  -1.954  4.408   1.00 17.56 ? 107 ALA A O   1 
ATOM   833  C  CB  . ALA A 1 109 ? 9.819   -2.150  4.945   1.00 16.54 ? 107 ALA A CB  1 
ATOM   834  N  N   . ALA A 1 110 ? 11.974  -1.606  2.345   1.00 15.66 ? 108 ALA A N   1 
ATOM   835  C  CA  . ALA A 1 110 ? 13.133  -0.865  1.885   1.00 16.01 ? 108 ALA A CA  1 
ATOM   836  C  C   . ALA A 1 110 ? 12.750  0.161   0.837   1.00 15.34 ? 108 ALA A C   1 
ATOM   837  O  O   . ALA A 1 110 ? 11.596  0.155   0.359   1.00 14.43 ? 108 ALA A O   1 
ATOM   838  C  CB  . ALA A 1 110 ? 14.192  -1.853  1.305   1.00 15.78 ? 108 ALA A CB  1 
ATOM   839  N  N   . TRP A 1 111 ? 13.709  1.015   0.469   1.00 14.27 ? 109 TRP A N   1 
ATOM   840  C  CA  . TRP A 1 111 ? 13.439  2.079   -0.516  1.00 14.60 ? 109 TRP A CA  1 
ATOM   841  C  C   . TRP A 1 111 ? 13.953  1.685   -1.881  1.00 14.67 ? 109 TRP A C   1 
ATOM   842  O  O   . TRP A 1 111 ? 15.144  1.320   -1.994  1.00 15.00 ? 109 TRP A O   1 
ATOM   843  C  CB  . TRP A 1 111 ? 14.115  3.376   -0.090  1.00 15.46 ? 109 TRP A CB  1 
ATOM   844  C  CG  . TRP A 1 111 ? 13.517  3.926   1.204   1.00 17.94 ? 109 TRP A CG  1 
ATOM   845  C  CD1 . TRP A 1 111 ? 13.895  3.622   2.493   1.00 18.49 ? 109 TRP A CD1 1 
ATOM   846  C  CD2 . TRP A 1 111 ? 12.458  4.875   1.310   1.00 17.24 ? 109 TRP A CD2 1 
ATOM   847  N  NE1 . TRP A 1 111 ? 13.124  4.325   3.392   1.00 19.08 ? 109 TRP A NE1 1 
ATOM   848  C  CE2 . TRP A 1 111 ? 12.240  5.112   2.692   1.00 16.54 ? 109 TRP A CE2 1 
ATOM   849  C  CE3 . TRP A 1 111 ? 11.663  5.551   0.368   1.00 17.26 ? 109 TRP A CE3 1 
ATOM   850  C  CZ2 . TRP A 1 111 ? 11.209  5.980   3.152   1.00 15.56 ? 109 TRP A CZ2 1 
ATOM   851  C  CZ3 . TRP A 1 111 ? 10.679  6.425   0.828   1.00 17.27 ? 109 TRP A CZ3 1 
ATOM   852  C  CH2 . TRP A 1 111 ? 10.489  6.638   2.204   1.00 16.08 ? 109 TRP A CH2 1 
ATOM   853  N  N   . PHE A 1 112 ? 13.083  1.761   -2.902  1.00 14.48 ? 110 PHE A N   1 
ATOM   854  C  CA  . PHE A 1 112 ? 13.486  1.335   -4.252  1.00 15.22 ? 110 PHE A CA  1 
ATOM   855  C  C   . PHE A 1 112 ? 13.306  2.465   -5.269  1.00 15.85 ? 110 PHE A C   1 
ATOM   856  O  O   . PHE A 1 112 ? 12.284  3.146   -5.270  1.00 16.17 ? 110 PHE A O   1 
ATOM   857  C  CB  . PHE A 1 112 ? 12.613  0.156   -4.717  1.00 16.44 ? 110 PHE A CB  1 
ATOM   858  C  CG  . PHE A 1 112 ? 12.741  -1.073  -3.898  1.00 15.96 ? 110 PHE A CG  1 
ATOM   859  C  CD1 . PHE A 1 112 ? 13.537  -2.145  -4.357  1.00 15.76 ? 110 PHE A CD1 1 
ATOM   860  C  CD2 . PHE A 1 112 ? 12.034  -1.211  -2.675  1.00 15.52 ? 110 PHE A CD2 1 
ATOM   861  C  CE1 . PHE A 1 112 ? 13.600  -3.322  -3.598  1.00 15.86 ? 110 PHE A CE1 1 
ATOM   862  C  CE2 . PHE A 1 112 ? 12.108  -2.378  -1.936  1.00 17.14 ? 110 PHE A CE2 1 
ATOM   863  C  CZ  . PHE A 1 112 ? 12.906  -3.429  -2.385  1.00 17.67 ? 110 PHE A CZ  1 
ATOM   864  N  N   . SER A 1 113 ? 14.259  2.599   -6.184  1.00 16.26 ? 111 SER A N   1 
ATOM   865  C  CA  . SER A 1 113 ? 14.139  3.552   -7.293  1.00 17.89 ? 111 SER A CA  1 
ATOM   866  C  C   . SER A 1 113 ? 13.205  2.996   -8.376  1.00 17.64 ? 111 SER A C   1 
ATOM   867  O  O   . SER A 1 113 ? 12.963  1.786   -8.438  1.00 16.74 ? 111 SER A O   1 
ATOM   868  C  CB  . SER A 1 113 ? 15.523  3.760   -7.918  1.00 18.50 ? 111 SER A CB  1 
ATOM   869  O  OG  . SER A 1 113 ? 15.947  2.545   -8.530  1.00 21.52 ? 111 SER A OG  1 
ATOM   870  N  N   . ILE A 1 114 ? 12.713  3.862   -9.265  1.00 18.15 ? 112 ILE A N   1 
ATOM   871  C  CA  . ILE A 1 114 ? 11.830  3.378   -10.327 1.00 18.59 ? 112 ILE A CA  1 
ATOM   872  C  C   . ILE A 1 114 ? 12.518  2.284   -11.169 1.00 18.14 ? 112 ILE A C   1 
ATOM   873  O  O   . ILE A 1 114 ? 11.875  1.302   -11.571 1.00 17.32 ? 112 ILE A O   1 
ATOM   874  C  CB  . ILE A 1 114 ? 11.308  4.534   -11.217 1.00 19.62 ? 112 ILE A CB  1 
ATOM   875  C  CG1 . ILE A 1 114 ? 10.163  4.033   -12.095 1.00 21.85 ? 112 ILE A CG1 1 
ATOM   876  C  CG2 . ILE A 1 114 ? 12.430  5.168   -12.054 1.00 20.86 ? 112 ILE A CG2 1 
ATOM   877  C  CD1 . ILE A 1 114 ? 9.006   3.528   -11.311 1.00 23.52 ? 112 ILE A CD1 1 
ATOM   878  N  N   . ASP A 1 115 ? 13.816  2.445   -11.445 1.00 18.22 ? 113 ASP A N   1 
ATOM   879  C  CA  . ASP A 1 115 ? 14.514  1.445   -12.262 1.00 18.88 ? 113 ASP A CA  1 
ATOM   880  C  C   . ASP A 1 115 ? 14.467  0.070   -11.600 1.00 18.26 ? 113 ASP A C   1 
ATOM   881  O  O   . ASP A 1 115 ? 14.224  -0.940  -12.272 1.00 19.05 ? 113 ASP A O   1 
ATOM   882  C  CB  . ASP A 1 115 ? 15.961  1.860   -12.563 1.00 19.70 ? 113 ASP A CB  1 
ATOM   883  C  CG  . ASP A 1 115 ? 16.032  2.890   -13.671 1.00 23.95 ? 113 ASP A CG  1 
ATOM   884  O  OD1 . ASP A 1 115 ? 14.969  3.456   -14.028 1.00 29.52 ? 113 ASP A OD1 1 
ATOM   885  O  OD2 . ASP A 1 115 ? 17.133  3.138   -14.198 1.00 27.70 ? 113 ASP A OD2 1 
ATOM   886  N  N   . GLU A 1 116 ? 14.698  0.049   -10.287 1.00 15.75 ? 114 GLU A N   1 
ATOM   887  C  CA  . GLU A 1 116 ? 14.719  -1.202  -9.541  1.00 16.77 ? 114 GLU A CA  1 
ATOM   888  C  C   . GLU A 1 116 ? 13.334  -1.840  -9.522  1.00 16.07 ? 114 GLU A C   1 
ATOM   889  O  O   . GLU A 1 116 ? 13.182  -3.072  -9.663  1.00 16.59 ? 114 GLU A O   1 
ATOM   890  C  CB  . GLU A 1 116 ? 15.214  -0.967  -8.105  1.00 16.68 ? 114 GLU A CB  1 
ATOM   891  C  CG  . GLU A 1 116 ? 16.722  -0.541  -8.027  1.00 19.77 ? 114 GLU A CG  1 
ATOM   892  C  CD  . GLU A 1 116 ? 17.203  0.082   -6.659  1.00 25.20 ? 114 GLU A CD  1 
ATOM   893  O  OE1 . GLU A 1 116 ? 16.441  0.615   -5.805  1.00 21.23 ? 114 GLU A OE1 1 
ATOM   894  O  OE2 . GLU A 1 116 ? 18.436  0.053   -6.419  1.00 28.73 ? 114 GLU A OE2 1 
ATOM   895  N  N   . ILE A 1 117 ? 12.321  -0.998  -9.319  1.00 15.26 ? 115 ILE A N   1 
ATOM   896  C  CA  . ILE A 1 117 ? 10.944  -1.496  -9.289  1.00 14.73 ? 115 ILE A CA  1 
ATOM   897  C  C   . ILE A 1 117 ? 10.583  -2.100  -10.646 1.00 14.73 ? 115 ILE A C   1 
ATOM   898  O  O   . ILE A 1 117 ? 10.066  -3.228  -10.732 1.00 15.22 ? 115 ILE A O   1 
ATOM   899  C  CB  . ILE A 1 117 ? 9.967   -0.352  -8.907  1.00 14.90 ? 115 ILE A CB  1 
ATOM   900  C  CG1 . ILE A 1 117 ? 10.251  0.113   -7.472  1.00 15.31 ? 115 ILE A CG1 1 
ATOM   901  C  CG2 . ILE A 1 117 ? 8.508   -0.803  -8.985  1.00 15.57 ? 115 ILE A CG2 1 
ATOM   902  C  CD1 . ILE A 1 117 ? 9.621   1.493   -7.142  1.00 17.63 ? 115 ILE A CD1 1 
ATOM   903  N  N   . ARG A 1 118 ? 10.897  -1.387  -11.733 1.00 14.73 ? 116 ARG A N   1 
ATOM   904  C  CA  . ARG A 1 118 ? 10.590  -1.910  -13.074 1.00 16.36 ? 116 ARG A CA  1 
ATOM   905  C  C   . ARG A 1 118 ? 11.305  -3.224  -13.344 1.00 16.36 ? 116 ARG A C   1 
ATOM   906  O  O   . ARG A 1 118 ? 10.705  -4.134  -13.905 1.00 16.70 ? 116 ARG A O   1 
ATOM   907  C  CB  . ARG A 1 118 ? 10.890  -0.893  -14.183 1.00 16.64 ? 116 ARG A CB  1 
ATOM   908  C  CG  . ARG A 1 118 ? 10.031  0.331   -14.168 1.00 21.04 ? 116 ARG A CG  1 
ATOM   909  C  CD  . ARG A 1 118 ? 10.409  1.268   -15.327 1.00 27.53 ? 116 ARG A CD  1 
ATOM   910  N  NE  . ARG A 1 118 ? 9.663   2.524   -15.291 1.00 30.42 ? 116 ARG A NE  1 
ATOM   911  C  CZ  . ARG A 1 118 ? 10.173  3.732   -15.545 1.00 32.22 ? 116 ARG A CZ  1 
ATOM   912  N  NH1 . ARG A 1 118 ? 11.458  3.899   -15.863 1.00 33.30 ? 116 ARG A NH1 1 
ATOM   913  N  NH2 . ARG A 1 118 ? 9.380   4.796   -15.476 1.00 34.64 ? 116 ARG A NH2 1 
ATOM   914  N  N   . ALA A 1 119 ? 12.555  -3.367  -12.870 1.00 15.39 ? 117 ALA A N   1 
ATOM   915  C  CA  . ALA A 1 119 ? 13.335  -4.575  -13.162 1.00 16.95 ? 117 ALA A CA  1 
ATOM   916  C  C   . ALA A 1 119 ? 12.828  -5.769  -12.353 1.00 17.88 ? 117 ALA A C   1 
ATOM   917  O  O   . ALA A 1 119 ? 13.162  -6.912  -12.633 1.00 20.13 ? 117 ALA A O   1 
ATOM   918  C  CB  . ALA A 1 119 ? 14.818  -4.313  -12.893 1.00 16.12 ? 117 ALA A CB  1 
ATOM   919  N  N   . LYS A 1 120 ? 12.003  -5.483  -11.349 1.00 16.00 ? 118 LYS A N   1 
ATOM   920  C  CA  . LYS A 1 120 ? 11.463  -6.522  -10.479 1.00 17.16 ? 118 LYS A CA  1 
ATOM   921  C  C   . LYS A 1 120 ? 10.000  -6.831  -10.807 1.00 17.72 ? 118 LYS A C   1 
ATOM   922  O  O   . LYS A 1 120 ? 9.304   -7.444  -10.005 1.00 17.25 ? 118 LYS A O   1 
ATOM   923  C  CB  . LYS A 1 120 ? 11.640  -6.114  -9.018  1.00 17.52 ? 118 LYS A CB  1 
ATOM   924  C  CG  . LYS A 1 120 ? 13.011  -6.499  -8.506  1.00 18.46 ? 118 LYS A CG  1 
ATOM   925  C  CD  . LYS A 1 120 ? 13.109  -6.200  -7.025  1.00 19.48 ? 118 LYS A CD  1 
ATOM   926  C  CE  . LYS A 1 120 ? 14.223  -6.991  -6.415  1.00 22.56 ? 118 LYS A CE  1 
ATOM   927  N  NZ  . LYS A 1 120 ? 15.510  -6.645  -7.034  1.00 21.97 ? 118 LYS A NZ  1 
ATOM   928  N  N   . GLN A 1 121 ? 9.544   -6.373  -11.980 1.00 18.17 ? 119 GLN A N   1 
ATOM   929  C  CA  . GLN A 1 121 ? 8.146   -6.490  -12.397 1.00 20.22 ? 119 GLN A CA  1 
ATOM   930  C  C   . GLN A 1 121 ? 7.611   -7.918  -12.255 1.00 19.35 ? 119 GLN A C   1 
ATOM   931  O  O   . GLN A 1 121 ? 6.488   -8.106  -11.758 1.00 19.14 ? 119 GLN A O   1 
ATOM   932  C  CB  . GLN A 1 121 ? 7.974   -5.979  -13.841 1.00 22.15 ? 119 GLN A CB  1 
ATOM   933  C  CG  . GLN A 1 121 ? 6.617   -5.357  -14.131 1.00 28.76 ? 119 GLN A CG  1 
ATOM   934  C  CD  . GLN A 1 121 ? 6.693   -3.956  -14.834 1.00 36.39 ? 119 GLN A CD  1 
ATOM   935  O  OE1 . GLN A 1 121 ? 5.660   -3.345  -15.123 1.00 41.11 ? 119 GLN A OE1 1 
ATOM   936  N  NE2 . GLN A 1 121 ? 7.908   -3.461  -15.092 1.00 39.12 ? 119 GLN A NE2 1 
ATOM   937  N  N   . ALA A 1 122 ? 8.413   -8.920  -12.639 1.00 19.63 ? 120 ALA A N   1 
ATOM   938  C  CA  . ALA A 1 122 ? 7.926   -10.301 -12.547 1.00 20.35 ? 120 ALA A CA  1 
ATOM   939  C  C   . ALA A 1 122 ? 7.582   -10.765 -11.114 1.00 20.54 ? 120 ALA A C   1 
ATOM   940  O  O   . ALA A 1 122 ? 6.765   -11.681 -10.952 1.00 22.19 ? 120 ALA A O   1 
ATOM   941  C  CB  . ALA A 1 122 ? 8.892   -11.289 -13.249 1.00 20.94 ? 120 ALA A CB  1 
HETATM 942  N  N   . MSE A 1 123 ? 8.172   -10.132 -10.093 1.00 17.61 ? 121 MSE A N   1 
HETATM 943  C  CA  . MSE A 1 123 ? 7.894   -10.518 -8.685  1.00 17.22 ? 121 MSE A CA  1 
HETATM 944  C  C   . MSE A 1 123 ? 6.962   -9.499  -8.000  1.00 16.28 ? 121 MSE A C   1 
HETATM 945  O  O   . MSE A 1 123 ? 6.735   -9.587  -6.797  1.00 15.86 ? 121 MSE A O   1 
HETATM 946  C  CB  . MSE A 1 123 ? 9.176   -10.751 -7.876  1.00 18.79 ? 121 MSE A CB  1 
HETATM 947  C  CG  . MSE A 1 123 ? 10.030  -9.529  -7.703  1.00 19.05 ? 121 MSE A CG  1 
HETATM 948  SE SE  . MSE A 1 123 ? 11.658  -9.913  -6.655  0.83 27.63 ? 121 MSE A SE  1 
HETATM 949  C  CE  . MSE A 1 123 ? 10.856  -9.703  -4.923  1.00 23.38 ? 121 MSE A CE  1 
ATOM   950  N  N   . HIS A 1 124 ? 6.383   -8.563  -8.759  1.00 15.54 ? 122 HIS A N   1 
ATOM   951  C  CA  . HIS A 1 124 ? 5.368   -7.691  -8.144  1.00 14.89 ? 122 HIS A CA  1 
ATOM   952  C  C   . HIS A 1 124 ? 4.181   -8.548  -7.707  1.00 14.85 ? 122 HIS A C   1 
ATOM   953  O  O   . HIS A 1 124 ? 3.755   -9.477  -8.429  1.00 15.32 ? 122 HIS A O   1 
ATOM   954  C  CB  . HIS A 1 124 ? 4.872   -6.643  -9.110  1.00 14.76 ? 122 HIS A CB  1 
ATOM   955  C  CG  . HIS A 1 124 ? 5.868   -5.586  -9.424  1.00 14.75 ? 122 HIS A CG  1 
ATOM   956  N  ND1 . HIS A 1 124 ? 5.540   -4.477  -10.166 1.00 18.04 ? 122 HIS A ND1 1 
ATOM   957  C  CD2 . HIS A 1 124 ? 7.174   -5.455  -9.094  1.00 16.07 ? 122 HIS A CD2 1 
ATOM   958  C  CE1 . HIS A 1 124 ? 6.612   -3.723  -10.323 1.00 18.50 ? 122 HIS A CE1 1 
ATOM   959  N  NE2 . HIS A 1 124 ? 7.614   -4.287  -9.676  1.00 16.44 ? 122 HIS A NE2 1 
ATOM   960  N  N   . ARG A 1 125 ? 3.613   -8.199  -6.551  1.00 15.74 ? 123 ARG A N   1 
ATOM   961  C  CA  . ARG A 1 125 ? 2.469   -8.949  -6.058  1.00 16.38 ? 123 ARG A CA  1 
ATOM   962  C  C   . ARG A 1 125 ? 1.278   -8.922  -7.037  1.00 16.51 ? 123 ARG A C   1 
ATOM   963  O  O   . ARG A 1 125 ? 0.645   -9.948  -7.276  1.00 17.11 ? 123 ARG A O   1 
ATOM   964  C  CB  . ARG A 1 125 ? 2.071   -8.463  -4.663  1.00 16.32 ? 123 ARG A CB  1 
ATOM   965  C  CG  . ARG A 1 125 ? 0.788   -9.067  -4.140  1.00 22.33 ? 123 ARG A CG  1 
ATOM   966  C  CD  . ARG A 1 125 ? 1.061   -9.976  -3.002  1.00 27.77 ? 123 ARG A CD  1 
ATOM   967  N  NE  . ARG A 1 125 ? -0.134  -10.612 -2.410  1.00 31.14 ? 123 ARG A NE  1 
ATOM   968  C  CZ  . ARG A 1 125 ? -0.645  -10.326 -1.205  1.00 34.40 ? 123 ARG A CZ  1 
ATOM   969  N  NH1 . ARG A 1 125 ? -0.105  -9.371  -0.434  1.00 34.73 ? 123 ARG A NH1 1 
ATOM   970  N  NH2 . ARG A 1 125 ? -1.715  -11.002 -0.762  1.00 34.33 ? 123 ARG A NH2 1 
ATOM   971  N  N   . THR A 1 126 ? 0.999   -7.764  -7.612  1.00 17.33 ? 124 THR A N   1 
ATOM   972  C  CA  . THR A 1 126 ? -0.104  -7.632  -8.601  1.00 17.79 ? 124 THR A CA  1 
ATOM   973  C  C   . THR A 1 126 ? 0.301   -6.562  -9.604  1.00 18.10 ? 124 THR A C   1 
ATOM   974  O  O   . THR A 1 126 ? 1.256   -5.833  -9.358  1.00 16.93 ? 124 THR A O   1 
ATOM   975  C  CB  . THR A 1 126 ? -1.428  -7.139  -7.940  1.00 17.96 ? 124 THR A CB  1 
ATOM   976  O  OG1 . THR A 1 126 ? -1.277  -5.772  -7.547  1.00 21.02 ? 124 THR A OG1 1 
ATOM   977  C  CG2 . THR A 1 126 ? -1.855  -8.010  -6.709  1.00 20.62 ? 124 THR A CG2 1 
ATOM   978  N  N   . PRO A 1 127 ? -0.432  -6.458  -10.732 1.00 18.26 ? 125 PRO A N   1 
ATOM   979  C  CA  . PRO A 1 127 ? -0.193  -5.373  -11.669 1.00 17.25 ? 125 PRO A CA  1 
ATOM   980  C  C   . PRO A 1 127 ? -0.395  -3.973  -11.073 1.00 16.47 ? 125 PRO A C   1 
ATOM   981  O  O   . PRO A 1 127 ? 0.096   -2.973  -11.649 1.00 16.62 ? 125 PRO A O   1 
ATOM   982  C  CB  . PRO A 1 127 ? -1.217  -5.653  -12.788 1.00 18.55 ? 125 PRO A CB  1 
ATOM   983  C  CG  . PRO A 1 127 ? -1.454  -7.109  -12.705 1.00 20.39 ? 125 PRO A CG  1 
ATOM   984  C  CD  . PRO A 1 127 ? -1.507  -7.348  -11.222 1.00 19.76 ? 125 PRO A CD  1 
ATOM   985  N  N   . LEU A 1 128 ? -1.067  -3.887  -9.920  1.00 15.76 ? 126 LEU A N   1 
ATOM   986  C  CA  A LEU A 1 128 ? -1.321  -2.593  -9.286  0.50 15.64 ? 126 LEU A CA  1 
ATOM   987  C  CA  B LEU A 1 128 ? -1.320  -2.578  -9.311  0.50 15.89 ? 126 LEU A CA  1 
ATOM   988  C  C   . LEU A 1 128 ? -0.098  -1.956  -8.652  1.00 16.01 ? 126 LEU A C   1 
ATOM   989  O  O   . LEU A 1 128 ? -0.072  -0.728  -8.414  1.00 16.49 ? 126 LEU A O   1 
ATOM   990  C  CB  A LEU A 1 128 ? -2.443  -2.700  -8.251  0.50 16.58 ? 126 LEU A CB  1 
ATOM   991  C  CB  B LEU A 1 128 ? -2.541  -2.602  -8.357  0.50 17.02 ? 126 LEU A CB  1 
ATOM   992  C  CG  A LEU A 1 128 ? -3.791  -3.270  -8.685  0.50 15.81 ? 126 LEU A CG  1 
ATOM   993  C  CG  B LEU A 1 128 ? -3.939  -2.823  -8.966  0.50 17.19 ? 126 LEU A CG  1 
ATOM   994  C  CD1 A LEU A 1 128 ? -4.745  -2.908  -7.571  0.50 16.59 ? 126 LEU A CD1 1 
ATOM   995  C  CD1 B LEU A 1 128 ? -4.197  -1.869  -10.120 0.50 19.55 ? 126 LEU A CD1 1 
ATOM   996  C  CD2 A LEU A 1 128 ? -4.262  -2.739  -10.061 0.50 16.95 ? 126 LEU A CD2 1 
ATOM   997  C  CD2 B LEU A 1 128 ? -4.150  -4.265  -9.421  0.50 20.56 ? 126 LEU A CD2 1 
ATOM   998  N  N   . VAL A 1 129 ? 0.912   -2.787  -8.377  1.00 14.53 ? 127 VAL A N   1 
ATOM   999  C  CA  . VAL A 1 129 ? 2.132   -2.264  -7.756  1.00 14.34 ? 127 VAL A CA  1 
ATOM   1000 C  C   . VAL A 1 129 ? 2.709   -1.225  -8.688  1.00 14.37 ? 127 VAL A C   1 
ATOM   1001 O  O   . VAL A 1 129 ? 3.043   -0.093  -8.274  1.00 15.83 ? 127 VAL A O   1 
ATOM   1002 C  CB  . VAL A 1 129 ? 3.160   -3.377  -7.477  1.00 13.55 ? 127 VAL A CB  1 
ATOM   1003 C  CG1 . VAL A 1 129 ? 4.401   -2.785  -6.874  1.00 16.17 ? 127 VAL A CG1 1 
ATOM   1004 C  CG2 . VAL A 1 129 ? 2.558   -4.370  -6.490  1.00 15.09 ? 127 VAL A CG2 1 
HETATM 1005 N  N   . MSE A 1 130 ? 2.829   -1.591  -9.968  1.00 14.71 ? 128 MSE A N   1 
HETATM 1006 C  CA  . MSE A 1 130 ? 3.360   -0.648  -10.928 1.00 16.13 ? 128 MSE A CA  1 
HETATM 1007 C  C   . MSE A 1 130 ? 2.342   0.445   -11.263 1.00 16.56 ? 128 MSE A C   1 
HETATM 1008 O  O   . MSE A 1 130 ? 2.690   1.636   -11.354 1.00 17.56 ? 128 MSE A O   1 
HETATM 1009 C  CB  . MSE A 1 130 ? 3.804   -1.408  -12.203 1.00 17.38 ? 128 MSE A CB  1 
HETATM 1010 C  CG  . MSE A 1 130 ? 4.610   -0.599  -13.173 1.00 19.05 ? 128 MSE A CG  1 
HETATM 1011 SE SE  . MSE A 1 130 ? 6.446   -0.415  -12.467 0.75 28.67 ? 128 MSE A SE  1 
HETATM 1012 C  CE  . MSE A 1 130 ? 6.205   1.420   -12.012 1.00 20.17 ? 128 MSE A CE  1 
ATOM   1013 N  N   . GLN A 1 131 ? 1.080   0.059   -11.432 1.00 16.92 ? 129 GLN A N   1 
ATOM   1014 C  CA  . GLN A 1 131 ? 0.070   1.041   -11.882 1.00 17.12 ? 129 GLN A CA  1 
ATOM   1015 C  C   . GLN A 1 131 ? -0.083  2.177   -10.872 1.00 16.37 ? 129 GLN A C   1 
ATOM   1016 O  O   . GLN A 1 131 ? -0.185  3.365   -11.257 1.00 18.59 ? 129 GLN A O   1 
ATOM   1017 C  CB  . GLN A 1 131 ? -1.295  0.389   -12.137 1.00 16.76 ? 129 GLN A CB  1 
ATOM   1018 C  CG  . GLN A 1 131 ? -2.289  1.346   -12.846 1.00 18.59 ? 129 GLN A CG  1 
ATOM   1019 C  CD  . GLN A 1 131 ? -1.742  1.827   -14.187 1.00 20.46 ? 129 GLN A CD  1 
ATOM   1020 O  OE1 . GLN A 1 131 ? -1.609  3.025   -14.443 1.00 24.64 ? 129 GLN A OE1 1 
ATOM   1021 N  NE2 . GLN A 1 131 ? -1.343  0.895   -14.998 1.00 18.60 ? 129 GLN A NE2 1 
ATOM   1022 N  N   . CYS A 1 132 ? -0.119  1.836   -9.579  1.00 16.93 ? 130 CYS A N   1 
ATOM   1023 C  CA  A CYS A 1 132 ? -0.296  2.842   -8.499  0.60 16.05 ? 130 CYS A CA  1 
ATOM   1024 C  CA  B CYS A 1 132 ? -0.355  2.912   -8.606  0.40 16.50 ? 130 CYS A CA  1 
ATOM   1025 C  C   . CYS A 1 132 ? 0.840   3.880   -8.542  1.00 16.26 ? 130 CYS A C   1 
ATOM   1026 O  O   . CYS A 1 132 ? 0.654   5.077   -8.358  1.00 16.28 ? 130 CYS A O   1 
ATOM   1027 C  CB  A CYS A 1 132 ? -0.415  2.134   -7.129  0.60 16.33 ? 130 CYS A CB  1 
ATOM   1028 C  CB  B CYS A 1 132 ? -0.762  2.366   -7.248  0.40 17.27 ? 130 CYS A CB  1 
ATOM   1029 S  SG  A CYS A 1 132 ? -1.953  1.132   -6.929  0.60 16.53 ? 130 CYS A SG  1 
ATOM   1030 S  SG  B CYS A 1 132 ? 0.608   1.877   -6.331  0.40 17.42 ? 130 CYS A SG  1 
ATOM   1031 N  N   . ILE A 1 133 ? 2.049   3.390   -8.808  1.00 15.91 ? 131 ILE A N   1 
ATOM   1032 C  CA  . ILE A 1 133 ? 3.210   4.303   -8.925  1.00 16.37 ? 131 ILE A CA  1 
ATOM   1033 C  C   . ILE A 1 133 ? 3.122   5.184   -10.167 1.00 16.60 ? 131 ILE A C   1 
ATOM   1034 O  O   . ILE A 1 133 ? 3.396   6.377   -10.099 1.00 18.16 ? 131 ILE A O   1 
ATOM   1035 C  CB  . ILE A 1 133 ? 4.546   3.493   -8.931  1.00 16.41 ? 131 ILE A CB  1 
ATOM   1036 C  CG1 . ILE A 1 133 ? 4.773   2.924   -7.537  1.00 14.94 ? 131 ILE A CG1 1 
ATOM   1037 C  CG2 . ILE A 1 133 ? 5.732   4.380   -9.351  1.00 18.68 ? 131 ILE A CG2 1 
ATOM   1038 C  CD1 . ILE A 1 133 ? 5.852   1.812   -7.462  1.00 13.21 ? 131 ILE A CD1 1 
ATOM   1039 N  N   . GLU A 1 134 ? 2.725   4.597   -11.293 1.00 16.74 ? 132 GLU A N   1 
ATOM   1040 C  CA  . GLU A 1 134 ? 2.547   5.351   -12.541 1.00 18.71 ? 132 GLU A CA  1 
ATOM   1041 C  C   . GLU A 1 134 ? 1.553   6.488   -12.381 1.00 19.05 ? 132 GLU A C   1 
ATOM   1042 O  O   . GLU A 1 134 ? 1.847   7.614   -12.753 1.00 19.61 ? 132 GLU A O   1 
ATOM   1043 C  CB  . GLU A 1 134 ? 2.132   4.413   -13.675 1.00 18.69 ? 132 GLU A CB  1 
ATOM   1044 C  CG  . GLU A 1 134 ? 3.290   3.432   -14.003 1.00 21.86 ? 132 GLU A CG  1 
ATOM   1045 C  CD  . GLU A 1 134 ? 2.904   2.365   -15.020 1.00 28.46 ? 132 GLU A CD  1 
ATOM   1046 O  OE1 . GLU A 1 134 ? 1.706   2.011   -15.133 1.00 32.94 ? 132 GLU A OE1 1 
ATOM   1047 O  OE2 . GLU A 1 134 ? 3.825   1.857   -15.686 1.00 31.09 ? 132 GLU A OE2 1 
ATOM   1048 N  N   . ASP A 1 135 ? 0.414   6.191   -11.758 1.00 18.05 ? 133 ASP A N   1 
ATOM   1049 C  CA  . ASP A 1 135 ? -0.634  7.173   -11.564 1.00 19.44 ? 133 ASP A CA  1 
ATOM   1050 C  C   . ASP A 1 135 ? -0.139  8.289   -10.633 1.00 18.57 ? 133 ASP A C   1 
ATOM   1051 O  O   . ASP A 1 135 ? -0.352  9.469   -10.908 1.00 18.94 ? 133 ASP A O   1 
ATOM   1052 C  CB  . ASP A 1 135 ? -1.887  6.476   -11.049 1.00 18.97 ? 133 ASP A CB  1 
ATOM   1053 C  CG  . ASP A 1 135 ? -2.549  5.609   -12.122 1.00 20.48 ? 133 ASP A CG  1 
ATOM   1054 O  OD1 . ASP A 1 135 ? -2.215  5.794   -13.312 1.00 22.46 ? 133 ASP A OD1 1 
ATOM   1055 O  OD2 . ASP A 1 135 ? -3.428  4.777   -11.791 1.00 21.07 ? 133 ASP A OD2 1 
ATOM   1056 N  N   . TYR A 1 136 ? 0.576   7.919   -9.573  1.00 19.24 ? 134 TYR A N   1 
ATOM   1057 C  CA  . TYR A 1 136 ? 1.152   8.892   -8.654  1.00 20.09 ? 134 TYR A CA  1 
ATOM   1058 C  C   . TYR A 1 136 ? 2.144   9.797   -9.408  1.00 21.79 ? 134 TYR A C   1 
ATOM   1059 O  O   . TYR A 1 136 ? 2.119   11.040  -9.267  1.00 21.17 ? 134 TYR A O   1 
ATOM   1060 C  CB  . TYR A 1 136 ? 1.885   8.168   -7.522  1.00 19.53 ? 134 TYR A CB  1 
ATOM   1061 C  CG  . TYR A 1 136 ? 2.731   9.089   -6.678  1.00 19.24 ? 134 TYR A CG  1 
ATOM   1062 C  CD1 . TYR A 1 136 ? 2.153   9.922   -5.721  1.00 20.99 ? 134 TYR A CD1 1 
ATOM   1063 C  CD2 . TYR A 1 136 ? 4.114   9.129   -6.850  1.00 19.96 ? 134 TYR A CD2 1 
ATOM   1064 C  CE1 . TYR A 1 136 ? 2.918   10.773  -4.970  1.00 23.47 ? 134 TYR A CE1 1 
ATOM   1065 C  CE2 . TYR A 1 136 ? 4.910   9.989   -6.084  1.00 23.25 ? 134 TYR A CE2 1 
ATOM   1066 C  CZ  . TYR A 1 136 ? 4.301   10.799  -5.143  1.00 24.42 ? 134 TYR A CZ  1 
ATOM   1067 O  OH  . TYR A 1 136 ? 5.090   11.654  -4.399  1.00 22.84 ? 134 TYR A OH  1 
ATOM   1068 N  N   . HIS A 1 137 ? 2.991   9.171   -10.217 1.00 23.41 ? 135 HIS A N   1 
ATOM   1069 C  CA  . HIS A 1 137 ? 3.993   9.908   -10.999 1.00 24.74 ? 135 HIS A CA  1 
ATOM   1070 C  C   . HIS A 1 137 ? 3.333   10.823  -12.020 1.00 25.46 ? 135 HIS A C   1 
ATOM   1071 O  O   . HIS A 1 137 ? 3.856   11.905  -12.316 1.00 26.62 ? 135 HIS A O   1 
ATOM   1072 C  CB  . HIS A 1 137 ? 4.962   8.951   -11.705 1.00 25.58 ? 135 HIS A CB  1 
ATOM   1073 C  CG  . HIS A 1 137 ? 6.162   9.633   -12.291 1.00 27.96 ? 135 HIS A CG  1 
ATOM   1074 N  ND1 . HIS A 1 137 ? 7.341   9.788   -11.593 1.00 29.73 ? 135 HIS A ND1 1 
ATOM   1075 C  CD2 . HIS A 1 137 ? 6.360   10.210  -13.501 1.00 29.83 ? 135 HIS A CD2 1 
ATOM   1076 C  CE1 . HIS A 1 137 ? 8.222   10.422  -12.351 1.00 30.01 ? 135 HIS A CE1 1 
ATOM   1077 N  NE2 . HIS A 1 137 ? 7.652   10.685  -13.516 1.00 31.36 ? 135 HIS A NE2 1 
ATOM   1078 N  N   . ALA A 1 138 ? 2.195   10.391  -12.559 1.00 26.09 ? 136 ALA A N   1 
ATOM   1079 C  CA  . ALA A 1 138 ? 1.406   11.167  -13.521 1.00 26.24 ? 136 ALA A CA  1 
ATOM   1080 C  C   . ALA A 1 138 ? 0.665   12.344  -12.887 1.00 26.78 ? 136 ALA A C   1 
ATOM   1081 O  O   . ALA A 1 138 ? -0.107  13.037  -13.568 1.00 28.02 ? 136 ALA A O   1 
ATOM   1082 C  CB  . ALA A 1 138 ? 0.414   10.254  -14.265 1.00 25.68 ? 136 ALA A CB  1 
ATOM   1083 N  N   . GLY A 1 139 ? 0.874   12.585  -11.596 1.00 25.66 ? 137 GLY A N   1 
ATOM   1084 C  CA  . GLY A 1 139 ? 0.310   13.771  -10.964 1.00 25.79 ? 137 GLY A CA  1 
ATOM   1085 C  C   . GLY A 1 139 ? -1.107  13.567  -10.478 1.00 25.66 ? 137 GLY A C   1 
ATOM   1086 O  O   . GLY A 1 139 ? -1.856  14.543  -10.240 1.00 26.11 ? 137 GLY A O   1 
ATOM   1087 N  N   . LYS A 1 140 ? -1.515  12.303  -10.360 1.00 24.63 ? 138 LYS A N   1 
ATOM   1088 C  CA  A LYS A 1 140 ? -2.846  12.004  -9.839  0.50 24.43 ? 138 LYS A CA  1 
ATOM   1089 C  CA  B LYS A 1 140 ? -2.842  12.000  -9.841  0.50 24.73 ? 138 LYS A CA  1 
ATOM   1090 C  C   . LYS A 1 140 ? -2.873  12.200  -8.318  1.00 24.66 ? 138 LYS A C   1 
ATOM   1091 O  O   . LYS A 1 140 ? -2.261  11.434  -7.543  1.00 24.51 ? 138 LYS A O   1 
ATOM   1092 C  CB  A LYS A 1 140 ? -3.341  10.609  -10.261 0.50 24.60 ? 138 LYS A CB  1 
ATOM   1093 C  CB  B LYS A 1 140 ? -3.323  10.610  -10.297 0.50 25.12 ? 138 LYS A CB  1 
ATOM   1094 C  CG  A LYS A 1 140 ? -3.513  10.422  -11.788 0.50 24.08 ? 138 LYS A CG  1 
ATOM   1095 C  CG  B LYS A 1 140 ? -3.842  10.641  -11.746 0.50 25.91 ? 138 LYS A CG  1 
ATOM   1096 C  CD  A LYS A 1 140 ? -4.365  11.524  -12.445 0.50 22.97 ? 138 LYS A CD  1 
ATOM   1097 C  CD  B LYS A 1 140 ? -3.577  9.369   -12.546 0.50 27.42 ? 138 LYS A CD  1 
ATOM   1098 C  CE  A LYS A 1 140 ? -4.627  11.241  -13.929 0.50 23.89 ? 138 LYS A CE  1 
ATOM   1099 C  CE  B LYS A 1 140 ? -3.473  9.708   -14.039 0.50 29.76 ? 138 LYS A CE  1 
ATOM   1100 N  NZ  A LYS A 1 140 ? -5.787  12.017  -14.535 0.50 22.47 ? 138 LYS A NZ  1 
ATOM   1101 N  NZ  B LYS A 1 140 ? -3.135  8.549   -14.925 0.50 29.77 ? 138 LYS A NZ  1 
ATOM   1102 N  N   . ARG A 1 141 ? -3.549  13.267  -7.904  1.00 23.27 ? 139 ARG A N   1 
ATOM   1103 C  CA  . ARG A 1 141 ? -3.640  13.633  -6.510  1.00 23.54 ? 139 ARG A CA  1 
ATOM   1104 C  C   . ARG A 1 141 ? -5.056  14.109  -6.296  1.00 22.20 ? 139 ARG A C   1 
ATOM   1105 O  O   . ARG A 1 141 ? -5.476  15.062  -6.949  1.00 22.68 ? 139 ARG A O   1 
ATOM   1106 C  CB  . ARG A 1 141 ? -2.690  14.795  -6.153  1.00 23.84 ? 139 ARG A CB  1 
ATOM   1107 C  CG  . ARG A 1 141 ? -1.245  14.735  -6.636  1.00 27.83 ? 139 ARG A CG  1 
ATOM   1108 C  CD  . ARG A 1 141 ? -0.386  13.942  -5.682  1.00 31.57 ? 139 ARG A CD  1 
ATOM   1109 N  NE  . ARG A 1 141 ? 1.017   14.008  -6.082  1.00 31.62 ? 139 ARG A NE  1 
ATOM   1110 C  CZ  . ARG A 1 141 ? 1.554   13.234  -7.019  1.00 31.54 ? 139 ARG A CZ  1 
ATOM   1111 N  NH1 . ARG A 1 141 ? 0.803   12.317  -7.624  1.00 28.83 ? 139 ARG A NH1 1 
ATOM   1112 N  NH2 . ARG A 1 141 ? 2.848   13.367  -7.334  1.00 32.39 ? 139 ARG A NH2 1 
ATOM   1113 N  N   . TYR A 1 142 ? -5.777  13.488  -5.361  1.00 18.66 ? 140 TYR A N   1 
ATOM   1114 C  CA  . TYR A 1 142 ? -7.164  13.887  -5.082  1.00 17.77 ? 140 TYR A CA  1 
ATOM   1115 C  C   . TYR A 1 142 ? -7.313  14.102  -3.581  1.00 16.90 ? 140 TYR A C   1 
ATOM   1116 O  O   . TYR A 1 142 ? -6.564  13.496  -2.790  1.00 16.14 ? 140 TYR A O   1 
ATOM   1117 C  CB  . TYR A 1 142 ? -8.098  12.784  -5.552  1.00 18.31 ? 140 TYR A CB  1 
ATOM   1118 C  CG  . TYR A 1 142 ? -7.862  12.423  -7.007  1.00 18.21 ? 140 TYR A CG  1 
ATOM   1119 C  CD1 . TYR A 1 142 ? -8.370  13.235  -8.041  1.00 20.49 ? 140 TYR A CD1 1 
ATOM   1120 C  CD2 . TYR A 1 142 ? -7.140  11.264  -7.354  1.00 16.37 ? 140 TYR A CD2 1 
ATOM   1121 C  CE1 . TYR A 1 142 ? -8.168  12.903  -9.382  1.00 20.90 ? 140 TYR A CE1 1 
ATOM   1122 C  CE2 . TYR A 1 142 ? -6.937  10.908  -8.719  1.00 16.65 ? 140 TYR A CE2 1 
ATOM   1123 C  CZ  . TYR A 1 142 ? -7.467  11.753  -9.713  1.00 19.67 ? 140 TYR A CZ  1 
ATOM   1124 O  OH  . TYR A 1 142 ? -7.299  11.448  -11.044 1.00 22.03 ? 140 TYR A OH  1 
ATOM   1125 N  N   . PRO A 1 143 ? -8.221  15.011  -3.169  1.00 16.39 ? 141 PRO A N   1 
ATOM   1126 C  CA  . PRO A 1 143 ? -8.336  15.365  -1.751  1.00 15.88 ? 141 PRO A CA  1 
ATOM   1127 C  C   . PRO A 1 143 ? -8.787  14.209  -0.889  1.00 15.11 ? 141 PRO A C   1 
ATOM   1128 O  O   . PRO A 1 143 ? -9.659  13.434  -1.311  1.00 16.60 ? 141 PRO A O   1 
ATOM   1129 C  CB  . PRO A 1 143 ? -9.395  16.487  -1.748  1.00 16.80 ? 141 PRO A CB  1 
ATOM   1130 C  CG  . PRO A 1 143 ? -9.353  17.042  -3.148  1.00 17.89 ? 141 PRO A CG  1 
ATOM   1131 C  CD  . PRO A 1 143 ? -9.117  15.834  -4.021  1.00 17.05 ? 141 PRO A CD  1 
ATOM   1132 N  N   . LEU A 1 144 ? -8.213  14.105  0.300   1.00 15.12 ? 142 LEU A N   1 
ATOM   1133 C  CA  . LEU A 1 144 ? -8.644  13.043  1.249   1.00 14.84 ? 142 LEU A CA  1 
ATOM   1134 C  C   . LEU A 1 144 ? -10.139 13.130  1.586   1.00 15.13 ? 142 LEU A C   1 
ATOM   1135 O  O   . LEU A 1 144 ? -10.796 12.099  1.864   1.00 16.20 ? 142 LEU A O   1 
ATOM   1136 C  CB  . LEU A 1 144 ? -7.876  13.138  2.555   1.00 13.49 ? 142 LEU A CB  1 
ATOM   1137 C  CG  . LEU A 1 144 ? -6.374  12.896  2.346   1.00 13.87 ? 142 LEU A CG  1 
ATOM   1138 C  CD1 . LEU A 1 144 ? -5.639  13.239  3.641   1.00 17.40 ? 142 LEU A CD1 1 
ATOM   1139 C  CD2 . LEU A 1 144 ? -6.089  11.435  1.897   1.00 17.04 ? 142 LEU A CD2 1 
ATOM   1140 N  N   . ASP A 1 145 ? -10.653 14.349  1.567   1.00 15.24 ? 143 ASP A N   1 
ATOM   1141 C  CA  . ASP A 1 145 ? -12.039 14.550  2.002   1.00 16.38 ? 143 ASP A CA  1 
ATOM   1142 C  C   . ASP A 1 145 ? -13.105 14.171  0.961   1.00 15.95 ? 143 ASP A C   1 
ATOM   1143 O  O   . ASP A 1 145 ? -14.312 14.394  1.178   1.00 16.04 ? 143 ASP A O   1 
ATOM   1144 C  CB  . ASP A 1 145 ? -12.218 15.919  2.684   1.00 17.66 ? 143 ASP A CB  1 
ATOM   1145 C  CG  . ASP A 1 145 ? -12.305 17.042  1.727   1.00 22.63 ? 143 ASP A CG  1 
ATOM   1146 O  OD1 . ASP A 1 145 ? -11.955 16.873  0.547   1.00 28.35 ? 143 ASP A OD1 1 
ATOM   1147 O  OD2 . ASP A 1 145 ? -12.766 18.133  2.168   1.00 30.57 ? 143 ASP A OD2 1 
ATOM   1148 N  N   . ILE A 1 146 ? -12.667 13.559  -0.151  1.00 14.74 ? 144 ILE A N   1 
ATOM   1149 C  CA  . ILE A 1 146 ? -13.586 12.774  -0.968  1.00 14.34 ? 144 ILE A CA  1 
ATOM   1150 C  C   . ILE A 1 146 ? -14.302 11.729  -0.093  1.00 13.67 ? 144 ILE A C   1 
ATOM   1151 O  O   . ILE A 1 146 ? -15.515 11.438  -0.297  1.00 14.09 ? 144 ILE A O   1 
ATOM   1152 C  CB  . ILE A 1 146 ? -12.842 12.059  -2.117  1.00 15.74 ? 144 ILE A CB  1 
ATOM   1153 C  CG1 . ILE A 1 146 ? -12.491 13.082  -3.179  1.00 19.54 ? 144 ILE A CG1 1 
ATOM   1154 C  CG2 . ILE A 1 146 ? -13.780 11.048  -2.762  1.00 16.89 ? 144 ILE A CG2 1 
ATOM   1155 C  CD1 . ILE A 1 146 ? -11.541 12.601  -4.273  1.00 21.14 ? 144 ILE A CD1 1 
ATOM   1156 N  N   . LEU A 1 147 ? -13.562 11.191  0.875   1.00 13.47 ? 145 LEU A N   1 
ATOM   1157 C  CA  A LEU A 1 147 ? -14.057 10.119  1.739   0.50 13.60 ? 145 LEU A CA  1 
ATOM   1158 C  CA  B LEU A 1 147 ? -14.091 10.117  1.724   0.50 13.86 ? 145 LEU A CA  1 
ATOM   1159 C  C   . LEU A 1 147 ? -14.709 10.740  2.946   1.00 13.63 ? 145 LEU A C   1 
ATOM   1160 O  O   . LEU A 1 147 ? -14.114 11.648  3.542   1.00 14.56 ? 145 LEU A O   1 
ATOM   1161 C  CB  A LEU A 1 147 ? -12.872 9.269   2.209   0.50 13.14 ? 145 LEU A CB  1 
ATOM   1162 C  CB  B LEU A 1 147 ? -12.967 9.161   2.146   0.50 13.91 ? 145 LEU A CB  1 
ATOM   1163 C  CG  A LEU A 1 147 ? -12.415 8.171   1.251   0.50 14.35 ? 145 LEU A CG  1 
ATOM   1164 C  CG  B LEU A 1 147 ? -12.509 8.156   1.080   0.50 15.72 ? 145 LEU A CG  1 
ATOM   1165 C  CD1 A LEU A 1 147 ? -11.022 7.684   1.670   0.50 15.12 ? 145 LEU A CD1 1 
ATOM   1166 C  CD1 B LEU A 1 147 ? -11.747 8.871   -0.005  0.50 19.73 ? 145 LEU A CD1 1 
ATOM   1167 C  CD2 A LEU A 1 147 ? -13.446 7.054   1.306   0.50 12.90 ? 145 LEU A CD2 1 
ATOM   1168 C  CD2 B LEU A 1 147 ? -11.640 7.057   1.708   0.50 17.07 ? 145 LEU A CD2 1 
ATOM   1169 N  N   . GLN A 1 148 ? -15.902 10.269  3.298   1.00 12.78 ? 146 GLN A N   1 
ATOM   1170 C  CA  . GLN A 1 148 ? -16.564 10.730  4.535   1.00 12.44 ? 146 GLN A CA  1 
ATOM   1171 C  C   . GLN A 1 148 ? -16.823 9.518   5.382   1.00 13.38 ? 146 GLN A C   1 
ATOM   1172 O  O   . GLN A 1 148 ? -17.599 8.651   4.959   1.00 13.59 ? 146 GLN A O   1 
ATOM   1173 C  CB  . GLN A 1 148 ? -17.892 11.427  4.231   1.00 13.56 ? 146 GLN A CB  1 
ATOM   1174 C  CG  . GLN A 1 148 ? -18.558 11.901  5.565   1.00 13.55 ? 146 GLN A CG  1 
ATOM   1175 C  CD  . GLN A 1 148 ? -17.728 12.944  6.282   1.00 16.14 ? 146 GLN A CD  1 
ATOM   1176 O  OE1 . GLN A 1 148 ? -17.507 14.038  5.760   1.00 17.80 ? 146 GLN A OE1 1 
ATOM   1177 N  NE2 . GLN A 1 148 ? -17.225 12.603  7.476   1.00 14.63 ? 146 GLN A NE2 1 
ATOM   1178 N  N   . TYR A 1 149 ? -16.211 9.466   6.561   1.00 12.12 ? 147 TYR A N   1 
ATOM   1179 C  CA  . TYR A 1 149 ? -16.366 8.325   7.461   1.00 12.93 ? 147 TYR A CA  1 
ATOM   1180 C  C   . TYR A 1 149 ? -17.334 8.708   8.563   1.00 14.68 ? 147 TYR A C   1 
ATOM   1181 O  O   . TYR A 1 149 ? -17.318 9.828   9.048   1.00 16.09 ? 147 TYR A O   1 
ATOM   1182 C  CB  . TYR A 1 149 ? -15.014 8.001   8.099   1.00 13.56 ? 147 TYR A CB  1 
ATOM   1183 C  CG  . TYR A 1 149 ? -15.027 6.854   9.078   1.00 13.46 ? 147 TYR A CG  1 
ATOM   1184 C  CD1 . TYR A 1 149 ? -15.458 5.586   8.696   1.00 16.49 ? 147 TYR A CD1 1 
ATOM   1185 C  CD2 . TYR A 1 149 ? -14.571 7.037   10.411  1.00 12.79 ? 147 TYR A CD2 1 
ATOM   1186 C  CE1 . TYR A 1 149 ? -15.450 4.521   9.607   1.00 15.72 ? 147 TYR A CE1 1 
ATOM   1187 C  CE2 . TYR A 1 149 ? -14.548 5.964   11.316  1.00 13.59 ? 147 TYR A CE2 1 
ATOM   1188 C  CZ  . TYR A 1 149 ? -14.984 4.734   10.916  1.00 15.44 ? 147 TYR A CZ  1 
ATOM   1189 O  OH  . TYR A 1 149 ? -14.966 3.685   11.809  1.00 18.41 ? 147 TYR A OH  1 
ATOM   1190 N  N   . TYR A 1 150 ? -18.197 7.762   8.931   1.00 14.58 ? 148 TYR A N   1 
ATOM   1191 C  CA  . TYR A 1 150 ? -19.121 7.956   10.062  1.00 16.76 ? 148 TYR A CA  1 
ATOM   1192 C  C   . TYR A 1 150 ? -18.826 6.870   11.056  1.00 19.80 ? 148 TYR A C   1 
ATOM   1193 O  O   . TYR A 1 150 ? -19.027 5.682   10.793  1.00 18.13 ? 148 TYR A O   1 
ATOM   1194 C  CB  . TYR A 1 150 ? -20.566 7.812   9.608   1.00 16.93 ? 148 TYR A CB  1 
ATOM   1195 C  CG  . TYR A 1 150 ? -21.049 8.901   8.691   1.00 17.87 ? 148 TYR A CG  1 
ATOM   1196 C  CD1 . TYR A 1 150 ? -21.763 9.992   9.191   1.00 21.24 ? 148 TYR A CD1 1 
ATOM   1197 C  CD2 . TYR A 1 150 ? -20.813 8.843   7.315   1.00 19.94 ? 148 TYR A CD2 1 
ATOM   1198 C  CE1 . TYR A 1 150 ? -22.216 10.983  8.349   1.00 19.86 ? 148 TYR A CE1 1 
ATOM   1199 C  CE2 . TYR A 1 150 ? -21.275 9.818   6.486   1.00 18.85 ? 148 TYR A CE2 1 
ATOM   1200 C  CZ  . TYR A 1 150 ? -21.960 10.887  7.000   1.00 21.70 ? 148 TYR A CZ  1 
ATOM   1201 O  OH  . TYR A 1 150 ? -22.418 11.839  6.133   1.00 23.22 ? 148 TYR A OH  1 
ATOM   1202 N  N   . ASP A 1 151 ? -18.359 7.295   12.218  1.00 22.72 ? 149 ASP A N   1 
ATOM   1203 C  CA  . ASP A 1 151 ? -17.887 6.389   13.236  1.00 26.41 ? 149 ASP A CA  1 
ATOM   1204 C  C   . ASP A 1 151 ? -19.037 5.797   14.077  1.00 28.30 ? 149 ASP A C   1 
ATOM   1205 O  O   . ASP A 1 151 ? -18.819 4.856   14.835  1.00 29.62 ? 149 ASP A O   1 
ATOM   1206 C  CB  . ASP A 1 151 ? -16.897 7.149   14.110  1.00 26.72 ? 149 ASP A CB  1 
ATOM   1207 C  CG  . ASP A 1 151 ? -17.410 8.551   14.505  1.00 29.70 ? 149 ASP A CG  1 
ATOM   1208 O  OD1 . ASP A 1 151 ? -16.568 9.459   14.660  1.00 33.46 ? 149 ASP A OD1 1 
ATOM   1209 O  OD2 . ASP A 1 151 ? -18.645 8.755   14.669  1.00 29.24 ? 149 ASP A OD2 1 
ATOM   1210 N  N   . GLY A 1 152 ? -20.241 6.355   13.939  1.00 29.13 ? 150 GLY A N   1 
ATOM   1211 C  CA  . GLY A 1 152 ? -21.438 5.835   14.600  1.00 31.55 ? 150 GLY A CA  1 
ATOM   1212 C  C   . GLY A 1 152 ? -21.783 6.543   15.911  1.00 33.41 ? 150 GLY A C   1 
ATOM   1213 O  O   . GLY A 1 152 ? -22.558 6.017   16.722  1.00 33.57 ? 150 GLY A O   1 
ATOM   1214 N  N   . SER A 1 153 ? -21.225 7.743   16.100  1.00 34.25 ? 151 SER A N   1 
ATOM   1215 C  CA  . SER A 1 153 ? -21.356 8.509   17.357  1.00 35.31 ? 151 SER A CA  1 
ATOM   1216 C  C   . SER A 1 153 ? -22.804 8.751   17.787  1.00 36.04 ? 151 SER A C   1 
ATOM   1217 O  O   . SER A 1 153 ? -23.635 9.176   16.981  1.00 36.71 ? 151 SER A O   1 
ATOM   1218 C  CB  . SER A 1 153 ? -20.595 9.844   17.259  1.00 34.92 ? 151 SER A CB  1 
ATOM   1219 O  OG  . SER A 1 153 ? -19.208 9.588   17.064  1.00 35.89 ? 151 SER A OG  1 
ATOM   1220 O  OXT . SER A 1 153 ? -23.167 8.527   18.946  1.00 36.32 ? 151 SER A OXT 1 
HETATM 1221 CL CL  . CL  B 2 .   ? -14.962 0.558   -10.797 1.00 14.63 ? 202 CL  A CL  1 
HETATM 1222 NA NA  . NA  C 3 .   ? -15.586 15.391  5.817   1.00 22.02 ? 203 NA  A NA  1 
HETATM 1223 C  C1  . EDO D 4 .   ? -0.359  -7.008  2.996   1.00 29.61 ? 201 EDO A C1  1 
HETATM 1224 O  O1  . EDO D 4 .   ? -0.621  -7.000  1.556   1.00 34.02 ? 201 EDO A O1  1 
HETATM 1225 C  C2  . EDO D 4 .   ? -1.529  -7.445  3.906   1.00 33.70 ? 201 EDO A C2  1 
HETATM 1226 O  O2  . EDO D 4 .   ? -1.486  -6.907  5.267   1.00 33.80 ? 201 EDO A O2  1 
HETATM 1227 O  O   . HOH E 5 .   ? 16.399  -3.786  -6.161  1.00 13.83 ? 204 HOH A O   1 
HETATM 1228 O  O   . HOH E 5 .   ? -10.025 9.368   9.085   1.00 12.33 ? 205 HOH A O   1 
HETATM 1229 O  O   . HOH E 5 .   ? -10.907 5.091   12.206  1.00 14.60 ? 206 HOH A O   1 
HETATM 1230 O  O   . HOH E 5 .   ? 16.345  0.857   2.154   1.00 13.80 ? 207 HOH A O   1 
HETATM 1231 O  O   . HOH E 5 .   ? 1.011   5.113   10.627  1.00 16.70 ? 208 HOH A O   1 
HETATM 1232 O  O   . HOH E 5 .   ? 12.430  -4.140  7.307   1.00 17.35 ? 209 HOH A O   1 
HETATM 1233 O  O   . HOH E 5 .   ? -21.861 9.072   12.834  1.00 17.69 ? 210 HOH A O   1 
HETATM 1234 O  O   . HOH E 5 .   ? -14.139 11.332  7.251   1.00 17.03 ? 211 HOH A O   1 
HETATM 1235 O  O   . HOH E 5 .   ? 5.100   3.021   -1.423  1.00 13.05 ? 212 HOH A O   1 
HETATM 1236 O  O   . HOH E 5 .   ? -11.210 7.562   5.344   1.00 15.44 ? 213 HOH A O   1 
HETATM 1237 O  O   . HOH E 5 .   ? -2.037  5.418   -7.317  1.00 16.93 ? 214 HOH A O   1 
HETATM 1238 O  O   . HOH E 5 .   ? -6.021  16.060  0.693   1.00 20.62 ? 215 HOH A O   1 
HETATM 1239 O  O   . HOH E 5 .   ? -13.888 -0.353  8.815   1.00 20.15 ? 216 HOH A O   1 
HETATM 1240 O  O   . HOH E 5 .   ? 5.098   -1.767  13.602  1.00 21.79 ? 217 HOH A O   1 
HETATM 1241 O  O   . HOH E 5 .   ? 10.472  -1.622  12.552  1.00 16.77 ? 218 HOH A O   1 
HETATM 1242 O  O   . HOH E 5 .   ? 4.753   2.896   -4.206  1.00 14.80 ? 219 HOH A O   1 
HETATM 1243 O  O   . HOH E 5 .   ? 17.487  2.768   -2.390  1.00 17.44 ? 220 HOH A O   1 
HETATM 1244 O  O   . HOH E 5 .   ? 2.945   -4.303  -10.994 1.00 17.50 ? 221 HOH A O   1 
HETATM 1245 O  O   . HOH E 5 .   ? 1.839   13.079  -1.269  1.00 22.56 ? 222 HOH A O   1 
HETATM 1246 O  O   . HOH E 5 .   ? 1.819   -5.327  1.386   1.00 18.54 ? 223 HOH A O   1 
HETATM 1247 O  O   . HOH E 5 .   ? -6.929  2.015   12.446  1.00 23.29 ? 224 HOH A O   1 
HETATM 1248 O  O   . HOH E 5 .   ? -10.006 -7.894  -13.344 1.00 25.42 ? 225 HOH A O   1 
HETATM 1249 O  O   . HOH E 5 .   ? 11.358  -1.662  8.391   1.00 15.29 ? 226 HOH A O   1 
HETATM 1250 O  O   . HOH E 5 .   ? 12.766  -0.135  6.805   1.00 28.46 ? 227 HOH A O   1 
HETATM 1251 O  O   . HOH E 5 .   ? 3.062   -5.599  13.105  1.00 23.99 ? 228 HOH A O   1 
HETATM 1252 O  O   . HOH E 5 .   ? -13.906 13.502  5.476   1.00 20.61 ? 229 HOH A O   1 
HETATM 1253 O  O   . HOH E 5 .   ? 12.302  -2.652  10.882  1.00 15.79 ? 230 HOH A O   1 
HETATM 1254 O  O   . HOH E 5 .   ? -11.700 10.008  6.663   1.00 17.94 ? 231 HOH A O   1 
HETATM 1255 O  O   . HOH E 5 .   ? -12.968 4.111   13.954  1.00 22.46 ? 232 HOH A O   1 
HETATM 1256 O  O   . HOH E 5 .   ? -3.129  8.558   10.184  1.00 19.81 ? 233 HOH A O   1 
HETATM 1257 O  O   . HOH E 5 .   ? -15.400 14.830  8.285   1.00 17.61 ? 234 HOH A O   1 
HETATM 1258 O  O   . HOH E 5 .   ? -17.759 12.624  0.884   1.00 21.00 ? 235 HOH A O   1 
HETATM 1259 O  O   . HOH E 5 .   ? 4.707   10.138  -1.193  1.00 23.11 ? 236 HOH A O   1 
HETATM 1260 O  O   . HOH E 5 .   ? 11.066  -8.820  -13.615 1.00 24.44 ? 237 HOH A O   1 
HETATM 1261 O  O   . HOH E 5 .   ? -8.994  16.887  2.097   1.00 26.33 ? 238 HOH A O   1 
HETATM 1262 O  O   . HOH E 5 .   ? -20.279 -5.031  -2.289  1.00 26.64 ? 239 HOH A O   1 
HETATM 1263 O  O   . HOH E 5 .   ? -24.256 13.456  7.371   1.00 24.44 ? 240 HOH A O   1 
HETATM 1264 O  O   . HOH E 5 .   ? 4.333   -12.032 -9.379  1.00 26.61 ? 241 HOH A O   1 
HETATM 1265 O  O   . HOH E 5 .   ? -16.760 1.618   11.328  1.00 28.25 ? 242 HOH A O   1 
HETATM 1266 O  O   . HOH E 5 .   ? -15.712 15.261  3.347   1.00 25.69 ? 243 HOH A O   1 
HETATM 1267 O  O   . HOH E 5 .   ? -4.547  -7.672  5.280   1.00 27.58 ? 244 HOH A O   1 
HETATM 1268 O  O   . HOH E 5 .   ? -5.716  -5.823  7.668   1.00 27.27 ? 245 HOH A O   1 
HETATM 1269 O  O   . HOH E 5 .   ? 15.515  -4.184  13.450  1.00 24.50 ? 246 HOH A O   1 
HETATM 1270 O  O   . HOH E 5 .   ? -5.288  7.351   -10.391 1.00 24.73 ? 247 HOH A O   1 
HETATM 1271 O  O   . HOH E 5 .   ? 8.184   10.872  3.440   1.00 25.98 ? 248 HOH A O   1 
HETATM 1272 O  O   . HOH E 5 .   ? -14.327 4.870   16.215  1.00 31.96 ? 249 HOH A O   1 
HETATM 1273 O  O   . HOH E 5 .   ? 0.551   -8.018  6.434   1.00 28.92 ? 250 HOH A O   1 
HETATM 1274 O  O   . HOH E 5 .   ? 3.687   -0.818  15.772  1.00 28.54 ? 251 HOH A O   1 
HETATM 1275 O  O   . HOH E 5 .   ? 15.919  4.844   -11.101 1.00 34.94 ? 252 HOH A O   1 
HETATM 1276 O  O   . HOH E 5 .   ? 0.605   -2.535  -14.298 1.00 26.84 ? 253 HOH A O   1 
HETATM 1277 O  O   . HOH E 5 .   ? -4.535  -4.409  -2.470  1.00 26.08 ? 254 HOH A O   1 
HETATM 1278 O  O   . HOH E 5 .   ? 12.710  -5.232  11.287  1.00 26.20 ? 255 HOH A O   1 
HETATM 1279 O  O   . HOH E 5 .   ? -5.925  4.805   -12.848 1.00 27.79 ? 256 HOH A O   1 
HETATM 1280 O  O   . HOH E 5 .   ? -3.961  -6.085  0.155   1.00 28.32 ? 257 HOH A O   1 
HETATM 1281 O  O   . HOH E 5 .   ? -8.125  -1.875  12.753  1.00 33.66 ? 258 HOH A O   1 
HETATM 1282 O  O   . HOH E 5 .   ? -10.363 -1.637  14.070  1.00 29.94 ? 259 HOH A O   1 
HETATM 1283 O  O   . HOH E 5 .   ? 15.095  -3.434  7.463   1.00 21.70 ? 260 HOH A O   1 
HETATM 1284 O  O   . HOH E 5 .   ? 3.917   -18.359 3.801   1.00 31.05 ? 261 HOH A O   1 
HETATM 1285 O  O   . HOH E 5 .   ? -13.826 16.938  5.894   1.00 26.78 ? 262 HOH A O   1 
HETATM 1286 O  O   . HOH E 5 .   ? -6.664  9.033   -11.974 1.00 26.21 ? 263 HOH A O   1 
HETATM 1287 O  O   . HOH E 5 .   ? -12.388 18.714  -1.250  1.00 31.46 ? 264 HOH A O   1 
HETATM 1288 O  O   . HOH E 5 .   ? -11.382 12.051  4.798   1.00 26.00 ? 265 HOH A O   1 
HETATM 1289 O  O   . HOH E 5 .   ? -5.644  17.882  -1.266  1.00 23.45 ? 266 HOH A O   1 
HETATM 1290 O  O   . HOH E 5 .   ? -1.346  -5.680  8.758   1.00 31.43 ? 267 HOH A O   1 
HETATM 1291 O  O   . HOH E 5 .   ? 1.793   -10.559 12.326  1.00 31.27 ? 268 HOH A O   1 
HETATM 1292 O  O   . HOH E 5 .   ? -6.569  10.306  9.597   0.50 25.20 ? 269 HOH A O   1 
HETATM 1293 O  O   . HOH E 5 .   ? 11.326  -15.948 -3.927  1.00 31.81 ? 270 HOH A O   1 
HETATM 1294 O  O   . HOH E 5 .   ? -8.161  -11.653 -0.396  1.00 42.77 ? 271 HOH A O   1 
HETATM 1295 O  O   . HOH E 5 .   ? -0.816  6.742   -15.353 1.00 36.62 ? 272 HOH A O   1 
HETATM 1296 O  O   . HOH E 5 .   ? 11.777  8.390   14.017  1.00 29.92 ? 273 HOH A O   1 
HETATM 1297 O  O   . HOH E 5 .   ? 12.643  -6.593  8.361   1.00 27.25 ? 274 HOH A O   1 
HETATM 1298 O  O   . HOH E 5 .   ? 14.489  1.076   19.621  1.00 45.03 ? 275 HOH A O   1 
HETATM 1299 O  O   . HOH E 5 .   ? 4.377   -16.299 -2.501  1.00 32.09 ? 276 HOH A O   1 
HETATM 1300 O  O   . HOH E 5 .   ? 16.736  -8.452  6.118   1.00 35.71 ? 277 HOH A O   1 
HETATM 1301 O  O   . HOH E 5 .   ? -14.330 -11.291 -4.210  1.00 32.56 ? 278 HOH A O   1 
HETATM 1302 O  O   . HOH E 5 .   ? -5.520  17.323  -4.182  1.00 31.20 ? 279 HOH A O   1 
HETATM 1303 O  O   . HOH E 5 .   ? -1.996  -5.961  -1.878  1.00 29.44 ? 280 HOH A O   1 
HETATM 1304 O  O   . HOH E 5 .   ? 0.858   15.400  -2.807  1.00 37.65 ? 281 HOH A O   1 
HETATM 1305 O  O   . HOH E 5 .   ? 6.032   3.180   18.767  1.00 35.12 ? 282 HOH A O   1 
HETATM 1306 O  O   . HOH E 5 .   ? -0.476  -5.373  -5.105  1.00 27.11 ? 283 HOH A O   1 
HETATM 1307 O  O   . HOH E 5 .   ? 2.439   -9.663  6.006   1.00 35.21 ? 284 HOH A O   1 
HETATM 1308 O  O   . HOH E 5 .   ? 8.142   -9.919  9.575   1.00 25.29 ? 285 HOH A O   1 
HETATM 1309 O  O   . HOH E 5 .   ? 18.599  1.600   -9.221  1.00 39.40 ? 286 HOH A O   1 
HETATM 1310 O  O   . HOH E 5 .   ? 15.724  -6.963  -2.564  1.00 43.23 ? 287 HOH A O   1 
HETATM 1311 O  O   . HOH E 5 .   ? -17.133 -1.721  10.908  1.00 32.38 ? 288 HOH A O   1 
HETATM 1312 O  O   . HOH E 5 .   ? -10.886 -6.329  2.652   1.00 43.71 ? 289 HOH A O   1 
HETATM 1313 O  O   . HOH E 5 .   ? -1.211  16.943  -9.786  1.00 36.21 ? 290 HOH A O   1 
HETATM 1314 O  O   . HOH E 5 .   ? 11.248  -5.294  14.189  1.00 40.84 ? 291 HOH A O   1 
HETATM 1315 O  O   . HOH E 5 .   ? -6.078  -0.019  14.673  1.00 36.05 ? 292 HOH A O   1 
HETATM 1316 O  O   . HOH E 5 .   ? 14.507  6.631   13.881  1.00 28.12 ? 293 HOH A O   1 
HETATM 1317 O  O   . HOH E 5 .   ? -15.612 -5.921  8.072   1.00 38.72 ? 294 HOH A O   1 
HETATM 1318 O  O   . HOH E 5 .   ? 13.050  6.587   -9.194  1.00 32.77 ? 295 HOH A O   1 
HETATM 1319 O  O   . HOH E 5 .   ? 3.196   -4.778  -13.748 1.00 36.25 ? 296 HOH A O   1 
HETATM 1320 O  O   . HOH E 5 .   ? 19.334  1.464   -13.844 1.00 37.90 ? 297 HOH A O   1 
HETATM 1321 O  O   . HOH E 5 .   ? 6.253   11.357  14.573  1.00 34.26 ? 298 HOH A O   1 
HETATM 1322 O  O   . HOH E 5 .   ? -0.841  -9.879  7.855   1.00 45.84 ? 299 HOH A O   1 
HETATM 1323 O  O   . HOH E 5 .   ? -4.318  -13.556 -11.509 1.00 50.19 ? 300 HOH A O   1 
HETATM 1324 O  O   . HOH E 5 .   ? -17.393 10.097  11.957  1.00 37.53 ? 301 HOH A O   1 
HETATM 1325 O  O   . HOH E 5 .   ? 15.824  -4.339  -9.350  1.00 28.83 ? 302 HOH A O   1 
HETATM 1326 O  O   . HOH E 5 .   ? -16.582 -6.517  -9.391  1.00 38.87 ? 303 HOH A O   1 
HETATM 1327 O  O   . HOH E 5 .   ? -18.043 -10.711 -5.333  1.00 39.29 ? 304 HOH A O   1 
HETATM 1328 O  O   . HOH E 5 .   ? -13.112 -6.767  -11.614 1.00 33.08 ? 305 HOH A O   1 
HETATM 1329 O  O   . HOH E 5 .   ? 9.487   -7.587  13.324  1.00 37.35 ? 306 HOH A O   1 
HETATM 1330 O  O   . HOH E 5 .   ? -14.490 -4.032  7.254   1.00 42.47 ? 307 HOH A O   1 
HETATM 1331 O  O   . HOH E 5 .   ? -1.442  -13.121 2.161   1.00 37.82 ? 308 HOH A O   1 
HETATM 1332 O  O   . HOH E 5 .   ? 15.446  -2.177  5.183   1.00 31.76 ? 309 HOH A O   1 
HETATM 1333 O  O   . HOH E 5 .   ? -1.310  1.122   3.316   1.00 33.39 ? 310 HOH A O   1 
HETATM 1334 O  O   . HOH E 5 .   ? 1.834   -12.624 -7.037  1.00 36.24 ? 311 HOH A O   1 
HETATM 1335 O  O   . HOH E 5 .   ? 5.182   -20.187 -3.301  1.00 36.90 ? 312 HOH A O   1 
HETATM 1336 O  O   . HOH E 5 .   ? -15.965 17.701  2.489   1.00 41.36 ? 313 HOH A O   1 
HETATM 1337 O  O   . HOH E 5 .   ? 0.829   -20.641 2.273   1.00 42.94 ? 314 HOH A O   1 
HETATM 1338 O  O   . HOH E 5 .   ? -3.188  -8.808  8.090   1.00 43.68 ? 315 HOH A O   1 
HETATM 1339 O  O   . HOH E 5 .   ? 1.832   -9.001  -10.946 1.00 30.88 ? 316 HOH A O   1 
HETATM 1340 O  O   . HOH E 5 .   ? 15.509  -1.111  -15.112 1.00 50.27 ? 317 HOH A O   1 
HETATM 1341 O  O   . HOH E 5 .   ? 3.119   18.240  6.960   1.00 49.07 ? 318 HOH A O   1 
HETATM 1342 O  O   . HOH E 5 .   ? 5.036   -15.922 4.780   1.00 32.29 ? 319 HOH A O   1 
HETATM 1343 O  O   . HOH E 5 .   ? 1.068   17.256  5.325   1.00 30.67 ? 320 HOH A O   1 
HETATM 1344 O  O   . HOH E 5 .   ? -14.948 11.765  9.969   1.00 30.40 ? 321 HOH A O   1 
HETATM 1345 O  O   . HOH E 5 .   ? 9.332   -14.336 -6.562  1.00 37.41 ? 322 HOH A O   1 
HETATM 1346 O  O   . HOH E 5 .   ? -17.897 -8.636  -6.538  1.00 38.58 ? 323 HOH A O   1 
HETATM 1347 O  O   . HOH E 5 .   ? 7.047   13.673  -7.024  1.00 46.82 ? 324 HOH A O   1 
HETATM 1348 O  O   . HOH E 5 .   ? -1.310  -1.416  14.726  1.00 30.87 ? 325 HOH A O   1 
HETATM 1349 O  O   . HOH E 5 .   ? 4.443   14.315  -2.667  1.00 48.36 ? 326 HOH A O   1 
HETATM 1350 O  O   . HOH E 5 .   ? 9.633   12.250  7.146   1.00 27.35 ? 327 HOH A O   1 
HETATM 1351 O  O   . HOH E 5 .   ? 0.826   -11.163 9.208   1.00 36.13 ? 328 HOH A O   1 
HETATM 1352 O  O   . HOH E 5 .   ? -18.910 -3.950  11.294  1.00 39.75 ? 329 HOH A O   1 
HETATM 1353 O  O   . HOH E 5 .   ? 11.849  -13.481 -7.280  1.00 34.68 ? 330 HOH A O   1 
HETATM 1354 O  O   . HOH E 5 .   ? 8.633   13.319  5.236   1.00 32.07 ? 331 HOH A O   1 
HETATM 1355 O  O   . HOH E 5 .   ? 13.652  1.538   -16.179 1.00 36.13 ? 332 HOH A O   1 
HETATM 1356 O  O   . HOH E 5 .   ? 2.224   -10.581 3.169   1.00 39.11 ? 333 HOH A O   1 
HETATM 1357 O  O   . HOH E 5 .   ? -9.735  -7.554  7.335   1.00 40.82 ? 334 HOH A O   1 
HETATM 1358 O  O   . HOH E 5 .   ? 5.421   -3.002  17.814  1.00 37.34 ? 335 HOH A O   1 
HETATM 1359 O  O   . HOH E 5 .   ? 11.052  13.833  -1.979  1.00 40.92 ? 336 HOH A O   1 
HETATM 1360 O  O   . HOH E 5 .   ? -1.350  17.963  -3.270  1.00 48.64 ? 337 HOH A O   1 
HETATM 1361 O  O   . HOH E 5 .   ? -4.312  -9.233  -8.739  1.00 50.22 ? 338 HOH A O   1 
HETATM 1362 O  O   . HOH E 5 .   ? 8.944   14.174  8.941   1.00 38.51 ? 339 HOH A O   1 
HETATM 1363 O  O   . HOH E 5 .   ? 0.781   -13.518 -4.830  1.00 46.59 ? 340 HOH A O   1 
HETATM 1364 O  O   . HOH E 5 .   ? 7.806   -12.871 8.689   1.00 46.83 ? 341 HOH A O   1 
HETATM 1365 O  O   . HOH E 5 .   ? 3.976   -14.856 -10.908 1.00 46.04 ? 342 HOH A O   1 
HETATM 1366 O  O   . HOH E 5 .   ? 4.198   10.812  -15.914 1.00 46.83 ? 343 HOH A O   1 
HETATM 1367 O  O   . HOH E 5 .   ? 16.750  -3.457  15.878  1.00 28.34 ? 344 HOH A O   1 
HETATM 1368 O  O   . HOH E 5 .   ? 15.933  -12.233 0.578   1.00 45.25 ? 345 HOH A O   1 
HETATM 1369 O  O   . HOH E 5 .   ? -9.962  -11.790 -13.315 1.00 53.69 ? 346 HOH A O   1 
HETATM 1370 O  O   . HOH E 5 .   ? 1.401   -4.652  15.016  1.00 40.45 ? 347 HOH A O   1 
HETATM 1371 O  O   . HOH E 5 .   ? -12.981 9.840   11.597  1.00 41.25 ? 348 HOH A O   1 
HETATM 1372 O  O   . HOH E 5 .   ? 11.681  -11.651 -15.283 1.00 45.07 ? 349 HOH A O   1 
HETATM 1373 O  O   . HOH E 5 .   ? -11.274 14.799  6.119   1.00 40.74 ? 350 HOH A O   1 
HETATM 1374 O  O   . HOH E 5 .   ? 3.113   -8.025  14.430  1.00 38.40 ? 351 HOH A O   1 
HETATM 1375 O  O   . HOH E 5 .   ? -12.003 -14.112 -12.552 1.00 47.59 ? 352 HOH A O   1 
HETATM 1376 O  O   . HOH E 5 .   ? 4.615   -16.985 -7.420  1.00 39.14 ? 353 HOH A O   1 
HETATM 1377 O  O   . HOH E 5 .   ? 11.345  -6.159  -15.439 1.00 37.59 ? 354 HOH A O   1 
HETATM 1378 O  O   . HOH E 5 .   ? 8.408   7.074   -10.447 1.00 38.35 ? 355 HOH A O   1 
HETATM 1379 O  O   . HOH E 5 .   ? 7.429   13.117  -2.145  1.00 49.18 ? 356 HOH A O   1 
HETATM 1380 O  O   . HOH E 5 .   ? -23.594 6.823   12.019  1.00 35.63 ? 357 HOH A O   1 
HETATM 1381 O  O   . HOH E 5 .   ? 3.626   8.070   -14.755 1.00 45.45 ? 358 HOH A O   1 
HETATM 1382 O  O   . HOH E 5 .   ? 6.562   5.785   -13.082 1.00 35.62 ? 359 HOH A O   1 
HETATM 1383 O  O   . HOH E 5 .   ? 8.952   4.176   18.977  1.00 47.87 ? 360 HOH A O   1 
HETATM 1384 O  O   . HOH E 5 .   ? -24.797 7.905   8.932   1.00 44.81 ? 361 HOH A O   1 
HETATM 1385 O  O   . HOH E 5 .   ? 14.307  5.055   16.344  1.00 46.70 ? 362 HOH A O   1 
HETATM 1386 O  O   . HOH E 5 .   ? -5.209  -7.417  -3.289  1.00 48.04 ? 363 HOH A O   1 
HETATM 1387 O  O   . HOH E 5 .   ? 7.100   10.122  -8.888  1.00 40.85 ? 364 HOH A O   1 
HETATM 1388 O  O   . HOH E 5 .   ? 8.027   -5.011  19.393  1.00 74.18 ? 365 HOH A O   1 
HETATM 1389 O  O   . HOH E 5 .   ? 12.937  9.022   12.376  1.00 37.84 ? 366 HOH A O   1 
HETATM 1390 O  O   . HOH E 5 .   ? -9.885  16.684  -7.523  0.50 18.05 ? 367 HOH A O   1 
# 
